data_2VU2
#
_entry.id   2VU2
#
_cell.length_a   84.320
_cell.length_b   79.150
_cell.length_c   150.790
_cell.angle_alpha   90.00
_cell.angle_beta   92.92
_cell.angle_gamma   90.00
#
_symmetry.space_group_name_H-M   'P 1 21 1'
#
loop_
_entity.id
_entity.type
_entity.pdbx_description
1 polymer 'ACETYL-COA ACETYLTRANSFERASE'
2 non-polymer '(3R)-3-hydroxy-2,2-dimethyl-4-oxo-4-({3-oxo-3-[(2-sulfanylethyl)amino]propyl}amino)butyl 2,2-dimethylpropanoate'
3 non-polymer 'SULFATE ION'
4 water water
#
_entity_poly.entity_id   1
_entity_poly.type   'polypeptide(L)'
_entity_poly.pdbx_seq_one_letter_code
;STPSIVIASAARTAVGSFNGAFANTPAHELGATVISAVLERAGVAAGEVNEVILGQVLPAGEGQNPARQAAMKAGVPQEA
TAWGMNQLCGSGLRAVALGMQQIATGDASIIVAGGMESMSMAPHCAHLRGGVKMGDFKMIDTMIKDGLTDAFYGYHMGTT
AENVAKQWQLSRDEQDAFAVASQNKAEAAQKDGRFKDEIVPFIVKGRKGDITVDADEYIRHGATLDSMAKLRPAFDKEGT
VTAGNASGLNDGAAAALLMSEAEASRRGIQPLGRIVSWATVGVDPKVMGTGPIPASRKALERAGWKIGDLDLVEANEAFA
AQACAVNKDLGWDPSIVNVNGGAIAIGHPIGASGARILNTLLFEMKRRGARKGLATLCIGGGMGVAMCIESL
;
_entity_poly.pdbx_strand_id   A,B,C,D
#
# COMPACT_ATOMS: atom_id res chain seq x y z
N SER A 4 -2.27 36.16 -37.20
CA SER A 4 -2.82 36.84 -35.98
C SER A 4 -1.99 36.44 -34.79
N ILE A 5 -1.97 35.14 -34.49
CA ILE A 5 -1.21 34.60 -33.36
C ILE A 5 -0.15 33.67 -33.90
N VAL A 6 1.05 33.74 -33.30
CA VAL A 6 2.20 32.97 -33.78
C VAL A 6 2.86 32.15 -32.67
N ILE A 7 3.66 31.17 -33.06
CA ILE A 7 4.62 30.54 -32.15
C ILE A 7 6.01 31.18 -32.35
N ALA A 8 6.37 32.10 -31.44
CA ALA A 8 7.70 32.77 -31.42
C ALA A 8 8.87 31.80 -31.17
N SER A 9 8.67 30.84 -30.27
CA SER A 9 9.71 29.86 -29.98
C SER A 9 9.12 28.53 -29.51
N ALA A 10 9.93 27.47 -29.52
CA ALA A 10 9.49 26.19 -29.01
C ALA A 10 10.66 25.41 -28.43
N ALA A 11 10.35 24.39 -27.61
CA ALA A 11 11.36 23.54 -27.02
C ALA A 11 10.76 22.27 -26.40
N ARG A 12 11.54 21.19 -26.37
CA ARG A 12 11.09 19.98 -25.73
C ARG A 12 12.27 19.24 -25.18
N THR A 13 12.07 18.57 -24.07
CA THR A 13 13.06 17.61 -23.58
C THR A 13 13.20 16.36 -24.48
N ALA A 14 14.35 15.72 -24.41
CA ALA A 14 14.45 14.33 -24.79
C ALA A 14 13.23 13.63 -24.22
N VAL A 15 12.68 12.70 -24.97
CA VAL A 15 11.62 11.84 -24.48
C VAL A 15 12.32 10.62 -23.91
N GLY A 16 12.17 10.37 -22.62
CA GLY A 16 12.83 9.24 -21.95
C GLY A 16 11.97 8.00 -21.82
N SER A 17 12.62 6.84 -21.70
CA SER A 17 11.94 5.56 -21.63
C SER A 17 11.25 5.33 -20.30
N PHE A 18 10.40 4.33 -20.27
CA PHE A 18 9.67 4.03 -19.08
C PHE A 18 10.70 3.63 -18.05
N ASN A 19 10.70 4.34 -16.94
CA ASN A 19 11.65 4.14 -15.86
C ASN A 19 13.06 4.20 -16.39
N GLY A 20 13.25 5.13 -17.33
CA GLY A 20 14.55 5.32 -17.94
C GLY A 20 15.24 6.50 -17.29
N ALA A 21 15.64 7.45 -18.11
CA ALA A 21 16.48 8.55 -17.67
C ALA A 21 15.77 9.44 -16.64
N PHE A 22 14.44 9.58 -16.79
CA PHE A 22 13.62 10.39 -15.88
C PHE A 22 12.77 9.55 -14.90
N ALA A 23 13.13 8.30 -14.71
CA ALA A 23 12.39 7.39 -13.80
C ALA A 23 11.89 8.07 -12.51
N ASN A 24 12.72 8.94 -11.95
CA ASN A 24 12.42 9.61 -10.70
C ASN A 24 12.28 11.12 -10.80
N THR A 25 12.03 11.66 -12.00
CA THR A 25 11.95 13.10 -12.25
C THR A 25 10.49 13.54 -12.43
N PRO A 26 9.93 14.24 -11.44
CA PRO A 26 8.57 14.74 -11.53
C PRO A 26 8.38 15.56 -12.78
N ALA A 27 7.21 15.45 -13.39
CA ALA A 27 6.92 16.10 -14.63
C ALA A 27 7.18 17.61 -14.58
N HIS A 28 6.92 18.23 -13.42
CA HIS A 28 7.03 19.70 -13.35
C HIS A 28 8.48 20.19 -13.45
N GLU A 29 9.45 19.33 -13.13
CA GLU A 29 10.84 19.68 -13.43
C GLU A 29 11.10 19.70 -14.94
N LEU A 30 10.54 18.76 -15.69
CA LEU A 30 10.67 18.75 -17.17
C LEU A 30 9.98 19.97 -17.83
N GLY A 31 8.86 20.40 -17.23
CA GLY A 31 8.09 21.50 -17.76
C GLY A 31 8.73 22.84 -17.53
N ALA A 32 9.48 22.96 -16.43
CA ALA A 32 10.20 24.19 -16.11
C ALA A 32 11.40 24.40 -17.01
N THR A 33 12.15 23.33 -17.29
CA THR A 33 13.29 23.39 -18.20
C THR A 33 12.84 23.82 -19.59
N VAL A 34 11.68 23.30 -19.98
CA VAL A 34 11.09 23.67 -21.26
C VAL A 34 10.51 25.09 -21.23
N ILE A 35 9.96 25.55 -20.09
CA ILE A 35 9.49 26.97 -20.00
C ILE A 35 10.69 27.91 -20.10
N SER A 36 11.72 27.61 -19.31
CA SER A 36 12.94 28.38 -19.34
C SER A 36 13.47 28.45 -20.75
N ALA A 37 13.54 27.30 -21.40
CA ALA A 37 14.01 27.21 -22.77
C ALA A 37 13.23 28.11 -23.73
N VAL A 38 11.89 28.09 -23.70
CA VAL A 38 11.15 28.80 -24.75
C VAL A 38 11.26 30.32 -24.61
N LEU A 39 11.34 30.73 -23.35
CA LEU A 39 11.65 32.09 -22.98
C LEU A 39 13.05 32.44 -23.52
N GLU A 40 14.03 31.60 -23.17
CA GLU A 40 15.40 31.89 -23.58
C GLU A 40 15.49 32.02 -25.07
N ARG A 41 14.79 31.13 -25.78
CA ARG A 41 14.95 31.00 -27.22
C ARG A 41 14.21 32.09 -28.02
N ALA A 42 13.21 32.73 -27.41
CA ALA A 42 12.54 33.88 -28.03
C ALA A 42 13.22 35.24 -27.68
N GLY A 43 14.02 35.29 -26.62
CA GLY A 43 14.51 36.57 -26.08
C GLY A 43 13.43 37.25 -25.21
N VAL A 44 12.67 36.44 -24.48
CA VAL A 44 11.59 36.90 -23.64
C VAL A 44 11.87 36.50 -22.19
N ALA A 45 11.66 37.47 -21.29
CA ALA A 45 11.92 37.25 -19.87
C ALA A 45 10.70 36.61 -19.21
N ALA A 46 10.94 35.68 -18.27
CA ALA A 46 9.85 35.12 -17.47
C ALA A 46 8.87 36.19 -16.97
N GLY A 47 9.40 37.37 -16.63
CA GLY A 47 8.60 38.48 -16.12
C GLY A 47 7.39 38.83 -16.99
N GLU A 48 7.58 38.72 -18.30
CA GLU A 48 6.57 39.09 -19.29
C GLU A 48 5.50 38.00 -19.56
N VAL A 49 5.69 36.81 -19.00
CA VAL A 49 4.74 35.72 -19.24
C VAL A 49 3.46 35.88 -18.44
N ASN A 50 2.34 36.02 -19.14
CA ASN A 50 1.04 36.12 -18.48
C ASN A 50 0.51 34.81 -17.92
N GLU A 51 0.68 33.72 -18.65
CA GLU A 51 0.15 32.42 -18.20
C GLU A 51 0.91 31.24 -18.77
N VAL A 52 0.97 30.17 -17.97
CA VAL A 52 1.50 28.87 -18.38
C VAL A 52 0.34 27.85 -18.39
N ILE A 53 0.09 27.24 -19.55
CA ILE A 53 -0.95 26.21 -19.70
C ILE A 53 -0.33 24.88 -20.12
N LEU A 54 -0.32 23.90 -19.23
CA LEU A 54 0.31 22.60 -19.53
C LEU A 54 -0.65 21.41 -19.48
N GLY A 55 -0.83 20.72 -20.61
CA GLY A 55 -1.53 19.46 -20.58
C GLY A 55 -0.75 18.42 -19.77
N GLN A 56 -1.41 17.81 -18.81
CA GLN A 56 -0.85 16.68 -18.11
C GLN A 56 -2.02 15.77 -17.79
N VAL A 57 -1.83 14.45 -17.96
CA VAL A 57 -2.90 13.46 -17.78
C VAL A 57 -2.77 12.71 -16.45
N LEU A 58 -1.53 12.54 -15.98
CA LEU A 58 -1.22 11.77 -14.77
C LEU A 58 -0.43 12.61 -13.75
N PRO A 59 -1.09 13.58 -13.11
CA PRO A 59 -0.46 14.40 -12.10
C PRO A 59 -0.61 13.85 -10.69
N ALA A 60 -1.22 12.67 -10.54
CA ALA A 60 -1.55 12.13 -9.20
C ALA A 60 -0.29 11.93 -8.36
N GLY A 61 -0.28 12.54 -7.18
CA GLY A 61 0.84 12.41 -6.24
C GLY A 61 1.88 13.51 -6.34
N GLU A 62 1.81 14.34 -7.36
CA GLU A 62 2.80 15.42 -7.58
C GLU A 62 2.51 16.68 -6.80
N GLY A 63 1.28 16.84 -6.30
CA GLY A 63 0.90 18.04 -5.53
C GLY A 63 -0.03 19.01 -6.25
N GLN A 64 -0.39 20.09 -5.57
CA GLN A 64 -1.23 21.14 -6.15
C GLN A 64 -0.65 21.59 -7.47
N ASN A 65 -1.43 21.40 -8.55
CA ASN A 65 -1.25 22.05 -9.86
C ASN A 65 0.21 22.15 -10.33
N PRO A 66 0.82 21.02 -10.73
CA PRO A 66 2.15 20.98 -11.34
C PRO A 66 2.41 22.09 -12.37
N ALA A 67 1.38 22.43 -13.13
CA ALA A 67 1.46 23.56 -14.08
C ALA A 67 2.04 24.77 -13.38
N ARG A 68 1.40 25.15 -12.27
CA ARG A 68 1.89 26.23 -11.37
C ARG A 68 3.30 25.96 -10.86
N GLN A 69 3.60 24.72 -10.48
CA GLN A 69 4.94 24.37 -9.93
C GLN A 69 6.00 24.54 -11.00
N ALA A 70 5.77 23.94 -12.17
CA ALA A 70 6.58 24.22 -13.36
C ALA A 70 6.82 25.71 -13.57
N ALA A 71 5.74 26.49 -13.69
CA ALA A 71 5.88 27.91 -13.95
C ALA A 71 6.77 28.58 -12.92
N MET A 72 6.52 28.32 -11.63
CA MET A 72 7.25 28.99 -10.58
C MET A 72 8.73 28.65 -10.62
N LYS A 73 9.02 27.35 -10.65
CA LYS A 73 10.39 26.91 -10.80
C LYS A 73 11.07 27.56 -11.98
N ALA A 74 10.36 27.70 -13.09
CA ALA A 74 10.92 28.37 -14.28
C ALA A 74 11.31 29.83 -14.07
N GLY A 75 10.90 30.42 -12.96
CA GLY A 75 11.16 31.83 -12.66
C GLY A 75 10.00 32.73 -13.09
N VAL A 76 8.93 32.13 -13.63
CA VAL A 76 7.77 32.91 -14.04
C VAL A 76 7.20 33.47 -12.77
N PRO A 77 6.81 34.76 -12.76
CA PRO A 77 6.54 35.43 -11.51
C PRO A 77 5.22 35.03 -10.89
N GLN A 78 5.07 35.31 -9.60
CA GLN A 78 3.83 34.95 -8.89
C GLN A 78 2.57 35.70 -9.40
N GLU A 79 2.74 36.81 -10.12
CA GLU A 79 1.59 37.58 -10.60
C GLU A 79 0.91 36.90 -11.79
N ALA A 80 1.70 36.25 -12.64
CA ALA A 80 1.18 35.43 -13.73
C ALA A 80 0.31 34.27 -13.22
N THR A 81 -0.35 33.55 -14.12
CA THR A 81 -1.24 32.46 -13.72
C THR A 81 -0.83 31.13 -14.37
N ALA A 82 -1.42 30.01 -13.96
CA ALA A 82 -0.99 28.71 -14.49
C ALA A 82 -1.99 27.56 -14.25
N TRP A 83 -2.16 26.68 -15.23
CA TRP A 83 -3.05 25.54 -15.07
C TRP A 83 -2.78 24.33 -15.97
N GLY A 84 -3.34 23.19 -15.57
CA GLY A 84 -3.22 22.00 -16.36
C GLY A 84 -4.57 21.62 -16.93
N MET A 85 -4.53 20.86 -18.01
CA MET A 85 -5.74 20.34 -18.62
C MET A 85 -5.51 18.88 -19.02
N ASN A 86 -6.61 18.15 -19.23
CA ASN A 86 -6.55 16.74 -19.66
C ASN A 86 -7.49 16.43 -20.83
N GLN A 87 -6.93 16.27 -22.02
CA GLN A 87 -7.65 15.60 -23.11
C GLN A 87 -6.79 14.46 -23.67
N LEU A 88 -6.25 13.69 -22.76
CA LEU A 88 -5.47 12.50 -23.05
C LEU A 88 -4.34 12.82 -24.00
N CYS A 89 -4.18 12.03 -25.06
CA CYS A 89 -3.15 12.26 -26.08
C CYS A 89 -3.25 13.64 -26.67
N GLY A 90 -4.44 14.19 -26.76
CA GLY A 90 -4.58 15.54 -27.30
C GLY A 90 -4.08 16.67 -26.39
N SER A 91 -3.84 16.37 -25.12
CA SER A 91 -3.66 17.42 -24.11
C SER A 91 -2.61 18.46 -24.49
N GLY A 92 -1.39 18.01 -24.73
CA GLY A 92 -0.28 18.87 -25.12
C GLY A 92 -0.46 19.83 -26.29
N LEU A 93 -1.32 19.50 -27.26
CA LEU A 93 -1.52 20.37 -28.46
C LEU A 93 -2.70 21.32 -28.26
N ARG A 94 -3.78 20.80 -27.69
CA ARG A 94 -4.92 21.64 -27.25
C ARG A 94 -4.49 22.72 -26.26
N ALA A 95 -3.46 22.49 -25.46
CA ALA A 95 -2.90 23.60 -24.66
C ALA A 95 -2.48 24.79 -25.54
N VAL A 96 -1.81 24.47 -26.64
CA VAL A 96 -1.39 25.52 -27.56
C VAL A 96 -2.62 26.25 -28.15
N ALA A 97 -3.62 25.48 -28.58
CA ALA A 97 -4.84 26.10 -29.11
C ALA A 97 -5.54 26.91 -28.02
N LEU A 98 -5.58 26.38 -26.80
CA LEU A 98 -6.13 27.12 -25.64
C LEU A 98 -5.29 28.33 -25.27
N GLY A 99 -3.98 28.26 -25.47
CA GLY A 99 -3.13 29.43 -25.37
C GLY A 99 -3.40 30.42 -26.50
N MET A 100 -3.66 29.93 -27.70
CA MET A 100 -3.95 30.82 -28.82
C MET A 100 -5.22 31.63 -28.57
N GLN A 101 -6.19 30.99 -27.93
CA GLN A 101 -7.44 31.64 -27.59
C GLN A 101 -7.32 32.77 -26.56
N GLN A 102 -6.46 32.59 -25.56
CA GLN A 102 -6.21 33.62 -24.53
C GLN A 102 -5.75 34.92 -25.14
N ILE A 103 -4.82 34.83 -26.11
CA ILE A 103 -4.28 36.01 -26.80
C ILE A 103 -5.27 36.61 -27.81
N ALA A 104 -5.86 35.77 -28.64
CA ALA A 104 -6.84 36.24 -29.63
C ALA A 104 -8.03 36.96 -29.03
N THR A 105 -8.44 36.64 -27.80
CA THR A 105 -9.59 37.34 -27.20
C THR A 105 -9.20 38.45 -26.23
N GLY A 106 -7.92 38.87 -26.26
CA GLY A 106 -7.43 40.02 -25.48
C GLY A 106 -7.11 39.79 -24.01
N ASP A 107 -7.09 38.54 -23.55
CA ASP A 107 -7.04 38.21 -22.13
C ASP A 107 -5.60 37.94 -21.67
N ALA A 108 -4.68 37.91 -22.63
CA ALA A 108 -3.29 37.65 -22.37
C ALA A 108 -2.48 38.13 -23.58
N SER A 109 -1.19 38.46 -23.36
CA SER A 109 -0.26 38.86 -24.42
C SER A 109 0.79 37.80 -24.76
N ILE A 110 1.26 37.09 -23.73
CA ILE A 110 2.28 36.06 -23.89
C ILE A 110 1.97 34.79 -23.05
N ILE A 111 1.93 33.64 -23.74
CA ILE A 111 1.43 32.42 -23.15
C ILE A 111 2.46 31.40 -23.46
N VAL A 112 2.86 30.61 -22.45
CA VAL A 112 3.69 29.44 -22.63
C VAL A 112 2.74 28.27 -22.49
N ALA A 113 2.72 27.41 -23.49
CA ALA A 113 1.71 26.35 -23.59
C ALA A 113 2.35 25.06 -24.09
N GLY A 114 1.68 23.93 -23.84
CA GLY A 114 2.23 22.65 -24.20
C GLY A 114 1.89 21.61 -23.18
N GLY A 115 2.76 20.63 -23.00
CA GLY A 115 2.42 19.56 -22.06
C GLY A 115 3.61 18.91 -21.43
N MET A 116 3.35 18.03 -20.47
CA MET A 116 4.39 17.32 -19.75
C MET A 116 3.78 16.07 -19.15
N GLU A 117 4.60 15.06 -18.91
CA GLU A 117 4.11 13.81 -18.41
C GLU A 117 5.26 12.98 -17.92
N SER A 118 5.11 12.47 -16.70
CA SER A 118 6.00 11.47 -16.16
C SER A 118 5.14 10.29 -15.87
N MET A 119 5.16 9.35 -16.81
CA MET A 119 4.44 8.11 -16.68
C MET A 119 5.20 7.26 -15.71
N SER A 120 6.53 7.42 -15.72
CA SER A 120 7.38 6.73 -14.73
C SER A 120 6.89 6.96 -13.30
N MET A 121 6.64 8.22 -12.95
CA MET A 121 6.27 8.60 -11.59
C MET A 121 4.80 8.42 -11.21
N ALA A 122 3.94 8.03 -12.17
CA ALA A 122 2.55 7.69 -11.85
C ALA A 122 2.50 6.65 -10.74
N PRO A 123 1.78 6.94 -9.62
CA PRO A 123 1.73 6.04 -8.47
C PRO A 123 0.70 4.99 -8.64
N HIS A 124 0.65 4.08 -7.68
CA HIS A 124 -0.42 3.11 -7.59
C HIS A 124 -1.36 3.66 -6.53
N CYS A 125 -2.66 3.44 -6.68
CA CYS A 125 -3.60 3.96 -5.71
C CYS A 125 -4.68 2.97 -5.40
N ALA A 126 -5.38 3.25 -4.30
CA ALA A 126 -6.57 2.53 -3.89
C ALA A 126 -7.47 3.48 -3.10
N HIS A 127 -8.80 3.28 -3.17
CA HIS A 127 -9.74 4.08 -2.36
C HIS A 127 -10.03 3.36 -1.08
N LEU A 128 -9.45 3.82 0.03
CA LEU A 128 -9.51 3.10 1.31
C LEU A 128 -10.15 3.87 2.48
N ARG A 129 -10.94 4.91 2.19
CA ARG A 129 -11.63 5.67 3.23
C ARG A 129 -12.74 4.90 4.01
N GLY A 130 -13.52 4.08 3.30
CA GLY A 130 -14.63 3.35 3.89
C GLY A 130 -14.18 2.27 4.85
N GLY A 131 -12.94 1.81 4.67
CA GLY A 131 -12.38 0.71 5.44
C GLY A 131 -12.60 -0.57 4.66
N VAL A 132 -11.53 -1.36 4.52
CA VAL A 132 -11.65 -2.71 4.01
C VAL A 132 -11.83 -3.57 5.25
N LYS A 133 -13.07 -4.01 5.48
CA LYS A 133 -13.37 -4.82 6.66
C LYS A 133 -12.62 -6.16 6.58
N MET A 134 -12.73 -6.81 5.42
CA MET A 134 -12.33 -8.21 5.28
C MET A 134 -12.10 -8.59 3.83
N GLY A 135 -11.00 -9.30 3.56
CA GLY A 135 -10.64 -9.72 2.20
C GLY A 135 -9.52 -8.90 1.58
N ASP A 136 -9.18 -9.27 0.33
CA ASP A 136 -8.10 -8.63 -0.43
C ASP A 136 -8.63 -7.43 -1.20
N PHE A 137 -7.75 -6.46 -1.47
CA PHE A 137 -8.08 -5.35 -2.36
C PHE A 137 -6.98 -5.01 -3.38
N LYS A 138 -7.39 -4.28 -4.41
CA LYS A 138 -6.52 -4.01 -5.52
C LYS A 138 -5.85 -2.65 -5.36
N MET A 139 -4.54 -2.61 -5.58
CA MET A 139 -3.83 -1.37 -5.76
C MET A 139 -3.80 -1.12 -7.27
N ILE A 140 -4.40 -0.02 -7.71
CA ILE A 140 -4.61 0.27 -9.13
C ILE A 140 -3.43 1.07 -9.60
N ASP A 141 -2.99 0.81 -10.83
CA ASP A 141 -1.93 1.52 -11.48
C ASP A 141 -2.51 2.73 -12.20
N THR A 142 -2.32 3.92 -11.64
CA THR A 142 -2.97 5.09 -12.19
C THR A 142 -2.63 5.27 -13.66
N MET A 143 -1.44 4.85 -14.07
CA MET A 143 -1.01 5.06 -15.45
C MET A 143 -1.89 4.27 -16.43
N ILE A 144 -2.25 3.02 -16.05
CA ILE A 144 -3.06 2.14 -16.87
C ILE A 144 -4.52 2.56 -16.78
N LYS A 145 -5.02 2.70 -15.55
CA LYS A 145 -6.40 3.15 -15.30
C LYS A 145 -6.75 4.52 -15.89
N ASP A 146 -5.98 5.55 -15.55
CA ASP A 146 -6.37 6.93 -15.86
C ASP A 146 -5.82 7.46 -17.19
N GLY A 147 -4.83 6.80 -17.76
CA GLY A 147 -4.21 7.21 -19.02
C GLY A 147 -4.47 6.27 -20.19
N LEU A 148 -4.40 4.96 -19.95
CA LEU A 148 -4.40 3.94 -21.03
C LEU A 148 -5.67 3.11 -21.25
N THR A 149 -6.48 2.87 -20.23
CA THR A 149 -7.69 2.05 -20.43
C THR A 149 -8.89 2.89 -20.85
N ASP A 150 -9.70 2.37 -21.75
CA ASP A 150 -10.93 3.07 -22.14
C ASP A 150 -11.92 2.93 -21.02
N ALA A 151 -12.60 4.03 -20.71
CA ALA A 151 -13.50 4.10 -19.55
C ALA A 151 -14.81 3.35 -19.81
N PHE A 152 -15.24 3.33 -21.07
CA PHE A 152 -16.55 2.78 -21.47
C PHE A 152 -16.52 1.27 -21.68
N TYR A 153 -15.56 0.79 -22.47
CA TYR A 153 -15.47 -0.65 -22.82
C TYR A 153 -14.46 -1.43 -21.97
N GLY A 154 -13.65 -0.71 -21.19
CA GLY A 154 -12.82 -1.35 -20.16
C GLY A 154 -11.50 -1.95 -20.63
N TYR A 155 -11.23 -1.93 -21.93
CA TYR A 155 -10.01 -2.54 -22.47
C TYR A 155 -8.93 -1.50 -22.74
N HIS A 156 -7.69 -1.98 -22.83
CA HIS A 156 -6.52 -1.13 -23.12
C HIS A 156 -6.74 -0.44 -24.47
N MET A 157 -6.10 0.71 -24.66
CA MET A 157 -6.07 1.40 -25.94
C MET A 157 -5.68 0.45 -27.11
N GLY A 158 -4.72 -0.43 -26.88
CA GLY A 158 -4.29 -1.43 -27.87
C GLY A 158 -5.40 -2.25 -28.54
N THR A 159 -6.46 -2.54 -27.78
CA THR A 159 -7.64 -3.27 -28.27
C THR A 159 -8.43 -2.40 -29.26
N THR A 160 -8.38 -1.07 -29.04
CA THR A 160 -9.06 -0.15 -29.94
C THR A 160 -8.30 -0.18 -31.26
N ALA A 161 -6.97 -0.23 -31.14
CA ALA A 161 -6.07 -0.40 -32.26
C ALA A 161 -6.37 -1.64 -33.11
N GLU A 162 -6.75 -2.73 -32.47
CA GLU A 162 -7.17 -3.96 -33.17
C GLU A 162 -8.43 -3.77 -33.99
N ASN A 163 -9.35 -2.96 -33.47
CA ASN A 163 -10.65 -2.73 -34.13
C ASN A 163 -10.37 -1.98 -35.42
N VAL A 164 -9.42 -1.06 -35.38
CA VAL A 164 -9.05 -0.34 -36.58
C VAL A 164 -8.32 -1.28 -37.56
N ALA A 165 -7.39 -2.07 -37.03
CA ALA A 165 -6.66 -3.02 -37.86
C ALA A 165 -7.65 -3.91 -38.59
N LYS A 166 -8.62 -4.49 -37.87
CA LYS A 166 -9.59 -5.39 -38.51
C LYS A 166 -10.50 -4.65 -39.47
N GLN A 167 -10.98 -3.49 -39.05
CA GLN A 167 -11.91 -2.70 -39.87
C GLN A 167 -11.24 -2.30 -41.17
N TRP A 168 -10.06 -1.67 -41.07
CA TRP A 168 -9.28 -1.25 -42.24
C TRP A 168 -8.45 -2.37 -42.87
N GLN A 169 -8.74 -3.61 -42.48
CA GLN A 169 -8.00 -4.81 -42.90
C GLN A 169 -6.50 -4.58 -43.10
N LEU A 170 -5.85 -4.16 -42.02
CA LEU A 170 -4.42 -3.90 -42.01
C LEU A 170 -3.66 -5.07 -41.41
N SER A 171 -2.86 -5.74 -42.23
CA SER A 171 -2.15 -6.95 -41.82
C SER A 171 -1.02 -6.69 -40.80
N ARG A 172 -0.62 -7.79 -40.15
CA ARG A 172 0.53 -7.81 -39.26
C ARG A 172 1.81 -7.35 -39.97
N ASP A 173 2.01 -7.80 -41.21
CA ASP A 173 3.15 -7.36 -42.02
C ASP A 173 3.10 -5.88 -42.31
N GLU A 174 1.94 -5.35 -42.69
CA GLU A 174 1.89 -3.90 -43.00
C GLU A 174 2.20 -3.02 -41.76
N GLN A 175 1.78 -3.49 -40.58
CA GLN A 175 2.01 -2.76 -39.34
C GLN A 175 3.48 -2.76 -38.96
N ASP A 176 4.12 -3.90 -39.11
CA ASP A 176 5.55 -4.03 -38.81
C ASP A 176 6.41 -3.14 -39.70
N ALA A 177 6.21 -3.21 -41.01
CA ALA A 177 6.96 -2.38 -41.95
C ALA A 177 6.88 -0.92 -41.52
N PHE A 178 5.67 -0.46 -41.27
CA PHE A 178 5.48 0.89 -40.75
C PHE A 178 6.28 1.11 -39.46
N ALA A 179 6.24 0.15 -38.54
CA ALA A 179 6.94 0.26 -37.27
C ALA A 179 8.45 0.37 -37.44
N VAL A 180 8.98 -0.47 -38.32
CA VAL A 180 10.39 -0.49 -38.65
C VAL A 180 10.80 0.81 -39.32
N ALA A 181 9.93 1.34 -40.16
CA ALA A 181 10.21 2.56 -40.91
C ALA A 181 10.23 3.79 -40.01
N SER A 182 9.38 3.81 -38.98
CA SER A 182 9.44 4.87 -37.98
C SER A 182 10.79 4.88 -37.26
N GLN A 183 11.24 3.70 -36.85
CA GLN A 183 12.51 3.57 -36.15
C GLN A 183 13.67 4.09 -36.98
N ASN A 184 13.76 3.60 -38.24
CA ASN A 184 14.85 3.92 -39.15
C ASN A 184 14.92 5.39 -39.50
N LYS A 185 13.75 6.00 -39.74
CA LYS A 185 13.68 7.43 -40.03
C LYS A 185 14.12 8.23 -38.78
N ALA A 186 13.80 7.72 -37.59
CA ALA A 186 14.13 8.42 -36.35
C ALA A 186 15.61 8.28 -35.99
N GLU A 187 16.20 7.15 -36.35
CA GLU A 187 17.62 6.95 -36.11
C GLU A 187 18.41 7.88 -37.03
N ALA A 188 18.00 7.98 -38.30
CA ALA A 188 18.68 8.84 -39.27
C ALA A 188 18.65 10.33 -38.87
N ALA A 189 17.47 10.81 -38.48
CA ALA A 189 17.29 12.15 -37.97
C ALA A 189 18.12 12.39 -36.70
N GLN A 190 18.32 11.33 -35.92
CA GLN A 190 19.00 11.48 -34.65
C GLN A 190 20.47 11.60 -34.94
N LYS A 191 20.97 10.67 -35.76
CA LYS A 191 22.37 10.67 -36.13
C LYS A 191 22.71 11.96 -36.86
N ASP A 192 21.86 12.42 -37.76
CA ASP A 192 22.12 13.68 -38.50
C ASP A 192 21.98 15.01 -37.67
N GLY A 193 21.56 14.93 -36.40
CA GLY A 193 21.38 16.13 -35.58
C GLY A 193 20.05 16.85 -35.79
N ARG A 194 19.11 16.23 -36.52
CA ARG A 194 17.84 16.88 -36.80
C ARG A 194 16.93 17.09 -35.57
N PHE A 195 17.22 16.42 -34.47
CA PHE A 195 16.50 16.63 -33.22
C PHE A 195 17.19 17.66 -32.29
N LYS A 196 18.38 18.09 -32.66
CA LYS A 196 19.18 19.00 -31.81
C LYS A 196 18.53 20.35 -31.59
N ASP A 197 17.95 20.93 -32.64
CA ASP A 197 17.34 22.25 -32.49
C ASP A 197 16.22 22.17 -31.45
N GLU A 198 15.29 21.24 -31.63
CA GLU A 198 14.13 21.15 -30.75
C GLU A 198 14.40 20.77 -29.31
N ILE A 199 15.39 19.90 -29.12
CA ILE A 199 15.70 19.35 -27.81
C ILE A 199 16.51 20.37 -27.02
N VAL A 200 16.09 20.62 -25.78
CA VAL A 200 16.90 21.32 -24.80
C VAL A 200 17.37 20.26 -23.81
N PRO A 201 18.66 20.22 -23.51
CA PRO A 201 19.17 19.27 -22.53
C PRO A 201 18.44 19.35 -21.21
N PHE A 202 18.28 18.23 -20.53
CA PHE A 202 17.72 18.22 -19.19
C PHE A 202 18.73 17.64 -18.21
N ILE A 203 19.16 18.44 -17.24
CA ILE A 203 20.07 17.99 -16.20
C ILE A 203 19.21 17.20 -15.23
N VAL A 204 19.49 15.90 -15.13
CA VAL A 204 18.92 15.04 -14.12
C VAL A 204 19.80 15.22 -12.86
N LYS A 205 19.27 15.91 -11.85
CA LYS A 205 19.97 16.07 -10.56
C LYS A 205 20.07 14.71 -9.90
N GLY A 206 21.27 14.31 -9.53
CA GLY A 206 21.48 13.07 -8.82
C GLY A 206 22.09 13.36 -7.47
N ARG A 207 22.90 12.41 -7.00
CA ARG A 207 23.56 12.49 -5.69
C ARG A 207 25.03 12.15 -5.87
N LYS A 208 25.29 11.03 -6.55
CA LYS A 208 26.63 10.67 -6.97
C LYS A 208 26.86 11.05 -8.43
N GLY A 209 26.33 12.20 -8.84
CA GLY A 209 26.52 12.73 -10.19
C GLY A 209 25.24 13.22 -10.86
N ASP A 210 25.37 14.33 -11.61
CA ASP A 210 24.34 14.77 -12.53
C ASP A 210 24.53 14.14 -13.91
N ILE A 211 23.46 14.20 -14.69
CA ILE A 211 23.41 13.56 -15.98
C ILE A 211 22.66 14.46 -16.93
N THR A 212 23.33 14.89 -17.99
CA THR A 212 22.68 15.62 -19.08
C THR A 212 22.07 14.61 -20.07
N VAL A 213 20.75 14.61 -20.13
CA VAL A 213 20.00 13.85 -21.12
C VAL A 213 19.56 14.85 -22.19
N ASP A 214 20.08 14.66 -23.40
CA ASP A 214 19.67 15.46 -24.55
C ASP A 214 19.49 14.62 -25.80
N ALA A 215 19.37 13.31 -25.60
CA ALA A 215 19.07 12.37 -26.67
C ALA A 215 17.83 11.55 -26.31
N ASP A 216 16.89 11.43 -27.25
CA ASP A 216 15.72 10.57 -27.10
C ASP A 216 16.17 9.09 -26.93
N GLU A 217 16.01 8.50 -25.76
CA GLU A 217 16.68 7.20 -25.48
C GLU A 217 15.88 5.97 -25.90
N TYR A 218 14.63 6.18 -26.27
CA TYR A 218 13.72 5.11 -26.63
C TYR A 218 13.95 4.67 -28.08
N ILE A 219 14.43 5.55 -28.92
CA ILE A 219 14.74 5.21 -30.31
C ILE A 219 15.67 3.99 -30.34
N ARG A 220 15.26 2.91 -31.01
CA ARG A 220 16.10 1.73 -31.17
C ARG A 220 16.99 1.89 -32.40
N HIS A 221 18.21 1.36 -32.32
CA HIS A 221 19.16 1.52 -33.42
C HIS A 221 19.29 0.22 -34.18
N GLY A 222 19.25 0.30 -35.50
CA GLY A 222 19.36 -0.88 -36.35
C GLY A 222 18.21 -1.86 -36.21
N ALA A 223 17.02 -1.34 -35.98
CA ALA A 223 15.83 -2.18 -35.85
C ALA A 223 15.64 -3.04 -37.12
N THR A 224 15.32 -4.30 -36.91
CA THR A 224 15.13 -5.26 -37.98
C THR A 224 13.65 -5.55 -38.14
N LEU A 225 13.24 -5.88 -39.35
CA LEU A 225 11.89 -6.37 -39.60
C LEU A 225 11.68 -7.69 -38.85
N ASP A 226 12.71 -8.53 -38.81
CA ASP A 226 12.65 -9.85 -38.15
C ASP A 226 12.18 -9.76 -36.68
N SER A 227 12.84 -8.95 -35.87
CA SER A 227 12.54 -8.88 -34.45
C SER A 227 11.15 -8.31 -34.24
N MET A 228 10.65 -7.60 -35.25
CA MET A 228 9.28 -7.06 -35.26
C MET A 228 8.31 -8.23 -35.42
N ALA A 229 8.61 -9.16 -36.32
CA ALA A 229 7.71 -10.28 -36.64
C ALA A 229 7.62 -11.35 -35.56
N LYS A 230 8.64 -11.45 -34.72
CA LYS A 230 8.72 -12.53 -33.74
C LYS A 230 7.95 -12.22 -32.46
N LEU A 231 7.75 -10.95 -32.17
CA LEU A 231 7.03 -10.54 -30.97
C LEU A 231 5.61 -11.07 -30.99
N ARG A 232 5.10 -11.45 -29.83
CA ARG A 232 3.71 -11.92 -29.73
C ARG A 232 2.77 -10.72 -29.61
N PRO A 233 1.50 -10.89 -30.01
CA PRO A 233 0.49 -9.85 -29.80
C PRO A 233 0.34 -9.45 -28.33
N ALA A 234 0.45 -8.15 -28.06
CA ALA A 234 0.47 -7.62 -26.70
C ALA A 234 -0.90 -7.63 -26.05
N PHE A 235 -1.95 -7.45 -26.86
CA PHE A 235 -3.31 -7.32 -26.33
C PHE A 235 -4.18 -8.53 -26.71
N ASP A 236 -4.63 -8.61 -27.95
CA ASP A 236 -5.40 -9.75 -28.41
C ASP A 236 -4.41 -10.87 -28.76
N LYS A 237 -4.48 -11.97 -28.01
CA LYS A 237 -3.50 -13.06 -28.13
C LYS A 237 -3.51 -13.79 -29.48
N GLU A 238 -4.58 -13.62 -30.25
CA GLU A 238 -4.62 -14.09 -31.65
C GLU A 238 -4.81 -12.87 -32.56
N GLY A 239 -4.26 -11.73 -32.13
CA GLY A 239 -4.44 -10.44 -32.80
C GLY A 239 -3.23 -10.06 -33.62
N THR A 240 -3.07 -8.77 -33.87
CA THR A 240 -2.10 -8.27 -34.85
C THR A 240 -1.18 -7.14 -34.33
N VAL A 241 -1.60 -6.47 -33.25
CA VAL A 241 -0.84 -5.36 -32.64
C VAL A 241 0.08 -5.88 -31.51
N THR A 242 1.30 -5.33 -31.45
CA THR A 242 2.37 -5.82 -30.54
C THR A 242 3.04 -4.64 -29.81
N ALA A 243 3.99 -4.92 -28.92
CA ALA A 243 4.78 -3.88 -28.29
C ALA A 243 5.69 -3.23 -29.33
N GLY A 244 6.09 -4.01 -30.32
CA GLY A 244 6.88 -3.49 -31.43
C GLY A 244 6.20 -2.35 -32.18
N ASN A 245 4.95 -2.55 -32.61
CA ASN A 245 4.24 -1.61 -33.50
C ASN A 245 3.33 -0.66 -32.73
N ALA A 246 3.30 -0.82 -31.42
CA ALA A 246 2.63 0.11 -30.53
C ALA A 246 3.65 1.10 -30.04
N SER A 247 3.17 2.30 -29.66
CA SER A 247 4.04 3.26 -28.99
C SER A 247 4.34 2.73 -27.60
N GLY A 248 5.13 3.51 -26.87
CA GLY A 248 5.56 3.12 -25.56
C GLY A 248 4.97 3.97 -24.46
N LEU A 249 5.49 3.69 -23.27
CA LEU A 249 5.28 4.46 -22.08
C LEU A 249 6.50 5.38 -21.91
N ASN A 250 6.29 6.69 -21.82
CA ASN A 250 7.43 7.60 -21.83
C ASN A 250 7.31 8.85 -20.96
N ASP A 251 8.46 9.44 -20.67
CA ASP A 251 8.52 10.72 -19.96
C ASP A 251 9.05 11.84 -20.91
N GLY A 252 8.63 13.07 -20.64
CA GLY A 252 9.09 14.25 -21.38
C GLY A 252 8.21 15.46 -21.14
N ALA A 253 8.63 16.60 -21.68
CA ALA A 253 7.77 17.80 -21.77
C ALA A 253 7.99 18.48 -23.11
N ALA A 254 7.06 19.31 -23.52
CA ALA A 254 7.25 20.18 -24.66
C ALA A 254 6.38 21.45 -24.57
N ALA A 255 6.90 22.53 -25.14
CA ALA A 255 6.24 23.80 -25.03
C ALA A 255 6.54 24.73 -26.20
N ALA A 256 5.65 25.72 -26.35
CA ALA A 256 5.79 26.77 -27.33
C ALA A 256 5.38 28.02 -26.65
N LEU A 257 5.84 29.17 -27.17
CA LEU A 257 5.56 30.49 -26.61
C LEU A 257 4.76 31.27 -27.64
N LEU A 258 3.52 31.62 -27.29
CA LEU A 258 2.63 32.30 -28.22
C LEU A 258 2.55 33.77 -27.92
N MET A 259 2.33 34.55 -28.97
CA MET A 259 2.09 35.99 -28.87
C MET A 259 1.52 36.44 -30.21
N SER A 260 1.01 37.66 -30.26
CA SER A 260 0.45 38.14 -31.51
C SER A 260 1.56 38.37 -32.56
N GLU A 261 1.17 38.42 -33.83
CA GLU A 261 2.11 38.54 -34.92
C GLU A 261 2.75 39.91 -34.84
N ALA A 262 2.00 40.89 -34.36
CA ALA A 262 2.50 42.23 -34.22
C ALA A 262 3.50 42.25 -33.03
N GLU A 263 3.11 41.64 -31.93
CA GLU A 263 3.97 41.60 -30.77
C GLU A 263 5.33 41.02 -31.12
N ALA A 264 5.37 39.91 -31.86
CA ALA A 264 6.64 39.37 -32.37
C ALA A 264 7.37 40.38 -33.24
N SER A 265 6.62 41.08 -34.09
CA SER A 265 7.24 42.05 -35.02
C SER A 265 7.90 43.17 -34.22
N ARG A 266 7.23 43.64 -33.17
CA ARG A 266 7.81 44.60 -32.23
C ARG A 266 9.07 44.09 -31.54
N ARG A 267 9.12 42.81 -31.20
CA ARG A 267 10.25 42.28 -30.46
C ARG A 267 11.45 41.87 -31.33
N GLY A 268 11.30 42.00 -32.66
CA GLY A 268 12.35 41.60 -33.57
C GLY A 268 12.47 40.09 -33.73
N ILE A 269 11.49 39.34 -33.26
CA ILE A 269 11.54 37.87 -33.28
C ILE A 269 11.08 37.32 -34.62
N GLN A 270 11.77 36.32 -35.16
CA GLN A 270 11.26 35.63 -36.33
C GLN A 270 10.63 34.32 -35.89
N PRO A 271 9.29 34.20 -36.02
CA PRO A 271 8.64 33.06 -35.40
C PRO A 271 8.81 31.78 -36.16
N LEU A 272 8.76 30.69 -35.41
CA LEU A 272 8.68 29.36 -35.95
C LEU A 272 7.44 29.16 -36.83
N GLY A 273 6.36 29.84 -36.51
CA GLY A 273 5.18 29.71 -37.35
C GLY A 273 3.97 30.46 -36.88
N ARG A 274 3.02 30.63 -37.78
CA ARG A 274 1.75 31.21 -37.46
C ARG A 274 0.76 30.05 -37.32
N ILE A 275 -0.13 30.15 -36.33
CA ILE A 275 -1.23 29.19 -36.16
C ILE A 275 -2.43 29.66 -37.00
N VAL A 276 -2.66 29.02 -38.17
CA VAL A 276 -3.75 29.45 -39.05
C VAL A 276 -5.11 28.83 -38.68
N SER A 277 -5.09 27.65 -38.06
CA SER A 277 -6.32 27.03 -37.57
C SER A 277 -6.08 25.85 -36.65
N TRP A 278 -7.13 25.43 -36.00
CA TRP A 278 -7.10 24.19 -35.22
C TRP A 278 -8.48 23.67 -35.23
N ALA A 279 -8.64 22.46 -34.72
CA ALA A 279 -9.95 21.83 -34.62
C ALA A 279 -9.81 20.66 -33.66
N THR A 280 -10.92 20.24 -33.06
CA THR A 280 -11.01 18.99 -32.34
C THR A 280 -12.35 18.36 -32.68
N VAL A 281 -12.40 17.04 -32.77
CA VAL A 281 -13.62 16.37 -33.21
C VAL A 281 -13.72 15.01 -32.57
N GLY A 282 -14.94 14.51 -32.46
CA GLY A 282 -15.20 13.23 -31.81
C GLY A 282 -15.52 12.11 -32.78
N VAL A 283 -15.21 10.89 -32.35
CA VAL A 283 -15.55 9.67 -33.06
C VAL A 283 -15.90 8.62 -32.01
N ASP A 284 -16.28 7.43 -32.48
CA ASP A 284 -16.48 6.23 -31.65
C ASP A 284 -15.22 5.81 -30.84
N PRO A 285 -15.35 5.72 -29.50
CA PRO A 285 -14.22 5.23 -28.69
C PRO A 285 -13.65 3.89 -29.15
N LYS A 286 -14.49 3.01 -29.70
CA LYS A 286 -14.03 1.71 -30.16
C LYS A 286 -12.89 1.84 -31.16
N VAL A 287 -12.97 2.86 -32.02
CA VAL A 287 -12.01 3.12 -33.11
C VAL A 287 -11.34 4.47 -32.90
N MET A 288 -10.95 4.73 -31.64
CA MET A 288 -10.44 6.05 -31.24
C MET A 288 -9.22 6.50 -32.04
N GLY A 289 -8.46 5.53 -32.56
CA GLY A 289 -7.31 5.80 -33.40
C GLY A 289 -7.63 6.58 -34.65
N THR A 290 -8.91 6.57 -35.07
CA THR A 290 -9.35 7.35 -36.26
C THR A 290 -9.55 8.86 -35.98
N GLY A 291 -9.19 9.29 -34.79
CA GLY A 291 -9.44 10.66 -34.36
C GLY A 291 -8.93 11.71 -35.32
N PRO A 292 -7.68 11.57 -35.79
CA PRO A 292 -7.07 12.51 -36.73
C PRO A 292 -7.84 12.70 -38.04
N ILE A 293 -8.59 11.69 -38.50
CA ILE A 293 -9.26 11.84 -39.80
C ILE A 293 -10.19 13.08 -39.84
N PRO A 294 -11.32 13.09 -39.08
CA PRO A 294 -12.21 14.28 -39.08
C PRO A 294 -11.62 15.56 -38.45
N ALA A 295 -10.64 15.42 -37.55
CA ALA A 295 -10.03 16.58 -36.88
C ALA A 295 -9.09 17.36 -37.84
N SER A 296 -8.22 16.65 -38.57
CA SER A 296 -7.40 17.22 -39.64
C SER A 296 -8.24 17.84 -40.79
N ARG A 297 -9.26 17.10 -41.25
CA ARG A 297 -10.25 17.61 -42.24
C ARG A 297 -10.93 18.92 -41.81
N LYS A 298 -11.26 18.99 -40.52
CA LYS A 298 -11.90 20.17 -39.93
C LYS A 298 -10.90 21.30 -39.91
N ALA A 299 -9.72 20.97 -39.37
CA ALA A 299 -8.61 21.90 -39.31
C ALA A 299 -8.31 22.50 -40.71
N LEU A 300 -8.10 21.65 -41.71
CA LEU A 300 -7.84 22.13 -43.09
C LEU A 300 -8.95 23.00 -43.65
N GLU A 301 -10.19 22.75 -43.24
CA GLU A 301 -11.35 23.49 -43.74
C GLU A 301 -11.34 24.94 -43.20
N ARG A 302 -11.17 25.08 -41.89
CA ARG A 302 -11.08 26.38 -41.24
C ARG A 302 -9.92 27.24 -41.76
N ALA A 303 -8.87 26.57 -42.21
CA ALA A 303 -7.68 27.18 -42.77
C ALA A 303 -7.91 27.70 -44.19
N GLY A 304 -8.76 26.97 -44.93
CA GLY A 304 -9.02 27.24 -46.34
C GLY A 304 -8.14 26.45 -47.27
N TRP A 305 -7.51 25.40 -46.74
CA TRP A 305 -6.50 24.60 -47.43
C TRP A 305 -6.99 23.21 -47.76
N LYS A 306 -6.61 22.74 -48.95
CA LYS A 306 -6.86 21.37 -49.35
C LYS A 306 -5.74 20.55 -48.76
N ILE A 307 -5.95 19.23 -48.67
CA ILE A 307 -4.94 18.29 -48.12
C ILE A 307 -3.61 18.35 -48.87
N GLY A 308 -3.70 18.47 -50.19
CA GLY A 308 -2.52 18.49 -51.04
C GLY A 308 -1.64 19.74 -50.94
N ASP A 309 -2.15 20.80 -50.29
CA ASP A 309 -1.36 22.01 -50.07
C ASP A 309 -0.29 21.81 -48.99
N LEU A 310 -0.52 20.89 -48.05
CA LEU A 310 0.43 20.64 -46.98
C LEU A 310 1.78 20.19 -47.50
N ASP A 311 2.85 20.73 -46.92
CA ASP A 311 4.23 20.39 -47.27
C ASP A 311 4.90 19.51 -46.22
N LEU A 312 4.39 19.49 -45.00
CA LEU A 312 4.89 18.54 -44.00
C LEU A 312 3.77 18.22 -43.05
N VAL A 313 3.79 17.02 -42.48
CA VAL A 313 2.73 16.56 -41.60
C VAL A 313 3.30 15.74 -40.46
N GLU A 314 2.75 15.90 -39.27
CA GLU A 314 3.13 15.08 -38.12
C GLU A 314 1.86 14.45 -37.60
N ALA A 315 1.69 13.18 -37.96
CA ALA A 315 0.53 12.37 -37.60
C ALA A 315 0.97 11.41 -36.55
N ASN A 316 0.66 11.69 -35.30
CA ASN A 316 1.14 10.86 -34.20
C ASN A 316 0.94 9.34 -34.39
N GLU A 317 1.95 8.57 -34.03
CA GLU A 317 1.89 7.14 -34.12
C GLU A 317 1.58 6.55 -32.76
N ALA A 318 0.30 6.47 -32.44
CA ALA A 318 -0.16 5.76 -31.25
C ALA A 318 -0.04 4.28 -31.53
N PHE A 319 -0.62 3.83 -32.62
CA PHE A 319 -0.44 2.45 -33.11
C PHE A 319 -0.21 2.43 -34.63
N ALA A 320 0.60 1.50 -35.10
CA ALA A 320 0.78 1.29 -36.53
C ALA A 320 -0.58 1.14 -37.24
N ALA A 321 -1.48 0.34 -36.67
CA ALA A 321 -2.83 0.17 -37.26
C ALA A 321 -3.49 1.53 -37.48
N GLN A 322 -3.65 2.32 -36.43
CA GLN A 322 -4.32 3.61 -36.61
C GLN A 322 -3.51 4.54 -37.55
N ALA A 323 -2.19 4.59 -37.37
CA ALA A 323 -1.36 5.49 -38.19
C ALA A 323 -1.58 5.19 -39.66
N CYS A 324 -1.54 3.92 -40.03
CA CYS A 324 -1.79 3.51 -41.42
C CYS A 324 -3.19 3.88 -41.89
N ALA A 325 -4.17 3.77 -40.99
CA ALA A 325 -5.57 4.14 -41.25
C ALA A 325 -5.74 5.60 -41.65
N VAL A 326 -5.20 6.48 -40.83
CA VAL A 326 -5.25 7.93 -41.05
C VAL A 326 -4.54 8.35 -42.34
N ASN A 327 -3.35 7.79 -42.61
CA ASN A 327 -2.64 8.05 -43.86
C ASN A 327 -3.46 7.54 -45.03
N LYS A 328 -4.07 6.36 -44.86
CA LYS A 328 -4.87 5.74 -45.91
C LYS A 328 -6.17 6.49 -46.20
N ASP A 329 -6.87 6.94 -45.15
CA ASP A 329 -8.12 7.65 -45.33
C ASP A 329 -7.95 9.03 -45.93
N LEU A 330 -7.01 9.81 -45.37
CA LEU A 330 -6.82 11.22 -45.77
C LEU A 330 -6.02 11.37 -47.06
N GLY A 331 -5.13 10.42 -47.31
CA GLY A 331 -4.50 10.26 -48.63
C GLY A 331 -3.32 11.16 -48.90
N TRP A 332 -2.88 11.95 -47.92
CA TRP A 332 -1.66 12.73 -48.10
C TRP A 332 -0.42 11.88 -48.46
N ASP A 333 0.53 12.52 -49.14
CA ASP A 333 1.78 11.86 -49.56
C ASP A 333 2.45 11.27 -48.31
N PRO A 334 2.63 9.95 -48.28
CA PRO A 334 3.24 9.43 -47.05
C PRO A 334 4.68 9.91 -46.80
N SER A 335 5.37 10.40 -47.82
CA SER A 335 6.78 10.85 -47.68
C SER A 335 6.97 12.18 -46.97
N ILE A 336 5.89 12.98 -46.84
CA ILE A 336 5.93 14.19 -46.05
C ILE A 336 5.36 14.01 -44.67
N VAL A 337 5.00 12.78 -44.29
CA VAL A 337 4.38 12.55 -42.98
C VAL A 337 5.40 11.87 -42.07
N ASN A 338 5.66 12.45 -40.90
CA ASN A 338 6.61 11.89 -39.93
C ASN A 338 8.02 11.63 -40.51
N VAL A 339 8.39 12.54 -41.41
CA VAL A 339 9.66 12.59 -42.06
C VAL A 339 10.89 12.28 -41.17
N ASN A 340 10.85 12.67 -39.89
CA ASN A 340 11.93 12.35 -38.96
C ASN A 340 11.60 11.21 -38.00
N GLY A 341 10.69 10.33 -38.38
CA GLY A 341 10.23 9.25 -37.50
C GLY A 341 9.09 9.71 -36.60
N GLY A 342 8.62 8.81 -35.72
CA GLY A 342 7.43 9.09 -34.91
C GLY A 342 7.38 8.40 -33.58
N ALA A 343 6.17 8.25 -33.02
CA ALA A 343 5.98 7.86 -31.61
C ALA A 343 6.32 6.41 -31.23
N ILE A 344 6.27 5.51 -32.20
CA ILE A 344 6.69 4.13 -32.06
C ILE A 344 8.15 4.13 -31.70
N ALA A 345 8.92 4.98 -32.40
CA ALA A 345 10.34 5.15 -32.17
C ALA A 345 10.65 6.16 -31.06
N ILE A 346 10.04 7.33 -31.10
CA ILE A 346 10.41 8.41 -30.16
C ILE A 346 9.76 8.32 -28.77
N GLY A 347 8.56 7.75 -28.71
CA GLY A 347 7.85 7.57 -27.46
C GLY A 347 6.57 8.37 -27.41
N HIS A 348 5.82 8.21 -26.33
CA HIS A 348 4.52 8.83 -26.20
C HIS A 348 4.29 9.29 -24.77
N PRO A 349 4.85 10.44 -24.41
CA PRO A 349 4.53 10.97 -23.10
C PRO A 349 3.18 11.67 -23.16
N ILE A 350 2.15 10.92 -22.76
CA ILE A 350 0.71 11.19 -23.10
C ILE A 350 0.39 12.68 -23.15
N GLY A 351 0.61 13.40 -22.05
CA GLY A 351 0.21 14.81 -21.94
C GLY A 351 1.12 15.75 -22.69
N ALA A 352 2.38 15.38 -22.83
CA ALA A 352 3.31 16.17 -23.61
C ALA A 352 3.24 15.91 -25.11
N SER A 353 2.68 14.79 -25.53
CA SER A 353 2.91 14.30 -26.90
C SER A 353 2.48 15.24 -28.01
N GLY A 354 1.34 15.90 -27.83
CA GLY A 354 0.86 16.87 -28.78
C GLY A 354 1.77 18.04 -28.93
N ALA A 355 2.47 18.42 -27.85
CA ALA A 355 3.47 19.51 -27.97
C ALA A 355 4.76 18.93 -28.51
N ARG A 356 5.05 17.68 -28.12
CA ARG A 356 6.20 16.96 -28.69
C ARG A 356 6.17 17.00 -30.21
N ILE A 357 5.02 16.67 -30.80
CA ILE A 357 4.98 16.60 -32.24
C ILE A 357 4.95 18.00 -32.88
N LEU A 358 4.35 18.96 -32.20
CA LEU A 358 4.46 20.36 -32.67
C LEU A 358 5.91 20.76 -32.92
N ASN A 359 6.80 20.38 -32.01
CA ASN A 359 8.18 20.83 -32.08
C ASN A 359 8.86 20.31 -33.36
N THR A 360 8.88 19.01 -33.52
CA THR A 360 9.40 18.34 -34.70
C THR A 360 8.79 18.92 -36.00
N LEU A 361 7.50 19.21 -35.99
CA LEU A 361 6.87 19.85 -37.14
C LEU A 361 7.56 21.18 -37.36
N LEU A 362 7.64 21.98 -36.29
CA LEU A 362 8.08 23.36 -36.39
C LEU A 362 9.51 23.51 -36.88
N PHE A 363 10.41 22.73 -36.34
CA PHE A 363 11.82 22.83 -36.65
C PHE A 363 12.20 22.22 -38.02
N GLU A 364 11.43 21.24 -38.50
CA GLU A 364 11.67 20.70 -39.85
C GLU A 364 11.07 21.67 -40.89
N MET A 365 9.96 22.32 -40.56
CA MET A 365 9.36 23.30 -41.47
C MET A 365 10.34 24.46 -41.72
N LYS A 366 10.98 24.89 -40.64
CA LYS A 366 12.03 25.90 -40.72
C LYS A 366 13.23 25.38 -41.53
N ARG A 367 13.73 24.21 -41.15
CA ARG A 367 14.94 23.62 -41.70
C ARG A 367 14.85 23.28 -43.19
N ARG A 368 13.71 22.75 -43.63
CA ARG A 368 13.54 22.44 -45.07
C ARG A 368 12.83 23.52 -45.87
N GLY A 369 12.21 24.47 -45.18
CA GLY A 369 11.51 25.58 -45.83
C GLY A 369 10.12 25.18 -46.31
N ALA A 370 9.42 24.40 -45.48
CA ALA A 370 8.02 24.10 -45.70
C ALA A 370 7.16 25.29 -45.34
N ARG A 371 6.28 25.70 -46.24
CA ARG A 371 5.36 26.79 -45.94
C ARG A 371 4.16 26.36 -45.11
N LYS A 372 3.55 25.22 -45.44
CA LYS A 372 2.30 24.79 -44.77
C LYS A 372 2.47 23.45 -44.05
N GLY A 373 1.93 23.35 -42.85
CA GLY A 373 2.08 22.12 -42.07
C GLY A 373 0.92 21.79 -41.16
N LEU A 374 0.89 20.56 -40.67
CA LEU A 374 -0.25 20.12 -39.86
C LEU A 374 0.11 19.02 -38.86
N ALA A 375 -0.31 19.22 -37.62
CA ALA A 375 -0.03 18.22 -36.59
C ALA A 375 -1.37 17.68 -36.17
N THR A 376 -1.41 16.39 -35.87
CA THR A 376 -2.60 15.82 -35.33
C THR A 376 -2.36 14.52 -34.56
N LEU A 377 -3.16 14.36 -33.52
CA LEU A 377 -3.08 13.17 -32.66
C LEU A 377 -4.46 12.55 -32.48
N CYS A 378 -4.49 11.23 -32.39
CA CYS A 378 -5.66 10.51 -31.94
C CYS A 378 -5.76 10.58 -30.41
N ILE A 379 -6.97 10.48 -29.89
CA ILE A 379 -7.22 10.71 -28.48
C ILE A 379 -8.11 9.62 -27.90
N GLY A 380 -7.69 9.06 -26.75
CA GLY A 380 -8.45 8.05 -26.03
C GLY A 380 -9.81 8.58 -25.70
N GLY A 381 -10.76 7.67 -25.48
CA GLY A 381 -12.16 8.04 -25.30
C GLY A 381 -12.88 8.47 -26.56
N GLY A 382 -12.17 8.54 -27.69
CA GLY A 382 -12.79 8.71 -29.02
C GLY A 382 -12.84 10.13 -29.56
N MET A 383 -11.71 10.72 -29.80
CA MET A 383 -11.64 12.09 -30.27
C MET A 383 -10.36 12.25 -31.07
N GLY A 384 -10.29 13.37 -31.81
CA GLY A 384 -9.00 13.84 -32.37
C GLY A 384 -8.77 15.31 -32.14
N VAL A 385 -7.52 15.74 -32.32
CA VAL A 385 -7.15 17.17 -32.38
C VAL A 385 -6.17 17.49 -33.53
N ALA A 386 -6.31 18.64 -34.16
CA ALA A 386 -5.40 18.98 -35.27
C ALA A 386 -5.20 20.45 -35.28
N MET A 387 -3.96 20.86 -35.60
CA MET A 387 -3.59 22.25 -35.70
C MET A 387 -2.84 22.55 -36.99
N CYS A 388 -3.27 23.59 -37.69
CA CYS A 388 -2.66 23.98 -38.98
C CYS A 388 -1.68 25.12 -38.76
N ILE A 389 -0.43 24.93 -39.21
CA ILE A 389 0.61 25.94 -39.03
C ILE A 389 1.14 26.40 -40.40
N GLU A 390 1.24 27.71 -40.56
CA GLU A 390 1.89 28.30 -41.72
C GLU A 390 3.13 29.08 -41.29
N SER A 391 4.12 29.12 -42.15
CA SER A 391 5.35 29.85 -41.84
C SER A 391 5.37 31.23 -42.50
N LEU A 392 5.87 32.22 -41.76
CA LEU A 392 5.92 33.62 -42.19
C LEU A 392 7.11 33.96 -43.12
N SER B 4 -22.56 39.46 -26.19
CA SER B 4 -21.75 38.49 -26.97
C SER B 4 -22.13 37.07 -26.49
N ILE B 5 -21.69 36.65 -25.31
CA ILE B 5 -21.91 35.25 -24.82
C ILE B 5 -22.76 35.20 -23.54
N VAL B 6 -23.72 34.28 -23.49
CA VAL B 6 -24.65 34.23 -22.36
C VAL B 6 -24.72 32.84 -21.77
N ILE B 7 -24.97 32.76 -20.47
CA ILE B 7 -25.29 31.49 -19.82
C ILE B 7 -26.81 31.27 -19.95
N ALA B 8 -27.20 30.45 -20.92
CA ALA B 8 -28.60 30.14 -21.20
C ALA B 8 -29.31 29.36 -20.07
N SER B 9 -28.55 28.60 -19.31
CA SER B 9 -29.13 27.76 -18.24
C SER B 9 -28.04 27.25 -17.30
N ALA B 10 -28.37 26.92 -16.06
CA ALA B 10 -27.37 26.34 -15.17
C ALA B 10 -28.01 25.39 -14.21
N ALA B 11 -27.18 24.56 -13.58
CA ALA B 11 -27.65 23.62 -12.60
C ALA B 11 -26.48 23.18 -11.72
N ARG B 12 -26.81 22.60 -10.56
CA ARG B 12 -25.80 22.03 -9.71
C ARG B 12 -26.43 20.98 -8.80
N THR B 13 -25.62 20.04 -8.35
CA THR B 13 -26.10 19.11 -7.35
C THR B 13 -26.03 19.77 -5.98
N ALA B 14 -26.96 19.38 -5.10
CA ALA B 14 -26.67 19.51 -3.68
C ALA B 14 -25.19 19.18 -3.46
N VAL B 15 -24.50 19.98 -2.67
CA VAL B 15 -23.13 19.72 -2.30
C VAL B 15 -23.22 18.74 -1.13
N GLY B 16 -22.51 17.61 -1.21
CA GLY B 16 -22.53 16.59 -0.15
C GLY B 16 -21.36 16.65 0.82
N SER B 17 -21.53 16.09 2.00
CA SER B 17 -20.46 16.07 3.00
C SER B 17 -19.42 15.01 2.76
N PHE B 18 -18.28 15.20 3.39
CA PHE B 18 -17.19 14.30 3.25
C PHE B 18 -17.72 12.94 3.64
N ASN B 19 -17.65 12.03 2.67
CA ASN B 19 -18.08 10.66 2.92
C ASN B 19 -19.52 10.55 3.43
N GLY B 20 -20.37 11.49 2.98
CA GLY B 20 -21.78 11.49 3.27
C GLY B 20 -22.61 11.00 2.08
N ALA B 21 -23.42 11.88 1.50
CA ALA B 21 -24.43 11.45 0.53
C ALA B 21 -23.80 10.75 -0.65
N PHE B 22 -22.76 11.37 -1.19
CA PHE B 22 -22.04 10.89 -2.37
C PHE B 22 -20.73 10.15 -2.01
N ALA B 23 -20.63 9.61 -0.81
CA ALA B 23 -19.38 8.94 -0.38
C ALA B 23 -18.76 8.04 -1.50
N ASN B 24 -19.61 7.21 -2.13
CA ASN B 24 -19.16 6.26 -3.15
C ASN B 24 -19.56 6.64 -4.60
N THR B 25 -20.01 7.89 -4.81
CA THR B 25 -20.48 8.37 -6.12
C THR B 25 -19.37 9.07 -6.88
N PRO B 26 -18.86 8.44 -7.94
CA PRO B 26 -17.80 9.06 -8.74
C PRO B 26 -18.16 10.45 -9.30
N ALA B 27 -17.18 11.30 -9.47
CA ALA B 27 -17.43 12.67 -9.86
C ALA B 27 -18.26 12.77 -11.14
N HIS B 28 -17.88 12.01 -12.20
CA HIS B 28 -18.53 12.12 -13.53
C HIS B 28 -20.02 11.75 -13.58
N GLU B 29 -20.48 10.93 -12.65
CA GLU B 29 -21.92 10.70 -12.52
C GLU B 29 -22.67 12.00 -12.10
N LEU B 30 -22.07 12.78 -11.19
CA LEU B 30 -22.63 14.06 -10.76
C LEU B 30 -22.55 15.04 -11.91
N GLY B 31 -21.47 14.96 -12.67
CA GLY B 31 -21.30 15.87 -13.79
C GLY B 31 -22.31 15.67 -14.89
N ALA B 32 -22.68 14.41 -15.14
CA ALA B 32 -23.62 14.05 -16.21
C ALA B 32 -25.03 14.50 -15.84
N THR B 33 -25.38 14.30 -14.57
CA THR B 33 -26.70 14.70 -14.06
C THR B 33 -26.88 16.18 -14.26
N VAL B 34 -25.84 16.94 -13.98
CA VAL B 34 -25.86 18.38 -14.18
C VAL B 34 -25.81 18.76 -15.65
N ILE B 35 -25.07 17.99 -16.47
CA ILE B 35 -25.06 18.24 -17.93
C ILE B 35 -26.46 18.03 -18.51
N SER B 36 -27.05 16.90 -18.15
CA SER B 36 -28.41 16.60 -18.54
C SER B 36 -29.30 17.74 -18.15
N ALA B 37 -29.14 18.22 -16.92
CA ALA B 37 -30.03 19.27 -16.37
C ALA B 37 -30.01 20.59 -17.17
N VAL B 38 -28.82 21.08 -17.51
CA VAL B 38 -28.71 22.39 -18.21
C VAL B 38 -29.24 22.29 -19.63
N LEU B 39 -29.16 21.08 -20.19
CA LEU B 39 -29.79 20.80 -21.48
C LEU B 39 -31.29 20.87 -21.33
N GLU B 40 -31.82 20.17 -20.33
CA GLU B 40 -33.26 20.19 -20.13
C GLU B 40 -33.76 21.59 -19.84
N ARG B 41 -33.05 22.29 -18.96
CA ARG B 41 -33.48 23.61 -18.56
C ARG B 41 -33.38 24.69 -19.68
N ALA B 42 -32.51 24.51 -20.66
CA ALA B 42 -32.42 25.47 -21.76
C ALA B 42 -33.32 25.10 -22.94
N GLY B 43 -33.75 23.84 -23.02
CA GLY B 43 -34.52 23.36 -24.20
C GLY B 43 -33.56 22.97 -25.33
N VAL B 44 -32.36 22.53 -24.95
CA VAL B 44 -31.33 22.17 -25.89
C VAL B 44 -31.11 20.66 -25.87
N ALA B 45 -31.04 20.04 -27.04
CA ALA B 45 -30.78 18.60 -27.09
C ALA B 45 -29.29 18.35 -26.94
N ALA B 46 -28.94 17.31 -26.20
CA ALA B 46 -27.54 16.88 -26.09
C ALA B 46 -26.87 16.82 -27.50
N GLY B 47 -27.64 16.45 -28.52
CA GLY B 47 -27.11 16.35 -29.89
C GLY B 47 -26.42 17.61 -30.38
N GLU B 48 -26.91 18.76 -29.87
CA GLU B 48 -26.44 20.08 -30.26
C GLU B 48 -25.19 20.54 -29.50
N VAL B 49 -24.82 19.80 -28.47
CA VAL B 49 -23.65 20.19 -27.68
C VAL B 49 -22.36 19.93 -28.45
N ASN B 50 -21.53 20.96 -28.65
CA ASN B 50 -20.21 20.79 -29.28
C ASN B 50 -19.10 20.27 -28.37
N GLU B 51 -19.10 20.69 -27.10
CA GLU B 51 -18.04 20.29 -26.16
C GLU B 51 -18.46 20.46 -24.70
N VAL B 52 -17.99 19.58 -23.82
CA VAL B 52 -18.15 19.65 -22.38
C VAL B 52 -16.76 19.95 -21.78
N ILE B 53 -16.62 21.03 -21.01
CA ILE B 53 -15.37 21.39 -20.35
C ILE B 53 -15.57 21.38 -18.82
N LEU B 54 -14.93 20.42 -18.14
CA LEU B 54 -15.20 20.24 -16.68
C LEU B 54 -13.94 20.39 -15.81
N GLY B 55 -13.92 21.42 -14.99
CA GLY B 55 -12.89 21.53 -13.96
C GLY B 55 -12.98 20.36 -13.00
N GLN B 56 -11.86 19.71 -12.76
CA GLN B 56 -11.77 18.66 -11.73
C GLN B 56 -10.31 18.70 -11.31
N VAL B 57 -10.04 18.50 -10.00
CA VAL B 57 -8.69 18.53 -9.39
C VAL B 57 -8.24 17.16 -8.91
N LEU B 58 -9.19 16.31 -8.52
CA LEU B 58 -8.87 14.98 -7.96
C LEU B 58 -9.50 13.81 -8.72
N PRO B 59 -9.06 13.59 -9.96
CA PRO B 59 -9.64 12.55 -10.78
C PRO B 59 -8.93 11.20 -10.65
N ALA B 60 -7.93 11.12 -9.80
CA ALA B 60 -7.12 9.92 -9.76
C ALA B 60 -7.99 8.66 -9.48
N GLY B 61 -7.76 7.59 -10.26
CA GLY B 61 -8.49 6.32 -10.11
C GLY B 61 -9.87 6.22 -10.75
N GLU B 62 -10.40 7.34 -11.25
CA GLU B 62 -11.70 7.38 -11.95
C GLU B 62 -11.65 6.99 -13.43
N GLY B 63 -10.46 6.97 -14.03
CA GLY B 63 -10.27 6.55 -15.42
C GLY B 63 -10.15 7.66 -16.45
N GLN B 64 -9.84 7.26 -17.70
CA GLN B 64 -9.58 8.21 -18.76
C GLN B 64 -10.62 9.26 -18.73
N ASN B 65 -10.18 10.51 -18.53
CA ASN B 65 -10.93 11.72 -18.83
C ASN B 65 -12.40 11.73 -18.38
N PRO B 66 -12.64 11.79 -17.06
CA PRO B 66 -13.98 11.86 -16.46
C PRO B 66 -14.95 12.83 -17.12
N ALA B 67 -14.42 13.92 -17.68
CA ALA B 67 -15.28 14.88 -18.39
C ALA B 67 -15.98 14.17 -19.57
N ARG B 68 -15.19 13.42 -20.34
CA ARG B 68 -15.71 12.60 -21.45
C ARG B 68 -16.72 11.59 -20.96
N GLN B 69 -16.46 11.03 -19.78
CA GLN B 69 -17.34 10.03 -19.19
C GLN B 69 -18.65 10.71 -18.77
N ALA B 70 -18.54 11.90 -18.18
CA ALA B 70 -19.68 12.75 -17.85
C ALA B 70 -20.56 12.95 -19.07
N ALA B 71 -19.95 13.50 -20.13
CA ALA B 71 -20.68 13.86 -21.34
C ALA B 71 -21.41 12.64 -21.93
N MET B 72 -20.68 11.53 -22.06
CA MET B 72 -21.22 10.34 -22.70
C MET B 72 -22.44 9.83 -21.96
N LYS B 73 -22.34 9.69 -20.65
CA LYS B 73 -23.45 9.30 -19.79
C LYS B 73 -24.62 10.31 -19.79
N ALA B 74 -24.34 11.57 -20.02
CA ALA B 74 -25.39 12.56 -20.27
C ALA B 74 -26.14 12.34 -21.63
N GLY B 75 -25.65 11.44 -22.46
CA GLY B 75 -26.16 11.26 -23.84
C GLY B 75 -25.59 12.21 -24.88
N VAL B 76 -24.58 13.00 -24.52
CA VAL B 76 -23.90 13.90 -25.43
C VAL B 76 -23.19 13.06 -26.45
N PRO B 77 -23.25 13.44 -27.74
CA PRO B 77 -22.89 12.47 -28.77
C PRO B 77 -21.39 12.33 -28.94
N GLN B 78 -20.99 11.18 -29.46
CA GLN B 78 -19.55 10.88 -29.62
C GLN B 78 -18.80 11.86 -30.51
N GLU B 79 -19.52 12.54 -31.41
CA GLU B 79 -18.91 13.50 -32.33
C GLU B 79 -18.41 14.73 -31.61
N ALA B 80 -19.10 15.14 -30.55
CA ALA B 80 -18.60 16.17 -29.66
C ALA B 80 -17.29 15.78 -28.94
N THR B 81 -16.74 16.72 -28.21
CA THR B 81 -15.46 16.54 -27.52
C THR B 81 -15.60 16.91 -26.05
N ALA B 82 -14.72 16.41 -25.20
CA ALA B 82 -14.78 16.85 -23.80
C ALA B 82 -13.42 16.78 -23.14
N TRP B 83 -13.17 17.69 -22.19
CA TRP B 83 -11.93 17.66 -21.42
C TRP B 83 -12.03 18.20 -20.00
N GLY B 84 -11.01 17.89 -19.21
CA GLY B 84 -10.89 18.39 -17.85
C GLY B 84 -9.73 19.37 -17.74
N MET B 85 -9.84 20.24 -16.74
CA MET B 85 -8.79 21.21 -16.48
C MET B 85 -8.66 21.41 -15.00
N ASN B 86 -7.46 21.79 -14.57
CA ASN B 86 -7.17 22.01 -13.16
C ASN B 86 -6.48 23.35 -12.95
N GLN B 87 -7.22 24.28 -12.38
CA GLN B 87 -6.64 25.46 -11.75
C GLN B 87 -7.16 25.53 -10.32
N LEU B 88 -7.05 24.40 -9.63
CA LEU B 88 -7.47 24.26 -8.24
C LEU B 88 -8.84 24.87 -7.99
N CYS B 89 -8.97 25.72 -6.96
CA CYS B 89 -10.30 26.23 -6.55
C CYS B 89 -10.98 27.03 -7.67
N GLY B 90 -10.19 27.60 -8.55
CA GLY B 90 -10.75 28.36 -9.65
C GLY B 90 -11.37 27.53 -10.75
N SER B 91 -11.00 26.25 -10.81
CA SER B 91 -11.30 25.40 -11.95
C SER B 91 -12.77 25.42 -12.46
N GLY B 92 -13.75 25.42 -11.57
CA GLY B 92 -15.15 25.44 -12.00
C GLY B 92 -15.58 26.68 -12.77
N LEU B 93 -15.01 27.83 -12.42
CA LEU B 93 -15.46 29.09 -12.98
C LEU B 93 -14.66 29.43 -14.23
N ARG B 94 -13.36 29.11 -14.19
CA ARG B 94 -12.45 29.21 -15.37
C ARG B 94 -12.91 28.37 -16.56
N ALA B 95 -13.43 27.17 -16.30
CA ALA B 95 -14.02 26.35 -17.38
C ALA B 95 -15.07 27.15 -18.17
N VAL B 96 -15.93 27.87 -17.46
CA VAL B 96 -16.99 28.65 -18.08
C VAL B 96 -16.37 29.76 -18.92
N ALA B 97 -15.30 30.39 -18.40
CA ALA B 97 -14.60 31.43 -19.15
C ALA B 97 -13.88 30.82 -20.34
N LEU B 98 -13.34 29.61 -20.14
CA LEU B 98 -12.80 28.79 -21.25
C LEU B 98 -13.86 28.35 -22.23
N GLY B 99 -15.06 28.04 -21.74
CA GLY B 99 -16.20 27.69 -22.60
C GLY B 99 -16.56 28.88 -23.48
N MET B 100 -16.63 30.04 -22.84
CA MET B 100 -16.91 31.31 -23.49
C MET B 100 -15.99 31.56 -24.65
N GLN B 101 -14.70 31.29 -24.41
CA GLN B 101 -13.66 31.55 -25.40
C GLN B 101 -13.78 30.65 -26.62
N GLN B 102 -14.26 29.43 -26.42
CA GLN B 102 -14.51 28.54 -27.55
C GLN B 102 -15.52 29.17 -28.49
N ILE B 103 -16.64 29.64 -27.93
CA ILE B 103 -17.73 30.29 -28.70
C ILE B 103 -17.29 31.63 -29.27
N ALA B 104 -16.66 32.45 -28.46
CA ALA B 104 -16.14 33.75 -28.87
C ALA B 104 -15.20 33.69 -30.10
N THR B 105 -14.42 32.63 -30.20
CA THR B 105 -13.49 32.50 -31.34
C THR B 105 -14.01 31.69 -32.56
N GLY B 106 -15.30 31.31 -32.55
CA GLY B 106 -15.91 30.56 -33.65
C GLY B 106 -15.62 29.05 -33.69
N ASP B 107 -15.06 28.51 -32.63
CA ASP B 107 -14.67 27.10 -32.59
C ASP B 107 -15.77 26.19 -32.03
N ALA B 108 -16.89 26.79 -31.62
CA ALA B 108 -18.01 26.10 -30.97
C ALA B 108 -19.23 27.00 -30.94
N SER B 109 -20.42 26.40 -30.98
CA SER B 109 -21.69 27.13 -30.87
C SER B 109 -22.29 26.94 -29.47
N ILE B 110 -22.27 25.70 -28.97
CA ILE B 110 -22.87 25.33 -27.69
C ILE B 110 -21.91 24.53 -26.81
N ILE B 111 -21.65 25.07 -25.62
CA ILE B 111 -20.66 24.55 -24.70
C ILE B 111 -21.30 24.33 -23.36
N VAL B 112 -21.07 23.18 -22.75
CA VAL B 112 -21.42 22.98 -21.37
C VAL B 112 -20.13 23.14 -20.55
N ALA B 113 -20.09 24.11 -19.64
CA ALA B 113 -18.90 24.38 -18.84
C ALA B 113 -19.19 24.46 -17.33
N GLY B 114 -18.25 23.97 -16.51
CA GLY B 114 -18.33 24.02 -15.04
C GLY B 114 -17.30 23.10 -14.37
N GLY B 115 -17.69 22.40 -13.31
CA GLY B 115 -16.74 21.51 -12.64
C GLY B 115 -17.40 20.40 -11.84
N MET B 116 -16.61 19.50 -11.31
CA MET B 116 -17.14 18.43 -10.52
C MET B 116 -16.05 17.93 -9.62
N GLU B 117 -16.43 17.31 -8.49
CA GLU B 117 -15.41 16.79 -7.59
C GLU B 117 -15.97 15.73 -6.64
N SER B 118 -15.28 14.60 -6.57
CA SER B 118 -15.51 13.67 -5.47
C SER B 118 -14.24 13.66 -4.67
N MET B 119 -14.24 14.41 -3.56
CA MET B 119 -13.14 14.41 -2.63
C MET B 119 -13.25 13.16 -1.80
N SER B 120 -14.49 12.70 -1.61
CA SER B 120 -14.73 11.42 -0.97
C SER B 120 -14.09 10.26 -1.70
N MET B 121 -14.14 10.25 -3.03
CA MET B 121 -13.56 9.14 -3.82
C MET B 121 -12.09 9.36 -4.27
N ALA B 122 -11.45 10.43 -3.78
CA ALA B 122 -10.02 10.60 -4.01
C ALA B 122 -9.33 9.47 -3.31
N PRO B 123 -8.43 8.75 -3.99
CA PRO B 123 -7.79 7.55 -3.41
C PRO B 123 -6.49 7.87 -2.68
N HIS B 124 -5.98 6.88 -1.95
CA HIS B 124 -4.65 6.98 -1.37
C HIS B 124 -3.68 6.33 -2.34
N CYS B 125 -2.49 6.90 -2.49
CA CYS B 125 -1.55 6.44 -3.49
C CYS B 125 -0.13 6.33 -2.97
N ALA B 126 0.74 5.78 -3.81
CA ALA B 126 2.15 5.65 -3.51
C ALA B 126 2.91 5.22 -4.77
N HIS B 127 4.11 5.77 -4.98
CA HIS B 127 4.91 5.40 -6.14
C HIS B 127 5.75 4.18 -5.84
N LEU B 128 5.41 3.04 -6.45
CA LEU B 128 6.04 1.77 -6.10
C LEU B 128 6.76 1.07 -7.23
N ARG B 129 7.01 1.77 -8.32
CA ARG B 129 7.68 1.19 -9.50
C ARG B 129 9.16 0.85 -9.31
N GLY B 130 9.89 1.70 -8.60
CA GLY B 130 11.29 1.46 -8.29
C GLY B 130 11.47 0.29 -7.33
N GLY B 131 10.45 0.03 -6.52
CA GLY B 131 10.53 -0.97 -5.48
C GLY B 131 10.99 -0.34 -4.18
N VAL B 132 10.44 -0.87 -3.09
CA VAL B 132 10.84 -0.50 -1.74
C VAL B 132 11.71 -1.65 -1.24
N LYS B 133 13.02 -1.57 -1.43
CA LYS B 133 13.93 -2.68 -1.02
C LYS B 133 13.87 -2.93 0.47
N MET B 134 13.74 -1.87 1.25
CA MET B 134 13.77 -1.99 2.71
C MET B 134 13.25 -0.70 3.34
N GLY B 135 12.45 -0.86 4.40
CA GLY B 135 11.93 0.27 5.18
C GLY B 135 10.52 0.72 4.85
N ASP B 136 9.89 1.36 5.82
CA ASP B 136 8.50 1.80 5.71
C ASP B 136 8.33 2.81 4.59
N PHE B 137 7.15 2.84 3.98
CA PHE B 137 6.79 3.88 3.02
C PHE B 137 5.37 4.41 3.23
N LYS B 138 5.12 5.62 2.75
CA LYS B 138 3.88 6.29 3.00
C LYS B 138 2.88 6.08 1.88
N MET B 139 1.65 5.69 2.25
CA MET B 139 0.54 5.79 1.35
C MET B 139 0.02 7.19 1.58
N ILE B 140 0.02 7.98 0.51
CA ILE B 140 -0.31 9.39 0.52
C ILE B 140 -1.79 9.59 0.18
N ASP B 141 -2.39 10.64 0.74
CA ASP B 141 -3.78 11.00 0.52
C ASP B 141 -3.80 12.01 -0.61
N THR B 142 -4.19 11.56 -1.78
CA THR B 142 -4.14 12.41 -2.95
C THR B 142 -4.99 13.66 -2.76
N MET B 143 -6.07 13.56 -1.98
CA MET B 143 -6.92 14.71 -1.75
C MET B 143 -6.15 15.84 -1.04
N ILE B 144 -5.40 15.50 0.01
CA ILE B 144 -4.61 16.48 0.75
C ILE B 144 -3.32 16.87 0.02
N LYS B 145 -2.70 15.90 -0.65
CA LYS B 145 -1.46 16.14 -1.36
C LYS B 145 -1.68 16.99 -2.61
N ASP B 146 -2.69 16.66 -3.41
CA ASP B 146 -2.88 17.33 -4.72
C ASP B 146 -3.95 18.41 -4.72
N GLY B 147 -4.73 18.46 -3.63
CA GLY B 147 -5.84 19.42 -3.49
C GLY B 147 -5.63 20.49 -2.44
N LEU B 148 -5.03 20.12 -1.29
CA LEU B 148 -5.04 20.94 -0.07
C LEU B 148 -3.68 21.37 0.54
N THR B 149 -2.55 20.89 0.02
CA THR B 149 -1.22 21.32 0.52
C THR B 149 -0.50 22.22 -0.50
N ASP B 150 0.09 23.32 -0.06
CA ASP B 150 0.86 24.17 -0.97
C ASP B 150 2.13 23.48 -1.43
N ALA B 151 2.39 23.49 -2.74
CA ALA B 151 3.52 22.72 -3.30
C ALA B 151 4.87 23.32 -2.97
N PHE B 152 4.89 24.61 -2.71
CA PHE B 152 6.13 25.33 -2.47
C PHE B 152 6.47 25.26 -0.98
N TYR B 153 5.62 25.83 -0.13
CA TYR B 153 5.91 25.93 1.33
C TYR B 153 5.51 24.69 2.12
N GLY B 154 4.78 23.78 1.48
CA GLY B 154 4.53 22.45 2.03
C GLY B 154 3.51 22.33 3.15
N TYR B 155 2.75 23.39 3.42
CA TYR B 155 1.73 23.34 4.47
C TYR B 155 0.32 23.32 3.88
N HIS B 156 -0.67 23.03 4.72
CA HIS B 156 -2.10 23.04 4.34
C HIS B 156 -2.57 24.46 4.04
N MET B 157 -3.60 24.57 3.20
CA MET B 157 -4.24 25.86 2.89
C MET B 157 -4.69 26.68 4.11
N GLY B 158 -4.97 26.02 5.23
CA GLY B 158 -5.32 26.70 6.48
C GLY B 158 -4.22 27.56 7.09
N THR B 159 -2.97 27.15 6.91
CA THR B 159 -1.80 27.93 7.32
C THR B 159 -1.62 29.18 6.45
N THR B 160 -2.05 29.11 5.18
CA THR B 160 -2.08 30.32 4.35
C THR B 160 -3.15 31.21 4.96
N ALA B 161 -4.29 30.62 5.28
CA ALA B 161 -5.37 31.35 5.92
C ALA B 161 -4.89 32.09 7.20
N GLU B 162 -3.96 31.48 7.94
CA GLU B 162 -3.35 32.13 9.10
C GLU B 162 -2.47 33.29 8.70
N ASN B 163 -1.81 33.18 7.55
CA ASN B 163 -0.95 34.25 7.09
C ASN B 163 -1.77 35.50 6.77
N VAL B 164 -2.98 35.29 6.24
CA VAL B 164 -3.90 36.39 5.95
C VAL B 164 -4.50 36.94 7.25
N ALA B 165 -4.85 36.04 8.16
CA ALA B 165 -5.38 36.43 9.46
C ALA B 165 -4.47 37.42 10.16
N LYS B 166 -3.18 37.09 10.23
CA LYS B 166 -2.20 37.94 10.93
C LYS B 166 -1.84 39.22 10.15
N GLN B 167 -1.73 39.13 8.83
CA GLN B 167 -1.34 40.28 8.01
C GLN B 167 -2.42 41.35 8.03
N TRP B 168 -3.68 40.92 8.00
CA TRP B 168 -4.83 41.81 8.11
C TRP B 168 -5.38 41.96 9.54
N GLN B 169 -4.65 41.40 10.51
CA GLN B 169 -4.98 41.44 11.95
C GLN B 169 -6.44 41.12 12.27
N LEU B 170 -6.92 40.04 11.67
CA LEU B 170 -8.28 39.55 11.83
C LEU B 170 -8.40 38.62 13.04
N SER B 171 -9.20 39.01 14.01
CA SER B 171 -9.34 38.24 15.25
C SER B 171 -10.15 36.95 15.07
N ARG B 172 -9.93 36.04 16.00
CA ARG B 172 -10.74 34.85 16.16
C ARG B 172 -12.22 35.22 16.20
N ASP B 173 -12.58 36.18 17.06
CA ASP B 173 -13.97 36.63 17.19
C ASP B 173 -14.54 37.09 15.86
N GLU B 174 -13.80 37.94 15.13
CA GLU B 174 -14.27 38.35 13.80
C GLU B 174 -14.51 37.16 12.84
N GLN B 175 -13.65 36.14 12.87
CA GLN B 175 -13.80 34.99 11.95
C GLN B 175 -14.99 34.09 12.30
N ASP B 176 -15.19 33.85 13.61
CA ASP B 176 -16.32 33.06 14.08
C ASP B 176 -17.66 33.70 13.71
N ALA B 177 -17.82 34.99 13.98
CA ALA B 177 -19.08 35.68 13.67
C ALA B 177 -19.38 35.49 12.20
N PHE B 178 -18.43 35.84 11.34
CA PHE B 178 -18.57 35.61 9.90
C PHE B 178 -18.97 34.17 9.60
N ALA B 179 -18.32 33.22 10.27
CA ALA B 179 -18.59 31.78 10.05
C ALA B 179 -20.06 31.45 10.33
N VAL B 180 -20.57 31.97 11.44
CA VAL B 180 -21.96 31.82 11.88
C VAL B 180 -22.93 32.56 10.94
N ALA B 181 -22.56 33.77 10.53
CA ALA B 181 -23.38 34.54 9.60
C ALA B 181 -23.58 33.81 8.24
N SER B 182 -22.58 33.02 7.83
CA SER B 182 -22.65 32.20 6.64
C SER B 182 -23.62 31.04 6.83
N GLN B 183 -23.51 30.38 7.98
CA GLN B 183 -24.37 29.22 8.30
C GLN B 183 -25.83 29.65 8.39
N ASN B 184 -26.08 30.74 9.10
CA ASN B 184 -27.43 31.26 9.30
C ASN B 184 -28.09 31.76 8.00
N LYS B 185 -27.37 32.52 7.20
CA LYS B 185 -27.91 32.97 5.92
C LYS B 185 -28.21 31.75 5.08
N ALA B 186 -27.30 30.78 5.10
CA ALA B 186 -27.44 29.61 4.28
C ALA B 186 -28.65 28.75 4.67
N GLU B 187 -28.89 28.58 5.98
CA GLU B 187 -30.05 27.82 6.47
C GLU B 187 -31.37 28.50 6.12
N ALA B 188 -31.39 29.83 6.24
CA ALA B 188 -32.56 30.64 5.91
C ALA B 188 -32.91 30.49 4.42
N ALA B 189 -31.90 30.65 3.57
CA ALA B 189 -32.05 30.49 2.11
C ALA B 189 -32.47 29.05 1.76
N GLN B 190 -32.07 28.07 2.56
CA GLN B 190 -32.48 26.69 2.38
C GLN B 190 -33.95 26.58 2.77
N LYS B 191 -34.28 26.97 4.01
CA LYS B 191 -35.63 26.81 4.51
C LYS B 191 -36.64 27.55 3.61
N ASP B 192 -36.26 28.73 3.11
CA ASP B 192 -37.12 29.54 2.25
C ASP B 192 -37.24 28.96 0.84
N GLY B 193 -36.41 27.99 0.51
CA GLY B 193 -36.46 27.36 -0.79
C GLY B 193 -35.56 27.99 -1.84
N ARG B 194 -34.72 28.96 -1.45
CA ARG B 194 -33.90 29.68 -2.46
C ARG B 194 -32.83 28.82 -3.16
N PHE B 195 -32.50 27.65 -2.60
CA PHE B 195 -31.63 26.71 -3.29
C PHE B 195 -32.34 25.80 -4.31
N LYS B 196 -33.68 25.78 -4.28
CA LYS B 196 -34.44 24.81 -5.10
C LYS B 196 -34.27 24.98 -6.63
N ASP B 197 -34.23 26.22 -7.10
CA ASP B 197 -34.09 26.48 -8.54
C ASP B 197 -32.76 25.93 -9.06
N GLU B 198 -31.67 26.32 -8.43
CA GLU B 198 -30.34 25.85 -8.88
C GLU B 198 -30.09 24.33 -8.70
N ILE B 199 -30.51 23.75 -7.59
CA ILE B 199 -30.25 22.34 -7.35
C ILE B 199 -31.04 21.45 -8.33
N VAL B 200 -30.39 20.40 -8.86
CA VAL B 200 -31.09 19.35 -9.57
C VAL B 200 -30.96 18.10 -8.71
N PRO B 201 -32.08 17.45 -8.39
CA PRO B 201 -31.89 16.30 -7.51
C PRO B 201 -30.94 15.30 -8.14
N PHE B 202 -30.19 14.59 -7.32
CA PHE B 202 -29.31 13.52 -7.79
C PHE B 202 -29.77 12.17 -7.19
N ILE B 203 -29.91 11.15 -8.05
CA ILE B 203 -30.30 9.81 -7.61
C ILE B 203 -29.05 8.99 -7.30
N VAL B 204 -28.81 8.78 -6.01
CA VAL B 204 -27.77 7.89 -5.54
C VAL B 204 -28.26 6.46 -5.76
N LYS B 205 -27.75 5.83 -6.82
CA LYS B 205 -28.06 4.45 -7.12
C LYS B 205 -27.53 3.57 -6.00
N GLY B 206 -28.45 2.97 -5.26
CA GLY B 206 -28.09 2.07 -4.19
C GLY B 206 -28.28 0.62 -4.62
N ARG B 207 -28.44 -0.23 -3.61
CA ARG B 207 -28.69 -1.66 -3.81
C ARG B 207 -29.96 -2.02 -3.05
N LYS B 208 -29.99 -1.70 -1.75
CA LYS B 208 -31.22 -1.78 -0.95
C LYS B 208 -31.88 -0.39 -0.88
N GLY B 209 -32.16 0.20 -2.04
CA GLY B 209 -32.88 1.48 -2.11
C GLY B 209 -32.09 2.65 -2.68
N ASP B 210 -32.66 3.33 -3.68
CA ASP B 210 -32.12 4.57 -4.23
C ASP B 210 -32.49 5.73 -3.32
N ILE B 211 -31.71 6.80 -3.41
CA ILE B 211 -31.80 7.94 -2.50
C ILE B 211 -31.70 9.17 -3.36
N THR B 212 -32.72 10.03 -3.26
CA THR B 212 -32.70 11.33 -3.93
C THR B 212 -32.07 12.38 -2.99
N VAL B 213 -30.94 12.97 -3.43
CA VAL B 213 -30.27 14.04 -2.72
C VAL B 213 -30.45 15.35 -3.45
N ASP B 214 -31.15 16.27 -2.78
CA ASP B 214 -31.51 17.58 -3.32
C ASP B 214 -31.52 18.69 -2.23
N ALA B 215 -31.03 18.35 -1.02
CA ALA B 215 -30.68 19.34 -0.02
C ALA B 215 -29.18 19.25 0.29
N ASP B 216 -28.49 20.41 0.24
CA ASP B 216 -27.06 20.53 0.56
C ASP B 216 -26.88 20.07 2.00
N GLU B 217 -26.19 18.95 2.27
CA GLU B 217 -26.28 18.30 3.61
C GLU B 217 -25.30 18.81 4.67
N TYR B 218 -24.32 19.61 4.25
CA TYR B 218 -23.26 20.09 5.14
C TYR B 218 -23.70 21.35 5.90
N ILE B 219 -24.75 22.01 5.40
CA ILE B 219 -25.31 23.18 6.09
C ILE B 219 -25.79 22.82 7.53
N ARG B 220 -25.15 23.44 8.52
CA ARG B 220 -25.52 23.22 9.90
C ARG B 220 -26.71 24.06 10.26
N HIS B 221 -27.65 23.47 11.01
CA HIS B 221 -28.85 24.20 11.40
C HIS B 221 -28.74 24.68 12.83
N GLY B 222 -29.04 25.97 13.05
CA GLY B 222 -29.01 26.57 14.38
C GLY B 222 -27.61 26.69 14.93
N ALA B 223 -26.65 27.05 14.06
CA ALA B 223 -25.25 27.24 14.45
C ALA B 223 -25.07 28.34 15.52
N THR B 224 -24.36 28.00 16.58
CA THR B 224 -24.17 28.91 17.71
C THR B 224 -22.77 29.49 17.66
N LEU B 225 -22.62 30.71 18.16
CA LEU B 225 -21.31 31.35 18.31
C LEU B 225 -20.48 30.59 19.35
N ASP B 226 -21.15 30.03 20.36
CA ASP B 226 -20.48 29.29 21.45
C ASP B 226 -19.79 28.00 20.99
N SER B 227 -20.34 27.35 19.97
CA SER B 227 -19.75 26.14 19.42
C SER B 227 -18.70 26.51 18.38
N MET B 228 -18.70 27.76 17.97
CA MET B 228 -17.66 28.29 17.09
C MET B 228 -16.43 28.69 17.92
N ALA B 229 -16.66 29.12 19.15
CA ALA B 229 -15.61 29.64 20.04
C ALA B 229 -14.81 28.55 20.76
N LYS B 230 -15.42 27.39 20.93
CA LYS B 230 -14.83 26.30 21.71
C LYS B 230 -13.89 25.39 20.93
N LEU B 231 -14.03 25.34 19.61
CA LEU B 231 -13.16 24.51 18.78
C LEU B 231 -11.71 24.94 18.92
N ARG B 232 -10.80 23.98 19.02
CA ARG B 232 -9.35 24.27 18.98
C ARG B 232 -8.92 24.52 17.53
N PRO B 233 -7.88 25.38 17.33
CA PRO B 233 -7.36 25.67 15.97
C PRO B 233 -6.87 24.43 15.20
N ALA B 234 -7.29 24.31 13.95
CA ALA B 234 -7.04 23.11 13.13
C ALA B 234 -5.62 23.01 12.58
N PHE B 235 -4.96 24.15 12.36
CA PHE B 235 -3.64 24.16 11.71
C PHE B 235 -2.51 24.64 12.62
N ASP B 236 -2.53 25.92 12.99
CA ASP B 236 -1.57 26.46 13.94
C ASP B 236 -2.16 26.31 15.36
N LYS B 237 -1.52 25.47 16.17
CA LYS B 237 -2.05 25.11 17.50
C LYS B 237 -2.02 26.26 18.51
N GLU B 238 -1.50 27.41 18.10
CA GLU B 238 -1.72 28.65 18.82
C GLU B 238 -2.26 29.71 17.88
N GLY B 239 -3.07 29.28 16.91
CA GLY B 239 -3.59 30.16 15.86
C GLY B 239 -5.04 30.55 16.02
N THR B 240 -5.65 30.94 14.91
CA THR B 240 -7.00 31.50 14.93
C THR B 240 -8.03 30.83 13.97
N VAL B 241 -7.54 30.13 12.95
CA VAL B 241 -8.39 29.42 12.00
C VAL B 241 -8.72 28.01 12.50
N THR B 242 -9.96 27.58 12.28
CA THR B 242 -10.52 26.37 12.87
C THR B 242 -11.38 25.60 11.84
N ALA B 243 -11.91 24.45 12.24
CA ALA B 243 -12.76 23.65 11.37
C ALA B 243 -14.15 24.27 11.27
N GLY B 244 -14.46 25.14 12.22
CA GLY B 244 -15.66 25.95 12.16
C GLY B 244 -15.59 27.06 11.11
N ASN B 245 -14.49 27.82 11.09
CA ASN B 245 -14.41 29.01 10.23
C ASN B 245 -13.73 28.74 8.89
N ALA B 246 -13.31 27.50 8.68
CA ALA B 246 -12.87 27.05 7.38
C ALA B 246 -13.99 26.31 6.67
N SER B 247 -13.86 26.20 5.35
CA SER B 247 -14.76 25.39 4.52
C SER B 247 -14.54 23.93 4.86
N GLY B 248 -15.28 23.05 4.18
CA GLY B 248 -15.14 21.62 4.41
C GLY B 248 -14.54 20.85 3.24
N LEU B 249 -14.58 19.52 3.38
CA LEU B 249 -14.27 18.60 2.32
C LEU B 249 -15.61 18.08 1.82
N ASN B 250 -15.90 18.26 0.54
CA ASN B 250 -17.25 17.98 0.03
C ASN B 250 -17.32 17.44 -1.40
N ASP B 251 -18.49 16.90 -1.75
CA ASP B 251 -18.73 16.39 -3.10
C ASP B 251 -19.80 17.23 -3.82
N GLY B 252 -19.66 17.35 -5.14
CA GLY B 252 -20.66 18.03 -5.95
C GLY B 252 -20.23 18.25 -7.38
N ALA B 253 -21.19 18.72 -8.18
CA ALA B 253 -20.91 19.22 -9.51
C ALA B 253 -21.78 20.46 -9.84
N ALA B 254 -21.37 21.18 -10.85
CA ALA B 254 -22.14 22.31 -11.32
C ALA B 254 -21.69 22.69 -12.70
N ALA B 255 -22.63 23.22 -13.46
CA ALA B 255 -22.38 23.50 -14.85
C ALA B 255 -23.33 24.57 -15.40
N ALA B 256 -22.90 25.20 -16.49
CA ALA B 256 -23.71 26.22 -17.17
C ALA B 256 -23.77 25.84 -18.61
N LEU B 257 -24.82 26.22 -19.33
CA LEU B 257 -24.87 25.99 -20.79
C LEU B 257 -24.66 27.30 -21.54
N LEU B 258 -23.53 27.43 -22.24
CA LEU B 258 -23.17 28.67 -22.93
C LEU B 258 -23.50 28.63 -24.43
N MET B 259 -23.89 29.79 -24.95
CA MET B 259 -24.06 29.98 -26.39
C MET B 259 -24.08 31.48 -26.61
N SER B 260 -24.15 31.91 -27.88
CA SER B 260 -24.16 33.34 -28.19
C SER B 260 -25.52 33.99 -27.88
N GLU B 261 -25.49 35.31 -27.66
CA GLU B 261 -26.70 36.06 -27.38
C GLU B 261 -27.66 35.95 -28.54
N ALA B 262 -27.13 35.93 -29.76
CA ALA B 262 -27.95 35.79 -30.95
C ALA B 262 -28.61 34.41 -30.95
N GLU B 263 -27.81 33.40 -30.59
CA GLU B 263 -28.27 32.02 -30.59
C GLU B 263 -29.37 31.78 -29.55
N ALA B 264 -29.21 32.33 -28.34
CA ALA B 264 -30.28 32.28 -27.35
C ALA B 264 -31.57 32.87 -27.94
N SER B 265 -31.46 34.05 -28.52
CA SER B 265 -32.59 34.74 -29.11
C SER B 265 -33.28 33.93 -30.25
N ARG B 266 -32.50 33.24 -31.07
CA ARG B 266 -33.03 32.32 -32.08
C ARG B 266 -33.83 31.19 -31.50
N ARG B 267 -33.37 30.65 -30.39
CA ARG B 267 -34.01 29.51 -29.75
C ARG B 267 -35.20 29.86 -28.82
N GLY B 268 -35.49 31.16 -28.68
CA GLY B 268 -36.46 31.58 -27.69
C GLY B 268 -35.99 31.46 -26.26
N ILE B 269 -34.68 31.32 -26.03
CA ILE B 269 -34.17 31.21 -24.65
C ILE B 269 -34.00 32.59 -23.98
N GLN B 270 -34.45 32.71 -22.74
CA GLN B 270 -34.19 33.87 -21.90
C GLN B 270 -33.06 33.46 -20.96
N PRO B 271 -31.87 34.01 -21.18
CA PRO B 271 -30.72 33.55 -20.43
C PRO B 271 -30.61 34.06 -19.02
N LEU B 272 -29.97 33.25 -18.19
CA LEU B 272 -29.60 33.63 -16.82
C LEU B 272 -28.67 34.84 -16.77
N GLY B 273 -27.85 35.03 -17.80
CA GLY B 273 -26.98 36.20 -17.82
C GLY B 273 -26.03 36.30 -19.01
N ARG B 274 -25.47 37.49 -19.17
CA ARG B 274 -24.49 37.74 -20.22
C ARG B 274 -23.12 37.88 -19.57
N ILE B 275 -22.14 37.08 -19.99
CA ILE B 275 -20.80 37.11 -19.38
C ILE B 275 -20.02 38.36 -19.90
N VAL B 276 -19.99 39.45 -19.13
CA VAL B 276 -19.41 40.70 -19.64
C VAL B 276 -17.86 40.68 -19.59
N SER B 277 -17.26 40.12 -18.55
CA SER B 277 -15.81 39.96 -18.49
C SER B 277 -15.42 38.84 -17.59
N TRP B 278 -14.18 38.40 -17.69
CA TRP B 278 -13.56 37.59 -16.63
C TRP B 278 -12.12 38.02 -16.45
N ALA B 279 -11.47 37.51 -15.42
CA ALA B 279 -10.06 37.77 -15.22
C ALA B 279 -9.49 36.67 -14.40
N THR B 280 -8.21 36.46 -14.54
CA THR B 280 -7.47 35.72 -13.55
C THR B 280 -6.12 36.42 -13.28
N VAL B 281 -5.70 36.39 -12.02
CA VAL B 281 -4.50 37.12 -11.61
C VAL B 281 -3.79 36.33 -10.54
N GLY B 282 -2.51 36.64 -10.35
CA GLY B 282 -1.67 35.90 -9.40
C GLY B 282 -1.21 36.75 -8.25
N VAL B 283 -0.93 36.08 -7.14
CA VAL B 283 -0.48 36.70 -5.90
C VAL B 283 0.46 35.70 -5.20
N ASP B 284 1.15 36.15 -4.15
CA ASP B 284 2.02 35.29 -3.36
C ASP B 284 1.25 34.12 -2.74
N PRO B 285 1.71 32.87 -2.98
CA PRO B 285 1.07 31.65 -2.44
C PRO B 285 0.90 31.58 -0.90
N LYS B 286 1.77 32.28 -0.14
CA LYS B 286 1.62 32.36 1.31
C LYS B 286 0.27 32.96 1.68
N VAL B 287 -0.21 33.87 0.84
CA VAL B 287 -1.40 34.67 1.11
C VAL B 287 -2.42 34.48 -0.03
N MET B 288 -2.53 33.23 -0.48
CA MET B 288 -3.33 32.85 -1.66
C MET B 288 -4.82 33.21 -1.56
N GLY B 289 -5.32 33.32 -0.32
CA GLY B 289 -6.67 33.79 -0.04
C GLY B 289 -6.97 35.18 -0.60
N THR B 290 -5.92 35.94 -0.90
CA THR B 290 -6.08 37.29 -1.43
C THR B 290 -6.26 37.31 -2.95
N GLY B 291 -6.41 36.13 -3.55
CA GLY B 291 -6.61 36.00 -4.99
C GLY B 291 -7.70 36.87 -5.58
N PRO B 292 -8.91 36.86 -5.00
CA PRO B 292 -10.04 37.67 -5.45
C PRO B 292 -9.79 39.19 -5.53
N ILE B 293 -8.93 39.74 -4.68
CA ILE B 293 -8.72 41.20 -4.68
C ILE B 293 -8.33 41.77 -6.08
N PRO B 294 -7.14 41.41 -6.63
CA PRO B 294 -6.74 41.82 -7.99
C PRO B 294 -7.55 41.17 -9.15
N ALA B 295 -8.01 39.93 -8.98
CA ALA B 295 -8.87 39.28 -9.97
C ALA B 295 -10.20 40.05 -10.16
N SER B 296 -10.93 40.28 -9.07
CA SER B 296 -12.18 41.02 -9.14
C SER B 296 -11.96 42.40 -9.76
N ARG B 297 -10.94 43.10 -9.23
CA ARG B 297 -10.57 44.43 -9.73
C ARG B 297 -10.32 44.44 -11.22
N LYS B 298 -9.68 43.36 -11.70
CA LYS B 298 -9.31 43.23 -13.11
C LYS B 298 -10.57 43.03 -13.90
N ALA B 299 -11.38 42.07 -13.48
CA ALA B 299 -12.62 41.78 -14.16
C ALA B 299 -13.51 43.04 -14.28
N LEU B 300 -13.60 43.82 -13.19
CA LEU B 300 -14.39 45.06 -13.16
C LEU B 300 -13.85 46.05 -14.16
N GLU B 301 -12.54 46.12 -14.27
CA GLU B 301 -11.87 47.04 -15.18
C GLU B 301 -12.15 46.69 -16.65
N ARG B 302 -12.15 45.40 -16.94
CA ARG B 302 -12.52 44.86 -18.26
C ARG B 302 -14.00 45.06 -18.59
N ALA B 303 -14.83 45.02 -17.57
CA ALA B 303 -16.24 45.29 -17.71
C ALA B 303 -16.56 46.79 -17.83
N GLY B 304 -15.63 47.63 -17.40
CA GLY B 304 -15.85 49.06 -17.32
C GLY B 304 -16.68 49.48 -16.11
N TRP B 305 -16.79 48.60 -15.12
CA TRP B 305 -17.64 48.82 -13.97
C TRP B 305 -16.80 49.23 -12.80
N LYS B 306 -17.43 49.97 -11.89
CA LYS B 306 -16.79 50.28 -10.62
C LYS B 306 -17.25 49.22 -9.64
N ILE B 307 -16.61 49.11 -8.49
CA ILE B 307 -17.06 48.15 -7.47
C ILE B 307 -18.50 48.43 -7.06
N GLY B 308 -18.80 49.70 -6.84
CA GLY B 308 -20.14 50.11 -6.44
C GLY B 308 -21.26 49.86 -7.42
N ASP B 309 -20.96 49.57 -8.69
CA ASP B 309 -21.99 49.25 -9.68
C ASP B 309 -22.59 47.84 -9.50
N LEU B 310 -21.92 46.99 -8.75
CA LEU B 310 -22.38 45.62 -8.57
C LEU B 310 -23.64 45.58 -7.68
N ASP B 311 -24.62 44.75 -8.02
CA ASP B 311 -25.83 44.56 -7.20
C ASP B 311 -25.77 43.26 -6.34
N LEU B 312 -24.97 42.29 -6.75
CA LEU B 312 -24.80 41.07 -5.97
C LEU B 312 -23.39 40.48 -6.18
N VAL B 313 -22.82 39.86 -5.17
CA VAL B 313 -21.48 39.30 -5.30
C VAL B 313 -21.47 37.95 -4.67
N GLU B 314 -20.78 36.98 -5.28
CA GLU B 314 -20.47 35.68 -4.61
C GLU B 314 -18.96 35.55 -4.53
N ALA B 315 -18.43 35.82 -3.34
CA ALA B 315 -16.99 35.78 -3.09
C ALA B 315 -16.78 34.55 -2.26
N ASN B 316 -16.14 33.53 -2.81
CA ASN B 316 -16.04 32.22 -2.14
C ASN B 316 -15.40 32.26 -0.77
N GLU B 317 -16.03 31.60 0.18
CA GLU B 317 -15.52 31.49 1.54
C GLU B 317 -14.68 30.23 1.64
N ALA B 318 -13.41 30.29 1.24
CA ALA B 318 -12.50 29.16 1.52
C ALA B 318 -12.21 29.15 3.00
N PHE B 319 -11.87 30.33 3.53
CA PHE B 319 -11.69 30.55 4.95
C PHE B 319 -12.31 31.89 5.36
N ALA B 320 -12.72 32.01 6.62
CA ALA B 320 -13.24 33.29 7.13
C ALA B 320 -12.18 34.39 7.11
N ALA B 321 -10.92 34.03 7.43
CA ALA B 321 -9.85 35.02 7.50
C ALA B 321 -9.68 35.71 6.14
N GLN B 322 -9.53 34.91 5.08
CA GLN B 322 -9.38 35.45 3.71
C GLN B 322 -10.68 36.14 3.25
N ALA B 323 -11.83 35.47 3.49
CA ALA B 323 -13.14 36.02 3.12
C ALA B 323 -13.32 37.41 3.67
N CYS B 324 -13.03 37.60 4.95
CA CYS B 324 -13.05 38.93 5.56
C CYS B 324 -12.11 39.92 4.88
N ALA B 325 -10.90 39.46 4.56
CA ALA B 325 -9.86 40.28 3.92
C ALA B 325 -10.29 40.84 2.57
N VAL B 326 -10.80 39.96 1.71
CA VAL B 326 -11.28 40.35 0.39
C VAL B 326 -12.36 41.46 0.50
N ASN B 327 -13.40 41.20 1.27
CA ASN B 327 -14.44 42.19 1.59
C ASN B 327 -13.86 43.50 2.06
N LYS B 328 -12.96 43.41 3.02
CA LYS B 328 -12.34 44.60 3.62
C LYS B 328 -11.55 45.39 2.56
N ASP B 329 -10.75 44.70 1.74
CA ASP B 329 -9.87 45.38 0.79
C ASP B 329 -10.64 46.03 -0.33
N LEU B 330 -11.55 45.27 -0.92
CA LEU B 330 -12.35 45.71 -2.06
C LEU B 330 -13.42 46.73 -1.63
N GLY B 331 -14.08 46.43 -0.52
CA GLY B 331 -14.91 47.41 0.19
C GLY B 331 -16.33 47.49 -0.29
N TRP B 332 -16.75 46.56 -1.14
CA TRP B 332 -18.16 46.44 -1.51
C TRP B 332 -19.09 46.24 -0.31
N ASP B 333 -20.36 46.56 -0.48
CA ASP B 333 -21.35 46.45 0.60
C ASP B 333 -21.49 44.96 1.02
N PRO B 334 -21.19 44.63 2.29
CA PRO B 334 -21.22 43.21 2.67
C PRO B 334 -22.62 42.59 2.69
N SER B 335 -23.65 43.42 2.65
CA SER B 335 -25.02 42.93 2.64
C SER B 335 -25.39 42.31 1.32
N ILE B 336 -24.65 42.61 0.27
CA ILE B 336 -24.87 42.00 -1.03
C ILE B 336 -23.80 41.00 -1.42
N VAL B 337 -23.15 40.36 -0.45
CA VAL B 337 -22.13 39.35 -0.74
C VAL B 337 -22.56 38.07 -0.04
N ASN B 338 -22.53 36.96 -0.78
CA ASN B 338 -22.94 35.68 -0.24
C ASN B 338 -24.24 35.76 0.55
N VAL B 339 -25.15 36.51 -0.03
CA VAL B 339 -26.50 36.74 0.46
C VAL B 339 -27.24 35.46 0.87
N ASN B 340 -26.92 34.37 0.21
CA ASN B 340 -27.51 33.09 0.57
C ASN B 340 -26.57 32.21 1.34
N GLY B 341 -25.54 32.78 1.94
CA GLY B 341 -24.54 32.01 2.65
C GLY B 341 -23.51 31.57 1.66
N GLY B 342 -22.49 30.89 2.16
CA GLY B 342 -21.30 30.56 1.37
C GLY B 342 -20.63 29.28 1.80
N ALA B 343 -19.38 29.11 1.43
CA ALA B 343 -18.77 27.79 1.38
C ALA B 343 -18.51 27.20 2.75
N ILE B 344 -18.28 28.06 3.74
CA ILE B 344 -18.20 27.59 5.11
C ILE B 344 -19.41 26.72 5.37
N ALA B 345 -20.60 27.17 4.92
CA ALA B 345 -21.87 26.48 5.18
C ALA B 345 -22.23 25.45 4.10
N ILE B 346 -21.99 25.82 2.85
CA ILE B 346 -22.48 25.00 1.76
C ILE B 346 -21.55 23.83 1.46
N GLY B 347 -20.24 24.06 1.58
CA GLY B 347 -19.23 23.05 1.25
C GLY B 347 -18.23 23.63 0.27
N HIS B 348 -17.15 22.92 0.00
CA HIS B 348 -16.16 23.34 -0.98
C HIS B 348 -15.70 22.14 -1.80
N PRO B 349 -16.48 21.77 -2.81
CA PRO B 349 -16.02 20.74 -3.72
C PRO B 349 -15.06 21.34 -4.75
N ILE B 350 -13.75 21.20 -4.53
CA ILE B 350 -12.73 22.10 -5.13
C ILE B 350 -13.01 22.49 -6.59
N GLY B 351 -13.11 21.49 -7.47
CA GLY B 351 -13.20 21.73 -8.92
C GLY B 351 -14.56 22.21 -9.37
N ALA B 352 -15.58 21.92 -8.61
CA ALA B 352 -16.92 22.35 -8.93
C ALA B 352 -17.20 23.72 -8.34
N SER B 353 -16.52 24.03 -7.23
CA SER B 353 -16.82 25.22 -6.41
C SER B 353 -17.06 26.49 -7.23
N GLY B 354 -16.28 26.72 -8.26
CA GLY B 354 -16.44 27.93 -9.10
C GLY B 354 -17.72 27.97 -9.92
N ALA B 355 -18.16 26.81 -10.39
CA ALA B 355 -19.47 26.73 -11.05
C ALA B 355 -20.61 26.73 -9.99
N ARG B 356 -20.33 26.12 -8.84
CA ARG B 356 -21.25 26.11 -7.71
C ARG B 356 -21.64 27.54 -7.34
N ILE B 357 -20.65 28.44 -7.30
CA ILE B 357 -20.98 29.79 -6.84
C ILE B 357 -21.61 30.61 -7.96
N LEU B 358 -21.21 30.35 -9.20
CA LEU B 358 -21.90 30.92 -10.35
C LEU B 358 -23.39 30.60 -10.28
N ASN B 359 -23.76 29.35 -9.97
CA ASN B 359 -25.18 29.01 -9.95
C ASN B 359 -25.93 29.92 -8.95
N THR B 360 -25.49 29.92 -7.71
CA THR B 360 -26.09 30.73 -6.66
C THR B 360 -26.18 32.21 -7.05
N LEU B 361 -25.12 32.75 -7.67
CA LEU B 361 -25.14 34.14 -8.12
C LEU B 361 -26.27 34.29 -9.14
N LEU B 362 -26.27 33.42 -10.14
CA LEU B 362 -27.16 33.58 -11.28
C LEU B 362 -28.63 33.49 -10.84
N PHE B 363 -28.97 32.51 -10.02
CA PHE B 363 -30.37 32.33 -9.64
C PHE B 363 -30.92 33.37 -8.63
N GLU B 364 -30.04 33.94 -7.79
CA GLU B 364 -30.42 35.06 -6.93
C GLU B 364 -30.64 36.35 -7.75
N MET B 365 -29.74 36.60 -8.72
CA MET B 365 -29.86 37.77 -9.60
C MET B 365 -31.19 37.79 -10.33
N LYS B 366 -31.61 36.63 -10.80
CA LYS B 366 -32.90 36.50 -11.47
C LYS B 366 -34.05 36.71 -10.48
N ARG B 367 -33.99 35.99 -9.37
CA ARG B 367 -34.96 36.12 -8.30
C ARG B 367 -35.11 37.55 -7.71
N ARG B 368 -34.03 38.31 -7.50
CA ARG B 368 -34.22 39.67 -6.92
C ARG B 368 -34.10 40.82 -7.92
N GLY B 369 -33.84 40.47 -9.18
CA GLY B 369 -33.77 41.46 -10.25
C GLY B 369 -32.53 42.31 -10.23
N ALA B 370 -31.43 41.75 -9.76
CA ALA B 370 -30.11 42.37 -9.84
C ALA B 370 -29.67 42.39 -11.28
N ARG B 371 -29.18 43.54 -11.73
CA ARG B 371 -28.67 43.69 -13.08
C ARG B 371 -27.21 43.23 -13.22
N LYS B 372 -26.35 43.67 -12.31
CA LYS B 372 -24.90 43.40 -12.38
C LYS B 372 -24.39 42.57 -11.20
N GLY B 373 -23.57 41.59 -11.53
CA GLY B 373 -23.08 40.57 -10.56
C GLY B 373 -21.64 40.16 -10.83
N LEU B 374 -20.99 39.61 -9.83
CA LEU B 374 -19.59 39.25 -9.91
C LEU B 374 -19.33 38.01 -9.08
N ALA B 375 -18.56 37.08 -9.65
CA ALA B 375 -18.25 35.83 -8.94
C ALA B 375 -16.74 35.70 -8.91
N THR B 376 -16.17 35.22 -7.79
CA THR B 376 -14.74 35.21 -7.61
C THR B 376 -14.31 34.22 -6.53
N LEU B 377 -13.27 33.46 -6.79
CA LEU B 377 -12.74 32.49 -5.83
C LEU B 377 -11.27 32.71 -5.71
N CYS B 378 -10.74 32.57 -4.49
CA CYS B 378 -9.29 32.48 -4.26
C CYS B 378 -8.77 31.08 -4.62
N ILE B 379 -7.55 31.02 -5.18
CA ILE B 379 -6.97 29.76 -5.67
C ILE B 379 -5.64 29.40 -5.02
N GLY B 380 -5.47 28.14 -4.68
CA GLY B 380 -4.26 27.66 -4.04
C GLY B 380 -3.06 27.82 -4.96
N GLY B 381 -1.87 27.86 -4.38
CA GLY B 381 -0.67 28.23 -5.13
C GLY B 381 -0.62 29.72 -5.52
N GLY B 382 -1.55 30.52 -4.99
CA GLY B 382 -1.50 31.97 -5.10
C GLY B 382 -2.09 32.52 -6.39
N MET B 383 -3.38 32.32 -6.59
CA MET B 383 -4.04 32.87 -7.75
C MET B 383 -5.47 33.25 -7.39
N GLY B 384 -6.07 34.10 -8.24
CA GLY B 384 -7.52 34.32 -8.23
C GLY B 384 -8.20 34.41 -9.60
N VAL B 385 -9.50 34.13 -9.61
CA VAL B 385 -10.31 34.26 -10.83
C VAL B 385 -11.61 35.02 -10.58
N ALA B 386 -11.98 35.92 -11.48
CA ALA B 386 -13.26 36.63 -11.32
C ALA B 386 -13.94 36.69 -12.67
N MET B 387 -15.26 36.79 -12.63
CA MET B 387 -16.10 36.86 -13.83
C MET B 387 -17.26 37.79 -13.58
N CYS B 388 -17.45 38.75 -14.48
CA CYS B 388 -18.57 39.68 -14.37
C CYS B 388 -19.76 39.21 -15.18
N ILE B 389 -20.93 39.18 -14.54
CA ILE B 389 -22.17 38.80 -15.21
C ILE B 389 -23.15 39.96 -15.19
N GLU B 390 -23.78 40.25 -16.34
CA GLU B 390 -24.90 41.20 -16.42
C GLU B 390 -26.15 40.56 -16.96
N SER B 391 -27.32 40.95 -16.44
CA SER B 391 -28.57 40.34 -16.89
C SER B 391 -29.24 41.09 -18.03
N LEU B 392 -29.87 40.32 -18.92
CA LEU B 392 -30.56 40.81 -20.11
C LEU B 392 -32.05 41.04 -19.85
N SER C 4 23.23 -39.20 24.90
CA SER C 4 21.80 -39.58 24.87
C SER C 4 21.18 -39.20 23.51
N ILE C 5 21.18 -37.90 23.19
CA ILE C 5 20.60 -37.40 21.93
C ILE C 5 21.68 -36.85 21.01
N VAL C 6 21.68 -37.31 19.75
CA VAL C 6 22.74 -37.01 18.79
C VAL C 6 22.22 -36.32 17.53
N ILE C 7 23.10 -35.55 16.88
CA ILE C 7 22.84 -35.02 15.54
C ILE C 7 23.45 -36.00 14.56
N ALA C 8 22.60 -36.88 14.01
CA ALA C 8 23.05 -37.91 13.07
C ALA C 8 23.57 -37.30 11.76
N SER C 9 22.96 -36.19 11.32
CA SER C 9 23.38 -35.50 10.11
C SER C 9 22.91 -34.05 10.09
N ALA C 10 23.48 -33.26 9.17
CA ALA C 10 23.14 -31.85 9.07
C ALA C 10 23.30 -31.34 7.65
N ALA C 11 22.82 -30.12 7.42
CA ALA C 11 22.93 -29.48 6.12
C ALA C 11 22.41 -28.05 6.18
N ARG C 12 22.79 -27.24 5.20
CA ARG C 12 22.29 -25.88 5.09
C ARG C 12 22.42 -25.40 3.66
N THR C 13 21.59 -24.41 3.30
CA THR C 13 21.74 -23.73 2.03
C THR C 13 22.89 -22.76 2.14
N ALA C 14 23.47 -22.39 1.01
CA ALA C 14 24.31 -21.20 0.96
C ALA C 14 23.49 -20.05 1.54
N VAL C 15 24.18 -19.08 2.11
CA VAL C 15 23.52 -17.89 2.63
C VAL C 15 23.53 -16.83 1.52
N GLY C 16 22.35 -16.48 1.04
CA GLY C 16 22.20 -15.49 -0.02
C GLY C 16 22.07 -14.08 0.55
N SER C 17 22.54 -13.10 -0.22
CA SER C 17 22.48 -11.70 0.17
C SER C 17 21.06 -11.14 0.06
N PHE C 18 20.87 -9.92 0.57
CA PHE C 18 19.57 -9.25 0.53
C PHE C 18 19.15 -8.92 -0.90
N ASN C 19 18.08 -9.58 -1.35
CA ASN C 19 17.58 -9.48 -2.73
C ASN C 19 18.63 -9.93 -3.77
N GLY C 20 19.42 -10.95 -3.41
CA GLY C 20 20.47 -11.52 -4.26
C GLY C 20 20.03 -12.81 -4.91
N ALA C 21 20.59 -13.93 -4.45
CA ALA C 21 20.31 -15.25 -5.03
C ALA C 21 18.89 -15.75 -4.73
N PHE C 22 18.38 -15.47 -3.53
CA PHE C 22 17.07 -15.95 -3.11
C PHE C 22 16.06 -14.82 -2.89
N ALA C 23 16.23 -13.73 -3.64
CA ALA C 23 15.35 -12.57 -3.52
C ALA C 23 13.87 -12.95 -3.56
N ASN C 24 13.51 -13.82 -4.51
CA ASN C 24 12.12 -14.26 -4.70
C ASN C 24 11.85 -15.71 -4.27
N THR C 25 12.68 -16.25 -3.37
CA THR C 25 12.57 -17.64 -2.92
C THR C 25 12.01 -17.75 -1.49
N PRO C 26 10.74 -18.19 -1.35
CA PRO C 26 10.11 -18.34 -0.03
C PRO C 26 10.90 -19.20 0.95
N ALA C 27 10.81 -18.89 2.23
CA ALA C 27 11.58 -19.59 3.26
C ALA C 27 11.40 -21.11 3.24
N HIS C 28 10.16 -21.57 3.11
CA HIS C 28 9.87 -23.01 3.20
C HIS C 28 10.58 -23.81 2.09
N GLU C 29 10.74 -23.21 0.91
CA GLU C 29 11.45 -23.88 -0.19
C GLU C 29 12.91 -24.13 0.16
N LEU C 30 13.51 -23.21 0.89
CA LEU C 30 14.86 -23.38 1.40
C LEU C 30 14.89 -24.46 2.47
N GLY C 31 13.83 -24.50 3.29
CA GLY C 31 13.75 -25.47 4.37
C GLY C 31 13.57 -26.89 3.90
N ALA C 32 12.76 -27.09 2.87
CA ALA C 32 12.48 -28.43 2.35
C ALA C 32 13.72 -29.03 1.73
N THR C 33 14.53 -28.20 1.09
CA THR C 33 15.81 -28.62 0.51
C THR C 33 16.76 -29.12 1.61
N VAL C 34 16.77 -28.44 2.75
CA VAL C 34 17.60 -28.82 3.91
C VAL C 34 17.04 -30.02 4.67
N ILE C 35 15.71 -30.19 4.66
CA ILE C 35 15.06 -31.37 5.26
C ILE C 35 15.36 -32.63 4.45
N SER C 36 15.21 -32.53 3.13
CA SER C 36 15.59 -33.62 2.23
C SER C 36 17.07 -33.99 2.38
N ALA C 37 17.92 -32.96 2.55
CA ALA C 37 19.37 -33.14 2.64
C ALA C 37 19.78 -33.93 3.89
N VAL C 38 19.27 -33.53 5.05
CA VAL C 38 19.60 -34.23 6.30
C VAL C 38 19.09 -35.67 6.27
N LEU C 39 17.93 -35.88 5.65
CA LEU C 39 17.39 -37.23 5.43
C LEU C 39 18.32 -38.09 4.58
N GLU C 40 18.76 -37.54 3.45
CA GLU C 40 19.64 -38.25 2.52
C GLU C 40 21.00 -38.54 3.13
N ARG C 41 21.55 -37.55 3.82
CA ARG C 41 22.88 -37.67 4.44
C ARG C 41 22.92 -38.70 5.57
N ALA C 42 21.82 -38.85 6.31
CA ALA C 42 21.75 -39.83 7.40
C ALA C 42 21.34 -41.20 6.90
N GLY C 43 20.82 -41.28 5.68
CA GLY C 43 20.25 -42.51 5.17
C GLY C 43 18.93 -42.83 5.85
N VAL C 44 18.11 -41.80 6.02
CA VAL C 44 16.85 -41.95 6.70
C VAL C 44 15.76 -41.51 5.75
N ALA C 45 14.71 -42.30 5.62
CA ALA C 45 13.57 -41.95 4.77
C ALA C 45 12.71 -40.90 5.45
N ALA C 46 12.13 -40.00 4.66
CA ALA C 46 11.19 -38.98 5.18
C ALA C 46 9.96 -39.62 5.86
N GLY C 47 9.64 -40.87 5.48
CA GLY C 47 8.57 -41.64 6.12
C GLY C 47 8.82 -42.01 7.57
N GLU C 48 10.07 -41.87 8.03
CA GLU C 48 10.45 -42.16 9.43
C GLU C 48 10.47 -40.90 10.32
N VAL C 49 10.39 -39.71 9.72
CA VAL C 49 10.43 -38.45 10.46
C VAL C 49 9.12 -38.16 11.18
N ASN C 50 9.19 -37.96 12.50
CA ASN C 50 8.00 -37.70 13.32
C ASN C 50 7.58 -36.24 13.42
N GLU C 51 8.54 -35.31 13.32
CA GLU C 51 8.24 -33.89 13.48
C GLU C 51 9.31 -32.96 12.93
N VAL C 52 8.87 -31.91 12.23
CA VAL C 52 9.75 -30.88 11.67
C VAL C 52 9.60 -29.58 12.49
N ILE C 53 10.67 -29.16 13.16
CA ILE C 53 10.62 -27.93 13.96
C ILE C 53 11.56 -26.90 13.35
N LEU C 54 11.01 -25.81 12.82
CA LEU C 54 11.80 -24.79 12.14
C LEU C 54 11.60 -23.41 12.77
N GLY C 55 12.68 -22.84 13.28
CA GLY C 55 12.67 -21.46 13.71
C GLY C 55 12.47 -20.57 12.51
N GLN C 56 11.60 -19.57 12.65
CA GLN C 56 11.41 -18.55 11.64
C GLN C 56 10.84 -17.31 12.30
N VAL C 57 11.37 -16.16 11.90
CA VAL C 57 11.01 -14.89 12.50
C VAL C 57 10.07 -14.05 11.63
N LEU C 58 10.21 -14.16 10.30
CA LEU C 58 9.47 -13.31 9.33
C LEU C 58 8.65 -14.12 8.33
N PRO C 59 7.63 -14.86 8.82
CA PRO C 59 6.81 -15.69 7.95
C PRO C 59 5.63 -14.96 7.29
N ALA C 60 5.53 -13.65 7.48
CA ALA C 60 4.33 -12.92 7.06
C ALA C 60 4.13 -12.94 5.56
N GLY C 61 3.01 -13.50 5.12
CA GLY C 61 2.65 -13.56 3.70
C GLY C 61 3.00 -14.86 3.00
N GLU C 62 3.62 -15.78 3.73
CA GLU C 62 4.01 -17.08 3.19
C GLU C 62 2.93 -18.15 3.44
N GLY C 63 1.86 -17.77 4.13
CA GLY C 63 0.73 -18.66 4.35
C GLY C 63 0.84 -19.51 5.59
N GLN C 64 -0.14 -20.40 5.78
CA GLN C 64 -0.21 -21.27 6.96
C GLN C 64 1.06 -22.07 7.25
N ASN C 65 1.68 -21.78 8.39
CA ASN C 65 2.76 -22.59 8.97
C ASN C 65 3.75 -23.10 7.92
N PRO C 66 4.69 -22.22 7.50
CA PRO C 66 5.77 -22.59 6.58
C PRO C 66 6.55 -23.85 6.98
N ALA C 67 6.62 -24.14 8.29
CA ALA C 67 7.27 -25.36 8.76
C ALA C 67 6.56 -26.60 8.20
N ARG C 68 5.23 -26.58 8.22
CA ARG C 68 4.43 -27.65 7.61
C ARG C 68 4.61 -27.69 6.08
N GLN C 69 4.71 -26.52 5.44
CA GLN C 69 4.92 -26.43 3.98
C GLN C 69 6.28 -26.97 3.54
N ALA C 70 7.32 -26.69 4.32
CA ALA C 70 8.66 -27.20 4.08
C ALA C 70 8.66 -28.71 4.19
N ALA C 71 8.11 -29.21 5.30
CA ALA C 71 8.06 -30.65 5.58
C ALA C 71 7.39 -31.41 4.44
N MET C 72 6.22 -30.95 4.03
CA MET C 72 5.44 -31.64 3.00
C MET C 72 6.17 -31.69 1.66
N LYS C 73 6.69 -30.54 1.23
CA LYS C 73 7.48 -30.48 0.00
C LYS C 73 8.75 -31.32 0.06
N ALA C 74 9.32 -31.46 1.26
CA ALA C 74 10.47 -32.34 1.50
C ALA C 74 10.13 -33.84 1.42
N GLY C 75 8.84 -34.16 1.24
CA GLY C 75 8.38 -35.54 1.16
C GLY C 75 8.15 -36.16 2.52
N VAL C 76 8.15 -35.33 3.58
CA VAL C 76 7.77 -35.78 4.91
C VAL C 76 6.27 -36.07 4.86
N PRO C 77 5.83 -37.20 5.44
CA PRO C 77 4.44 -37.61 5.22
C PRO C 77 3.43 -36.75 5.97
N GLN C 78 2.16 -36.92 5.65
CA GLN C 78 1.08 -36.17 6.31
C GLN C 78 0.77 -36.63 7.74
N GLU C 79 1.29 -37.79 8.16
CA GLU C 79 1.09 -38.31 9.51
C GLU C 79 2.02 -37.66 10.54
N ALA C 80 3.20 -37.23 10.08
CA ALA C 80 4.12 -36.45 10.91
C ALA C 80 3.57 -35.04 11.19
N THR C 81 4.23 -34.33 12.10
CA THR C 81 3.79 -33.00 12.50
C THR C 81 4.87 -31.98 12.19
N ALA C 82 4.50 -30.70 12.20
CA ALA C 82 5.46 -29.64 11.96
C ALA C 82 5.02 -28.32 12.59
N TRP C 83 5.99 -27.48 12.91
CA TRP C 83 5.71 -26.16 13.47
C TRP C 83 6.91 -25.20 13.43
N GLY C 84 6.60 -23.91 13.43
CA GLY C 84 7.60 -22.85 13.50
C GLY C 84 7.67 -22.21 14.86
N MET C 85 8.80 -21.60 15.18
CA MET C 85 8.99 -20.89 16.46
C MET C 85 9.85 -19.64 16.28
N ASN C 86 9.75 -18.72 17.24
CA ASN C 86 10.44 -17.44 17.16
C ASN C 86 11.07 -17.07 18.50
N GLN C 87 12.39 -17.22 18.58
CA GLN C 87 13.20 -16.54 19.60
C GLN C 87 14.25 -15.69 18.89
N LEU C 88 13.80 -15.02 17.84
CA LEU C 88 14.66 -14.16 17.02
C LEU C 88 15.95 -14.90 16.62
N CYS C 89 17.10 -14.25 16.70
CA CYS C 89 18.39 -14.85 16.31
C CYS C 89 18.63 -16.26 16.87
N GLY C 90 18.15 -16.50 18.08
CA GLY C 90 18.36 -17.79 18.76
C GLY C 90 17.52 -18.96 18.28
N SER C 91 16.48 -18.65 17.49
CA SER C 91 15.48 -19.63 17.08
C SER C 91 16.06 -20.92 16.48
N GLY C 92 16.91 -20.77 15.46
CA GLY C 92 17.47 -21.91 14.72
C GLY C 92 18.21 -22.96 15.56
N LEU C 93 18.82 -22.50 16.65
CA LEU C 93 19.56 -23.35 17.57
C LEU C 93 18.64 -23.91 18.66
N ARG C 94 17.70 -23.08 19.10
CA ARG C 94 16.70 -23.50 20.08
C ARG C 94 15.78 -24.58 19.49
N ALA C 95 15.48 -24.48 18.21
CA ALA C 95 14.68 -25.49 17.53
C ALA C 95 15.31 -26.86 17.71
N VAL C 96 16.65 -26.92 17.59
CA VAL C 96 17.39 -28.16 17.78
C VAL C 96 17.26 -28.65 19.23
N ALA C 97 17.45 -27.75 20.19
CA ALA C 97 17.26 -28.10 21.60
C ALA C 97 15.81 -28.56 21.87
N LEU C 98 14.84 -27.80 21.39
CA LEU C 98 13.44 -28.21 21.49
C LEU C 98 13.22 -29.57 20.80
N GLY C 99 13.92 -29.81 19.69
CA GLY C 99 13.88 -31.10 19.01
C GLY C 99 14.48 -32.21 19.85
N MET C 100 15.55 -31.89 20.56
CA MET C 100 16.19 -32.80 21.51
C MET C 100 15.20 -33.22 22.59
N GLN C 101 14.48 -32.24 23.14
CA GLN C 101 13.52 -32.47 24.22
C GLN C 101 12.40 -33.43 23.82
N GLN C 102 11.92 -33.32 22.59
CA GLN C 102 10.92 -34.25 22.05
C GLN C 102 11.39 -35.70 22.23
N ILE C 103 12.63 -35.96 21.83
CA ILE C 103 13.22 -37.31 21.86
C ILE C 103 13.55 -37.76 23.28
N ALA C 104 14.09 -36.84 24.08
CA ALA C 104 14.47 -37.12 25.47
C ALA C 104 13.28 -37.42 26.38
N THR C 105 12.10 -36.89 26.05
CA THR C 105 10.88 -37.15 26.82
C THR C 105 10.01 -38.31 26.25
N GLY C 106 10.46 -38.95 25.17
CA GLY C 106 9.78 -40.11 24.61
C GLY C 106 8.56 -39.78 23.77
N ASP C 107 8.49 -38.55 23.26
CA ASP C 107 7.36 -38.10 22.45
C ASP C 107 7.65 -38.20 20.94
N ALA C 108 8.89 -38.55 20.59
CA ALA C 108 9.33 -38.65 19.20
C ALA C 108 10.62 -39.46 19.11
N SER C 109 10.84 -40.08 17.95
CA SER C 109 12.07 -40.84 17.69
C SER C 109 13.04 -40.03 16.83
N ILE C 110 12.53 -39.42 15.76
CA ILE C 110 13.36 -38.70 14.82
C ILE C 110 12.80 -37.31 14.54
N ILE C 111 13.68 -36.32 14.68
CA ILE C 111 13.28 -34.93 14.63
C ILE C 111 14.20 -34.15 13.68
N VAL C 112 13.63 -33.56 12.64
CA VAL C 112 14.35 -32.61 11.81
C VAL C 112 14.11 -31.20 12.34
N ALA C 113 15.17 -30.57 12.84
CA ALA C 113 15.09 -29.23 13.44
C ALA C 113 16.11 -28.28 12.84
N GLY C 114 15.91 -26.99 13.10
CA GLY C 114 16.81 -25.95 12.61
C GLY C 114 16.06 -24.67 12.42
N GLY C 115 16.31 -23.98 11.30
CA GLY C 115 15.58 -22.76 10.99
C GLY C 115 15.66 -22.35 9.54
N MET C 116 14.86 -21.35 9.17
CA MET C 116 14.80 -20.84 7.81
C MET C 116 14.27 -19.42 7.79
N GLU C 117 14.79 -18.61 6.87
CA GLU C 117 14.40 -17.20 6.80
C GLU C 117 14.58 -16.65 5.39
N SER C 118 13.55 -15.94 4.93
CA SER C 118 13.63 -15.15 3.71
C SER C 118 13.33 -13.71 4.08
N MET C 119 14.40 -12.97 4.38
CA MET C 119 14.30 -11.57 4.74
C MET C 119 14.01 -10.74 3.50
N SER C 120 14.43 -11.25 2.35
CA SER C 120 14.05 -10.67 1.06
C SER C 120 12.52 -10.70 0.87
N MET C 121 11.86 -11.80 1.24
CA MET C 121 10.42 -11.96 0.97
C MET C 121 9.51 -11.44 2.09
N ALA C 122 10.09 -10.93 3.16
CA ALA C 122 9.30 -10.25 4.17
C ALA C 122 8.63 -9.05 3.49
N PRO C 123 7.29 -8.93 3.63
CA PRO C 123 6.51 -7.88 2.99
C PRO C 123 6.46 -6.57 3.76
N HIS C 124 5.92 -5.53 3.12
CA HIS C 124 5.54 -4.30 3.81
C HIS C 124 4.07 -4.40 4.15
N CYS C 125 3.68 -3.94 5.33
CA CYS C 125 2.34 -4.16 5.87
C CYS C 125 1.73 -2.92 6.51
N ALA C 126 0.43 -2.95 6.76
CA ALA C 126 -0.25 -1.86 7.44
C ALA C 126 -1.64 -2.28 7.89
N HIS C 127 -2.03 -1.81 9.07
CA HIS C 127 -3.35 -2.14 9.64
C HIS C 127 -4.43 -1.22 9.09
N LEU C 128 -5.31 -1.79 8.26
CA LEU C 128 -6.31 -1.00 7.55
C LEU C 128 -7.73 -1.51 7.75
N ARG C 129 -7.97 -2.21 8.86
CA ARG C 129 -9.32 -2.68 9.17
C ARG C 129 -10.26 -1.56 9.66
N GLY C 130 -9.73 -0.68 10.50
CA GLY C 130 -10.48 0.49 10.98
C GLY C 130 -10.81 1.53 9.93
N GLY C 131 -10.08 1.51 8.80
CA GLY C 131 -10.29 2.47 7.72
C GLY C 131 -9.59 3.78 8.00
N VAL C 132 -8.91 4.32 6.98
CA VAL C 132 -8.19 5.58 7.11
C VAL C 132 -9.07 6.68 6.54
N LYS C 133 -9.80 7.36 7.41
CA LYS C 133 -10.74 8.40 6.98
C LYS C 133 -10.01 9.51 6.21
N MET C 134 -8.86 9.92 6.71
CA MET C 134 -8.12 11.04 6.17
C MET C 134 -6.66 10.92 6.64
N GLY C 135 -5.75 11.52 5.87
CA GLY C 135 -4.35 11.59 6.27
C GLY C 135 -3.47 10.45 5.78
N ASP C 136 -2.15 10.67 5.82
CA ASP C 136 -1.18 9.68 5.38
C ASP C 136 -1.14 8.51 6.35
N PHE C 137 -0.71 7.34 5.88
CA PHE C 137 -0.38 6.25 6.79
C PHE C 137 0.86 5.48 6.37
N LYS C 138 1.43 4.75 7.31
CA LYS C 138 2.70 4.07 7.06
C LYS C 138 2.48 2.64 6.61
N MET C 139 3.22 2.25 5.58
CA MET C 139 3.36 0.84 5.22
C MET C 139 4.64 0.35 5.87
N ILE C 140 4.52 -0.53 6.85
CA ILE C 140 5.64 -0.86 7.70
C ILE C 140 6.42 -2.03 7.11
N ASP C 141 7.75 -1.93 7.14
CA ASP C 141 8.61 -3.02 6.75
C ASP C 141 8.62 -4.03 7.88
N THR C 142 7.94 -5.17 7.69
CA THR C 142 7.91 -6.22 8.70
C THR C 142 9.32 -6.68 9.10
N MET C 143 10.25 -6.71 8.14
CA MET C 143 11.63 -7.09 8.43
C MET C 143 12.25 -6.19 9.52
N ILE C 144 12.14 -4.88 9.32
CA ILE C 144 12.73 -3.92 10.27
C ILE C 144 11.94 -3.88 11.57
N LYS C 145 10.60 -3.95 11.47
CA LYS C 145 9.73 -3.90 12.64
C LYS C 145 9.88 -5.17 13.49
N ASP C 146 9.61 -6.32 12.88
CA ASP C 146 9.51 -7.60 13.59
C ASP C 146 10.83 -8.38 13.75
N GLY C 147 11.88 -7.96 13.05
CA GLY C 147 13.16 -8.68 13.05
C GLY C 147 14.33 -7.92 13.65
N LEU C 148 14.42 -6.62 13.37
CA LEU C 148 15.62 -5.83 13.67
C LEU C 148 15.47 -4.65 14.65
N THR C 149 14.25 -4.27 15.02
CA THR C 149 14.04 -3.13 15.92
C THR C 149 13.60 -3.62 17.30
N ASP C 150 14.19 -3.07 18.36
CA ASP C 150 13.84 -3.48 19.71
C ASP C 150 12.45 -2.99 20.07
N ALA C 151 11.64 -3.88 20.66
CA ALA C 151 10.25 -3.58 20.95
C ALA C 151 10.13 -2.54 22.06
N PHE C 152 11.11 -2.52 22.96
CA PHE C 152 11.04 -1.70 24.17
C PHE C 152 11.58 -0.28 23.96
N TYR C 153 12.85 -0.15 23.56
CA TYR C 153 13.48 1.17 23.43
C TYR C 153 13.36 1.76 22.01
N GLY C 154 12.80 0.98 21.09
CA GLY C 154 12.38 1.50 19.78
C GLY C 154 13.47 1.78 18.77
N TYR C 155 14.71 1.41 19.07
CA TYR C 155 15.83 1.62 18.14
C TYR C 155 16.30 0.29 17.54
N HIS C 156 17.07 0.39 16.46
CA HIS C 156 17.62 -0.76 15.74
C HIS C 156 18.60 -1.52 16.63
N MET C 157 18.78 -2.81 16.34
CA MET C 157 19.76 -3.64 17.06
C MET C 157 21.17 -3.02 17.04
N GLY C 158 21.53 -2.29 15.99
CA GLY C 158 22.81 -1.60 15.91
C GLY C 158 23.06 -0.57 17.01
N THR C 159 21.98 0.00 17.54
CA THR C 159 22.07 0.90 18.69
C THR C 159 22.43 0.14 19.98
N THR C 160 21.96 -1.10 20.11
CA THR C 160 22.35 -1.95 21.25
C THR C 160 23.82 -2.35 21.11
N ALA C 161 24.27 -2.48 19.87
CA ALA C 161 25.68 -2.70 19.58
C ALA C 161 26.54 -1.51 20.04
N GLU C 162 26.03 -0.30 19.87
CA GLU C 162 26.70 0.90 20.38
C GLU C 162 26.78 0.88 21.91
N ASN C 163 25.72 0.41 22.56
CA ASN C 163 25.69 0.35 24.03
C ASN C 163 26.74 -0.61 24.58
N VAL C 164 26.99 -1.70 23.86
CA VAL C 164 28.03 -2.66 24.23
C VAL C 164 29.42 -2.10 23.92
N ALA C 165 29.55 -1.48 22.75
CA ALA C 165 30.82 -0.87 22.34
C ALA C 165 31.31 0.21 23.33
N LYS C 166 30.38 1.05 23.79
CA LYS C 166 30.71 2.12 24.76
C LYS C 166 30.93 1.56 26.16
N GLN C 167 30.14 0.56 26.55
CA GLN C 167 30.26 -0.06 27.86
C GLN C 167 31.58 -0.84 27.96
N TRP C 168 31.90 -1.60 26.93
CA TRP C 168 33.17 -2.35 26.86
C TRP C 168 34.30 -1.56 26.18
N GLN C 169 34.09 -0.24 26.00
CA GLN C 169 35.09 0.64 25.41
C GLN C 169 35.86 -0.05 24.28
N LEU C 170 35.11 -0.53 23.29
CA LEU C 170 35.66 -1.17 22.10
C LEU C 170 35.75 -0.17 20.95
N SER C 171 36.97 0.22 20.58
CA SER C 171 37.21 1.27 19.59
C SER C 171 36.78 0.87 18.18
N ARG C 172 36.63 1.88 17.32
CA ARG C 172 36.31 1.69 15.91
C ARG C 172 37.35 0.82 15.20
N ASP C 173 38.62 1.02 15.55
CA ASP C 173 39.71 0.25 14.96
C ASP C 173 39.63 -1.24 15.34
N GLU C 174 39.33 -1.52 16.61
CA GLU C 174 39.20 -2.91 17.07
C GLU C 174 38.03 -3.63 16.39
N GLN C 175 36.94 -2.90 16.17
CA GLN C 175 35.76 -3.47 15.50
C GLN C 175 36.01 -3.76 14.02
N ASP C 176 36.74 -2.86 13.35
CA ASP C 176 37.08 -3.06 11.95
C ASP C 176 38.06 -4.21 11.73
N ALA C 177 39.09 -4.31 12.56
CA ALA C 177 40.07 -5.41 12.49
C ALA C 177 39.40 -6.78 12.64
N PHE C 178 38.48 -6.90 13.58
CA PHE C 178 37.67 -8.12 13.73
C PHE C 178 36.83 -8.37 12.47
N ALA C 179 36.27 -7.29 11.93
CA ALA C 179 35.45 -7.37 10.71
C ALA C 179 36.24 -7.95 9.56
N VAL C 180 37.44 -7.40 9.32
CA VAL C 180 38.30 -7.85 8.22
C VAL C 180 38.76 -9.29 8.46
N ALA C 181 39.06 -9.61 9.72
CA ALA C 181 39.47 -10.97 10.09
C ALA C 181 38.38 -11.99 9.80
N SER C 182 37.12 -11.61 10.02
CA SER C 182 35.97 -12.44 9.67
C SER C 182 35.89 -12.68 8.15
N GLN C 183 36.09 -11.63 7.37
CA GLN C 183 36.01 -11.70 5.90
C GLN C 183 37.13 -12.55 5.31
N ASN C 184 38.32 -12.40 5.87
CA ASN C 184 39.49 -13.14 5.40
C ASN C 184 39.41 -14.64 5.73
N LYS C 185 38.97 -14.96 6.95
CA LYS C 185 38.81 -16.36 7.35
C LYS C 185 37.76 -17.05 6.46
N ALA C 186 36.67 -16.32 6.21
CA ALA C 186 35.53 -16.83 5.45
C ALA C 186 35.81 -17.00 3.96
N GLU C 187 36.65 -16.13 3.39
CA GLU C 187 37.14 -16.33 2.03
C GLU C 187 38.07 -17.55 2.00
N ALA C 188 38.90 -17.68 3.04
CA ALA C 188 39.85 -18.79 3.16
C ALA C 188 39.11 -20.13 3.19
N ALA C 189 38.20 -20.26 4.16
CA ALA C 189 37.38 -21.47 4.29
C ALA C 189 36.52 -21.76 3.05
N GLN C 190 36.20 -20.72 2.27
CA GLN C 190 35.46 -20.88 1.02
C GLN C 190 36.34 -21.46 -0.09
N LYS C 191 37.42 -20.76 -0.41
CA LYS C 191 38.36 -21.21 -1.43
C LYS C 191 38.84 -22.63 -1.15
N ASP C 192 39.14 -22.91 0.11
CA ASP C 192 39.66 -24.21 0.54
C ASP C 192 38.60 -25.32 0.59
N GLY C 193 37.36 -25.00 0.21
CA GLY C 193 36.31 -26.00 0.15
C GLY C 193 35.72 -26.41 1.49
N ARG C 194 36.08 -25.68 2.55
CA ARG C 194 35.62 -26.04 3.91
C ARG C 194 34.13 -25.78 4.15
N PHE C 195 33.45 -25.12 3.22
CA PHE C 195 32.00 -24.97 3.27
C PHE C 195 31.27 -26.00 2.41
N LYS C 196 32.00 -26.83 1.67
CA LYS C 196 31.37 -27.76 0.72
C LYS C 196 30.54 -28.81 1.44
N ASP C 197 31.10 -29.46 2.45
CA ASP C 197 30.38 -30.50 3.18
C ASP C 197 29.02 -30.02 3.66
N GLU C 198 29.01 -28.94 4.43
CA GLU C 198 27.79 -28.44 5.06
C GLU C 198 26.76 -27.90 4.05
N ILE C 199 27.23 -27.20 3.02
CA ILE C 199 26.32 -26.59 2.04
C ILE C 199 25.70 -27.62 1.10
N VAL C 200 24.37 -27.66 1.07
CA VAL C 200 23.65 -28.43 0.06
C VAL C 200 23.22 -27.46 -1.01
N PRO C 201 23.55 -27.73 -2.29
CA PRO C 201 23.13 -26.82 -3.37
C PRO C 201 21.61 -26.60 -3.39
N PHE C 202 21.19 -25.39 -3.72
CA PHE C 202 19.76 -25.08 -3.85
C PHE C 202 19.47 -24.65 -5.27
N ILE C 203 18.55 -25.35 -5.94
CA ILE C 203 18.18 -25.00 -7.31
C ILE C 203 17.10 -23.94 -7.29
N VAL C 204 17.46 -22.72 -7.71
CA VAL C 204 16.50 -21.62 -7.83
C VAL C 204 15.67 -21.84 -9.11
N LYS C 205 14.40 -22.18 -8.92
CA LYS C 205 13.51 -22.45 -10.05
C LYS C 205 13.18 -21.15 -10.79
N GLY C 206 13.74 -21.01 -11.99
CA GLY C 206 13.55 -19.79 -12.78
C GLY C 206 12.54 -19.98 -13.90
N ARG C 207 12.65 -19.12 -14.91
CA ARG C 207 11.81 -19.19 -16.11
C ARG C 207 12.72 -19.33 -17.34
N LYS C 208 13.63 -18.37 -17.52
CA LYS C 208 14.65 -18.44 -18.58
C LYS C 208 15.96 -18.95 -18.00
N GLY C 209 15.90 -20.10 -17.32
CA GLY C 209 17.07 -20.77 -16.78
C GLY C 209 16.97 -20.97 -15.27
N ASP C 210 17.29 -22.19 -14.83
CA ASP C 210 17.47 -22.49 -13.41
C ASP C 210 18.89 -22.10 -13.00
N ILE C 211 19.10 -21.92 -11.70
CA ILE C 211 20.37 -21.47 -11.17
C ILE C 211 20.72 -22.30 -9.93
N THR C 212 21.87 -22.96 -9.97
CA THR C 212 22.40 -23.68 -8.81
C THR C 212 23.22 -22.71 -7.94
N VAL C 213 22.77 -22.52 -6.71
CA VAL C 213 23.50 -21.74 -5.71
C VAL C 213 24.08 -22.71 -4.68
N ASP C 214 25.41 -22.82 -4.64
CA ASP C 214 26.13 -23.61 -3.65
C ASP C 214 27.34 -22.87 -3.05
N ALA C 215 27.37 -21.55 -3.22
CA ALA C 215 28.41 -20.71 -2.67
C ALA C 215 27.79 -19.51 -1.95
N ASP C 216 28.23 -19.28 -0.72
CA ASP C 216 27.79 -18.12 0.05
C ASP C 216 28.20 -16.83 -0.67
N GLU C 217 27.21 -16.08 -1.13
CA GLU C 217 27.47 -14.91 -1.99
C GLU C 217 27.62 -13.58 -1.25
N TYR C 218 27.53 -13.61 0.08
CA TYR C 218 27.69 -12.40 0.89
C TYR C 218 29.14 -12.20 1.33
N ILE C 219 29.95 -13.25 1.25
CA ILE C 219 31.37 -13.17 1.59
C ILE C 219 32.10 -12.26 0.62
N ARG C 220 32.72 -11.20 1.14
CA ARG C 220 33.53 -10.30 0.32
C ARG C 220 34.92 -10.91 0.12
N HIS C 221 35.45 -10.76 -1.09
CA HIS C 221 36.77 -11.30 -1.43
C HIS C 221 37.83 -10.20 -1.43
N GLY C 222 38.92 -10.43 -0.71
CA GLY C 222 40.00 -9.45 -0.61
C GLY C 222 39.63 -8.21 0.18
N ALA C 223 38.84 -8.39 1.25
CA ALA C 223 38.34 -7.29 2.06
C ALA C 223 39.46 -6.57 2.81
N THR C 224 39.59 -5.26 2.58
CA THR C 224 40.68 -4.46 3.14
C THR C 224 40.25 -3.75 4.43
N LEU C 225 41.24 -3.24 5.15
CA LEU C 225 41.03 -2.41 6.35
C LEU C 225 40.67 -0.96 5.95
N ASP C 226 41.16 -0.52 4.80
CA ASP C 226 40.90 0.83 4.28
C ASP C 226 39.43 1.06 3.94
N SER C 227 38.80 0.08 3.29
CA SER C 227 37.37 0.18 2.94
C SER C 227 36.47 -0.03 4.17
N MET C 228 37.04 -0.61 5.22
CA MET C 228 36.33 -0.77 6.50
C MET C 228 36.32 0.54 7.31
N ALA C 229 37.42 1.31 7.21
CA ALA C 229 37.59 2.55 7.98
C ALA C 229 36.94 3.79 7.34
N LYS C 230 36.52 3.69 6.07
CA LYS C 230 35.95 4.83 5.35
C LYS C 230 34.42 4.94 5.51
N LEU C 231 33.75 3.82 5.77
CA LEU C 231 32.29 3.80 5.94
C LEU C 231 31.86 4.71 7.09
N ARG C 232 30.79 5.46 6.90
CA ARG C 232 30.21 6.27 7.99
C ARG C 232 29.38 5.37 8.91
N PRO C 233 29.21 5.77 10.19
CA PRO C 233 28.40 4.97 11.12
C PRO C 233 26.95 4.80 10.65
N ALA C 234 26.45 3.57 10.69
CA ALA C 234 25.15 3.23 10.11
C ALA C 234 23.95 3.64 10.99
N PHE C 235 24.14 3.67 12.30
CA PHE C 235 23.05 3.95 13.25
C PHE C 235 23.26 5.28 13.97
N ASP C 236 24.21 5.33 14.90
CA ASP C 236 24.54 6.56 15.63
C ASP C 236 25.53 7.38 14.79
N LYS C 237 25.09 8.54 14.29
CA LYS C 237 25.86 9.35 13.33
C LYS C 237 27.20 9.94 13.84
N GLU C 238 27.46 9.80 15.14
CA GLU C 238 28.78 10.08 15.70
C GLU C 238 29.27 8.86 16.50
N GLY C 239 28.91 7.69 16.01
CA GLY C 239 29.16 6.43 16.70
C GLY C 239 30.28 5.62 16.07
N THR C 240 30.24 4.31 16.31
CA THR C 240 31.35 3.42 15.97
C THR C 240 30.94 2.23 15.08
N VAL C 241 29.69 1.79 15.15
CA VAL C 241 29.22 0.63 14.36
C VAL C 241 28.75 1.06 12.95
N THR C 242 29.09 0.24 11.95
CA THR C 242 28.87 0.55 10.55
C THR C 242 28.27 -0.65 9.80
N ALA C 243 28.07 -0.48 8.50
CA ALA C 243 27.69 -1.58 7.62
C ALA C 243 28.86 -2.55 7.39
N GLY C 244 30.08 -2.07 7.63
CA GLY C 244 31.27 -2.91 7.52
C GLY C 244 31.44 -3.91 8.66
N ASN C 245 31.20 -3.46 9.90
CA ASN C 245 31.41 -4.31 11.10
C ASN C 245 30.15 -4.94 11.71
N ALA C 246 29.00 -4.66 11.12
CA ALA C 246 27.74 -5.30 11.51
C ALA C 246 27.45 -6.46 10.56
N SER C 247 26.51 -7.32 10.94
CA SER C 247 26.03 -8.38 10.06
C SER C 247 25.08 -7.81 9.03
N GLY C 248 24.78 -8.60 8.00
CA GLY C 248 23.94 -8.15 6.90
C GLY C 248 22.53 -8.71 6.99
N LEU C 249 21.74 -8.38 6.00
CA LEU C 249 20.41 -8.93 5.85
C LEU C 249 20.54 -10.03 4.81
N ASN C 250 20.05 -11.22 5.13
CA ASN C 250 20.35 -12.40 4.31
C ASN C 250 19.21 -13.42 4.30
N ASP C 251 19.25 -14.34 3.32
CA ASP C 251 18.29 -15.45 3.21
C ASP C 251 19.03 -16.78 3.26
N GLY C 252 18.48 -17.74 4.00
CA GLY C 252 19.04 -19.08 4.06
C GLY C 252 18.21 -20.02 4.91
N ALA C 253 18.66 -21.27 5.00
CA ALA C 253 18.08 -22.28 5.88
C ALA C 253 19.14 -23.27 6.29
N ALA C 254 18.88 -23.97 7.39
CA ALA C 254 19.81 -24.95 7.94
C ALA C 254 19.08 -25.88 8.90
N ALA C 255 19.52 -27.15 8.95
CA ALA C 255 18.85 -28.15 9.77
C ALA C 255 19.75 -29.29 10.22
N ALA C 256 19.29 -30.00 11.24
CA ALA C 256 19.95 -31.22 11.73
C ALA C 256 18.92 -32.32 11.91
N LEU C 257 19.36 -33.57 11.80
CA LEU C 257 18.49 -34.73 12.04
C LEU C 257 18.84 -35.32 13.41
N LEU C 258 17.91 -35.20 14.37
CA LEU C 258 18.14 -35.70 15.74
C LEU C 258 17.50 -37.07 15.98
N MET C 259 18.21 -37.90 16.73
CA MET C 259 17.70 -39.19 17.20
C MET C 259 18.51 -39.60 18.42
N SER C 260 18.16 -40.71 19.06
CA SER C 260 18.92 -41.19 20.22
C SER C 260 20.27 -41.80 19.80
N GLU C 261 21.19 -41.90 20.75
CA GLU C 261 22.52 -42.53 20.51
C GLU C 261 22.38 -44.02 20.22
N ALA C 262 21.37 -44.64 20.80
CA ALA C 262 21.02 -46.04 20.51
C ALA C 262 20.43 -46.19 19.10
N GLU C 263 19.58 -45.25 18.69
CA GLU C 263 18.93 -45.30 17.37
C GLU C 263 19.91 -45.09 16.21
N ALA C 264 20.84 -44.15 16.37
CA ALA C 264 21.89 -43.95 15.36
C ALA C 264 22.79 -45.18 15.22
N SER C 265 23.08 -45.85 16.34
CA SER C 265 23.88 -47.08 16.37
C SER C 265 23.16 -48.25 15.66
N ARG C 266 21.87 -48.40 15.90
CA ARG C 266 21.03 -49.39 15.20
C ARG C 266 21.17 -49.23 13.68
N ARG C 267 21.09 -47.98 13.22
CA ARG C 267 21.02 -47.65 11.81
C ARG C 267 22.36 -47.64 11.06
N GLY C 268 23.47 -47.85 11.77
CA GLY C 268 24.81 -47.84 11.16
C GLY C 268 25.28 -46.43 10.81
N ILE C 269 24.66 -45.44 11.46
CA ILE C 269 24.97 -44.04 11.22
C ILE C 269 26.02 -43.62 12.21
N GLN C 270 27.00 -42.88 11.76
CA GLN C 270 27.96 -42.27 12.66
C GLN C 270 27.68 -40.77 12.74
N PRO C 271 27.19 -40.30 13.90
CA PRO C 271 26.66 -38.94 13.98
C PRO C 271 27.72 -37.84 13.91
N LEU C 272 27.28 -36.64 13.54
CA LEU C 272 28.11 -35.44 13.61
C LEU C 272 28.44 -35.07 15.05
N GLY C 273 27.58 -35.42 16.00
CA GLY C 273 27.85 -35.12 17.40
C GLY C 273 26.76 -35.50 18.36
N ARG C 274 27.09 -35.41 19.66
CA ARG C 274 26.16 -35.68 20.75
C ARG C 274 25.86 -34.38 21.52
N ILE C 275 24.59 -34.08 21.71
CA ILE C 275 24.18 -32.84 22.40
C ILE C 275 24.25 -33.06 23.89
N VAL C 276 25.30 -32.56 24.53
CA VAL C 276 25.53 -32.82 25.95
C VAL C 276 24.65 -31.91 26.82
N SER C 277 24.57 -30.63 26.47
CA SER C 277 23.73 -29.67 27.20
C SER C 277 23.46 -28.42 26.37
N TRP C 278 22.43 -27.69 26.77
CA TRP C 278 22.09 -26.40 26.17
C TRP C 278 21.66 -25.46 27.29
N ALA C 279 21.38 -24.21 26.95
CA ALA C 279 21.02 -23.20 27.95
C ALA C 279 20.51 -21.94 27.30
N THR C 280 19.45 -21.37 27.87
CA THR C 280 18.97 -20.05 27.48
C THR C 280 18.85 -19.17 28.73
N VAL C 281 19.34 -17.93 28.62
CA VAL C 281 19.37 -16.98 29.74
C VAL C 281 19.09 -15.58 29.20
N GLY C 282 18.60 -14.70 30.07
CA GLY C 282 18.23 -13.34 29.68
C GLY C 282 19.22 -12.30 30.15
N VAL C 283 19.17 -11.13 29.50
CA VAL C 283 19.96 -9.97 29.88
C VAL C 283 19.19 -8.69 29.50
N ASP C 284 19.74 -7.55 29.89
CA ASP C 284 19.14 -6.26 29.55
C ASP C 284 19.04 -6.12 28.02
N PRO C 285 17.83 -5.82 27.50
CA PRO C 285 17.67 -5.54 26.07
C PRO C 285 18.50 -4.35 25.52
N LYS C 286 18.95 -3.46 26.40
CA LYS C 286 19.88 -2.38 26.00
C LYS C 286 21.24 -2.90 25.55
N VAL C 287 21.72 -3.97 26.17
CA VAL C 287 23.01 -4.57 25.84
C VAL C 287 22.77 -6.03 25.42
N MET C 288 21.85 -6.21 24.48
CA MET C 288 21.41 -7.54 24.05
C MET C 288 22.55 -8.39 23.47
N GLY C 289 23.60 -7.73 23.01
CA GLY C 289 24.78 -8.42 22.49
C GLY C 289 25.57 -9.25 23.49
N THR C 290 25.33 -9.04 24.78
CA THR C 290 25.99 -9.81 25.85
C THR C 290 25.26 -11.11 26.20
N GLY C 291 24.35 -11.56 25.35
CA GLY C 291 23.58 -12.79 25.59
C GLY C 291 24.42 -14.05 25.74
N PRO C 292 25.36 -14.28 24.81
CA PRO C 292 26.22 -15.47 24.83
C PRO C 292 27.02 -15.70 26.10
N ILE C 293 27.27 -14.64 26.87
CA ILE C 293 28.10 -14.74 28.06
C ILE C 293 27.45 -15.62 29.15
N PRO C 294 26.26 -15.23 29.67
CA PRO C 294 25.62 -16.09 30.66
C PRO C 294 25.08 -17.41 30.10
N ALA C 295 24.59 -17.41 28.86
CA ALA C 295 24.02 -18.62 28.27
C ALA C 295 25.08 -19.71 28.00
N SER C 296 26.24 -19.29 27.47
CA SER C 296 27.38 -20.21 27.26
C SER C 296 27.87 -20.73 28.60
N ARG C 297 27.99 -19.84 29.58
CA ARG C 297 28.41 -20.23 30.93
C ARG C 297 27.43 -21.17 31.62
N LYS C 298 26.13 -21.00 31.33
CA LYS C 298 25.09 -21.88 31.89
C LYS C 298 25.19 -23.27 31.26
N ALA C 299 25.28 -23.30 29.92
CA ALA C 299 25.47 -24.54 29.16
C ALA C 299 26.71 -25.31 29.64
N LEU C 300 27.84 -24.61 29.72
CA LEU C 300 29.10 -25.21 30.19
C LEU C 300 28.98 -25.79 31.61
N GLU C 301 28.13 -25.18 32.44
CA GLU C 301 27.88 -25.64 33.80
C GLU C 301 27.05 -26.93 33.78
N ARG C 302 26.05 -26.99 32.90
CA ARG C 302 25.25 -28.20 32.72
C ARG C 302 26.07 -29.35 32.14
N ALA C 303 26.98 -29.02 31.22
CA ALA C 303 27.83 -30.03 30.60
C ALA C 303 28.95 -30.51 31.52
N GLY C 304 29.17 -29.82 32.63
CA GLY C 304 30.26 -30.12 33.56
C GLY C 304 31.62 -29.64 33.10
N TRP C 305 31.65 -28.89 31.99
CA TRP C 305 32.91 -28.48 31.36
C TRP C 305 33.35 -27.09 31.81
N LYS C 306 34.66 -26.86 31.79
CA LYS C 306 35.23 -25.53 31.94
C LYS C 306 35.41 -24.92 30.55
N ILE C 307 35.59 -23.60 30.51
CA ILE C 307 35.73 -22.87 29.25
C ILE C 307 36.91 -23.40 28.43
N GLY C 308 37.99 -23.73 29.12
CA GLY C 308 39.21 -24.24 28.49
C GLY C 308 39.12 -25.62 27.85
N ASP C 309 38.10 -26.41 28.20
CA ASP C 309 37.93 -27.75 27.62
C ASP C 309 37.46 -27.72 26.16
N LEU C 310 36.83 -26.61 25.77
CA LEU C 310 36.34 -26.43 24.40
C LEU C 310 37.50 -26.46 23.41
N ASP C 311 37.30 -27.18 22.32
CA ASP C 311 38.29 -27.25 21.24
C ASP C 311 37.90 -26.29 20.10
N LEU C 312 36.59 -26.04 19.95
CA LEU C 312 36.10 -25.15 18.90
C LEU C 312 34.82 -24.44 19.34
N VAL C 313 34.67 -23.19 18.91
CA VAL C 313 33.50 -22.39 19.27
C VAL C 313 32.94 -21.63 18.07
N GLU C 314 31.62 -21.58 17.98
CA GLU C 314 30.94 -20.75 17.02
C GLU C 314 30.09 -19.72 17.76
N ALA C 315 30.66 -18.53 17.94
CA ALA C 315 29.95 -17.39 18.53
C ALA C 315 29.45 -16.47 17.41
N ASN C 316 28.12 -16.34 17.30
CA ASN C 316 27.49 -15.60 16.19
C ASN C 316 27.86 -14.12 16.15
N GLU C 317 28.44 -13.69 15.03
CA GLU C 317 28.84 -12.31 14.84
C GLU C 317 27.64 -11.47 14.38
N ALA C 318 26.86 -10.99 15.34
CA ALA C 318 25.76 -10.06 15.03
C ALA C 318 26.37 -8.68 14.77
N PHE C 319 27.24 -8.26 15.67
CA PHE C 319 28.04 -7.03 15.51
C PHE C 319 29.45 -7.28 16.03
N ALA C 320 30.44 -6.61 15.43
CA ALA C 320 31.84 -6.74 15.87
C ALA C 320 32.01 -6.24 17.31
N ALA C 321 31.18 -5.27 17.71
CA ALA C 321 31.19 -4.78 19.09
C ALA C 321 30.81 -5.86 20.08
N GLN C 322 29.70 -6.56 19.82
CA GLN C 322 29.22 -7.62 20.72
C GLN C 322 29.99 -8.93 20.60
N ALA C 323 30.53 -9.22 19.41
CA ALA C 323 31.35 -10.42 19.19
C ALA C 323 32.70 -10.35 19.93
N CYS C 324 33.28 -9.16 19.99
CA CYS C 324 34.50 -8.90 20.76
C CYS C 324 34.25 -8.94 22.28
N ALA C 325 33.11 -8.42 22.70
CA ALA C 325 32.72 -8.37 24.12
C ALA C 325 32.53 -9.78 24.68
N VAL C 326 31.80 -10.62 23.96
CA VAL C 326 31.61 -12.02 24.35
C VAL C 326 32.96 -12.71 24.52
N ASN C 327 33.81 -12.59 23.49
CA ASN C 327 35.16 -13.16 23.50
C ASN C 327 36.04 -12.64 24.65
N LYS C 328 35.88 -11.35 24.95
CA LYS C 328 36.68 -10.70 25.99
C LYS C 328 36.24 -11.14 27.40
N ASP C 329 34.93 -11.31 27.59
CA ASP C 329 34.39 -11.69 28.89
C ASP C 329 34.68 -13.16 29.22
N LEU C 330 34.30 -14.05 28.31
CA LEU C 330 34.46 -15.50 28.50
C LEU C 330 35.94 -15.91 28.51
N GLY C 331 36.72 -15.27 27.64
CA GLY C 331 38.17 -15.41 27.67
C GLY C 331 38.72 -16.66 26.99
N TRP C 332 37.90 -17.32 26.18
CA TRP C 332 38.37 -18.47 25.41
C TRP C 332 39.40 -18.03 24.37
N ASP C 333 40.18 -19.00 23.89
CA ASP C 333 41.23 -18.73 22.89
C ASP C 333 40.59 -18.28 21.58
N PRO C 334 40.92 -17.06 21.12
CA PRO C 334 40.22 -16.54 19.93
C PRO C 334 40.55 -17.30 18.63
N SER C 335 41.63 -18.06 18.63
CA SER C 335 42.04 -18.84 17.45
C SER C 335 41.12 -20.03 17.15
N ILE C 336 40.33 -20.47 18.13
CA ILE C 336 39.34 -21.53 17.93
C ILE C 336 37.91 -20.98 17.84
N VAL C 337 37.76 -19.66 17.71
CA VAL C 337 36.45 -19.03 17.60
C VAL C 337 36.19 -18.60 16.17
N ASN C 338 35.10 -19.09 15.59
CA ASN C 338 34.72 -18.77 14.21
C ASN C 338 35.90 -19.00 13.27
N VAL C 339 36.56 -20.14 13.44
CA VAL C 339 37.72 -20.52 12.65
C VAL C 339 37.48 -20.33 11.14
N ASN C 340 36.28 -20.65 10.69
CA ASN C 340 35.89 -20.42 9.30
C ASN C 340 35.04 -19.15 9.13
N GLY C 341 35.46 -18.07 9.77
CA GLY C 341 34.76 -16.80 9.66
C GLY C 341 33.41 -16.86 10.34
N GLY C 342 32.63 -15.78 10.23
CA GLY C 342 31.36 -15.68 10.95
C GLY C 342 30.30 -14.88 10.22
N ALA C 343 29.25 -14.49 10.95
CA ALA C 343 28.03 -13.91 10.35
C ALA C 343 28.25 -12.59 9.60
N ILE C 344 29.27 -11.83 10.00
CA ILE C 344 29.65 -10.60 9.29
C ILE C 344 29.95 -10.91 7.83
N ALA C 345 30.72 -11.96 7.59
CA ALA C 345 31.12 -12.35 6.23
C ALA C 345 30.09 -13.27 5.56
N ILE C 346 29.58 -14.23 6.33
CA ILE C 346 28.65 -15.26 5.81
C ILE C 346 27.20 -14.76 5.72
N GLY C 347 26.81 -13.85 6.61
CA GLY C 347 25.47 -13.29 6.62
C GLY C 347 24.68 -13.75 7.84
N HIS C 348 23.50 -13.16 8.03
CA HIS C 348 22.66 -13.41 9.21
C HIS C 348 21.19 -13.59 8.83
N PRO C 349 20.81 -14.80 8.38
CA PRO C 349 19.40 -15.12 8.16
C PRO C 349 18.72 -15.45 9.50
N ILE C 350 18.12 -14.42 10.11
CA ILE C 350 17.72 -14.44 11.53
C ILE C 350 17.30 -15.81 12.06
N GLY C 351 16.19 -16.33 11.54
CA GLY C 351 15.63 -17.61 12.01
C GLY C 351 16.52 -18.82 11.75
N ALA C 352 17.28 -18.78 10.67
CA ALA C 352 18.19 -19.87 10.30
C ALA C 352 19.59 -19.73 10.89
N SER C 353 19.88 -18.59 11.53
CA SER C 353 21.24 -18.26 11.95
C SER C 353 21.83 -19.25 12.94
N GLY C 354 21.01 -19.70 13.88
CA GLY C 354 21.44 -20.70 14.89
C GLY C 354 21.73 -22.08 14.33
N ALA C 355 20.87 -22.55 13.44
CA ALA C 355 21.10 -23.81 12.75
C ALA C 355 22.27 -23.65 11.78
N ARG C 356 22.43 -22.44 11.23
CA ARG C 356 23.55 -22.12 10.36
C ARG C 356 24.85 -22.36 11.09
N ILE C 357 25.03 -21.72 12.25
CA ILE C 357 26.30 -21.83 12.97
C ILE C 357 26.52 -23.23 13.61
N LEU C 358 25.44 -23.99 13.80
CA LEU C 358 25.55 -25.40 14.24
C LEU C 358 26.18 -26.29 13.15
N ASN C 359 25.83 -26.06 11.89
CA ASN C 359 26.45 -26.79 10.79
C ASN C 359 27.95 -26.52 10.78
N THR C 360 28.32 -25.25 10.55
CA THR C 360 29.73 -24.82 10.55
C THR C 360 30.55 -25.45 11.71
N LEU C 361 29.97 -25.49 12.91
CA LEU C 361 30.64 -26.08 14.10
C LEU C 361 30.80 -27.60 13.96
N LEU C 362 29.72 -28.29 13.58
CA LEU C 362 29.70 -29.77 13.52
C LEU C 362 30.70 -30.30 12.48
N PHE C 363 30.69 -29.72 11.29
CA PHE C 363 31.56 -30.19 10.21
C PHE C 363 33.04 -29.88 10.45
N GLU C 364 33.35 -28.74 11.07
CA GLU C 364 34.73 -28.45 11.41
C GLU C 364 35.21 -29.42 12.49
N MET C 365 34.38 -29.63 13.52
CA MET C 365 34.69 -30.59 14.57
C MET C 365 35.03 -31.96 14.00
N LYS C 366 34.31 -32.34 12.95
CA LYS C 366 34.54 -33.59 12.25
C LYS C 366 35.81 -33.50 11.39
N ARG C 367 36.01 -32.37 10.73
CA ARG C 367 37.15 -32.19 9.82
C ARG C 367 38.51 -32.09 10.50
N ARG C 368 38.60 -31.39 11.63
CA ARG C 368 39.88 -31.24 12.34
C ARG C 368 40.04 -32.17 13.55
N GLY C 369 39.00 -32.93 13.87
CA GLY C 369 39.03 -33.90 14.98
C GLY C 369 38.89 -33.24 16.33
N ALA C 370 37.99 -32.27 16.44
CA ALA C 370 37.69 -31.63 17.72
C ALA C 370 36.75 -32.53 18.51
N ARG C 371 36.98 -32.64 19.82
CA ARG C 371 36.12 -33.45 20.69
C ARG C 371 34.95 -32.62 21.18
N LYS C 372 35.26 -31.52 21.88
CA LYS C 372 34.25 -30.69 22.52
C LYS C 372 34.09 -29.36 21.79
N GLY C 373 32.84 -28.94 21.61
CA GLY C 373 32.53 -27.71 20.88
C GLY C 373 31.29 -27.02 21.45
N LEU C 374 31.15 -25.74 21.14
CA LEU C 374 30.05 -24.93 21.67
C LEU C 374 29.57 -23.95 20.59
N ALA C 375 28.25 -23.76 20.51
CA ALA C 375 27.64 -22.73 19.67
C ALA C 375 26.89 -21.73 20.56
N THR C 376 26.79 -20.49 20.10
CA THR C 376 26.06 -19.46 20.84
C THR C 376 25.75 -18.22 19.98
N LEU C 377 24.56 -17.67 20.20
CA LEU C 377 24.12 -16.45 19.53
C LEU C 377 23.56 -15.48 20.56
N CYS C 378 23.74 -14.19 20.31
CA CYS C 378 23.03 -13.16 21.05
C CYS C 378 21.65 -13.04 20.44
N ILE C 379 20.66 -12.71 21.27
CA ILE C 379 19.25 -12.67 20.86
C ILE C 379 18.63 -11.29 21.14
N GLY C 380 17.97 -10.74 20.12
CA GLY C 380 17.30 -9.46 20.25
C GLY C 380 16.20 -9.52 21.28
N GLY C 381 15.93 -8.39 21.90
CA GLY C 381 15.08 -8.35 23.10
C GLY C 381 15.84 -8.66 24.38
N GLY C 382 17.13 -8.99 24.26
CA GLY C 382 17.99 -9.19 25.43
C GLY C 382 17.95 -10.59 26.00
N MET C 383 18.46 -11.55 25.24
CA MET C 383 18.61 -12.93 25.71
C MET C 383 19.83 -13.57 25.04
N GLY C 384 20.17 -14.77 25.50
CA GLY C 384 21.19 -15.60 24.85
C GLY C 384 20.82 -17.06 24.92
N VAL C 385 21.25 -17.82 23.91
CA VAL C 385 21.09 -19.26 23.87
C VAL C 385 22.43 -19.93 23.56
N ALA C 386 22.65 -21.10 24.14
CA ALA C 386 23.89 -21.84 23.89
C ALA C 386 23.62 -23.33 23.80
N MET C 387 24.55 -24.06 23.18
CA MET C 387 24.46 -25.52 23.10
C MET C 387 25.84 -26.15 23.08
N CYS C 388 26.09 -27.10 23.97
CA CYS C 388 27.38 -27.83 24.01
C CYS C 388 27.28 -29.16 23.27
N ILE C 389 28.18 -29.38 22.31
CA ILE C 389 28.22 -30.61 21.52
C ILE C 389 29.51 -31.38 21.82
N GLU C 390 29.41 -32.71 21.95
CA GLU C 390 30.59 -33.59 22.04
C GLU C 390 30.53 -34.65 20.94
N SER C 391 31.68 -34.94 20.32
CA SER C 391 31.72 -35.91 19.23
C SER C 391 31.94 -37.31 19.79
N LEU C 392 31.40 -38.30 19.07
CA LEU C 392 31.42 -39.69 19.52
C LEU C 392 32.62 -40.43 18.94
N SER D 4 3.82 -35.77 37.70
CA SER D 4 5.21 -35.21 37.61
C SER D 4 5.11 -33.70 37.48
N ILE D 5 4.47 -33.23 36.41
CA ILE D 5 4.34 -31.79 36.12
C ILE D 5 2.89 -31.35 36.19
N VAL D 6 2.65 -30.22 36.87
CA VAL D 6 1.30 -29.74 37.21
C VAL D 6 1.04 -28.31 36.73
N ILE D 7 -0.23 -28.01 36.42
CA ILE D 7 -0.67 -26.64 36.21
C ILE D 7 -1.10 -26.13 37.58
N ALA D 8 -0.22 -25.37 38.21
CA ALA D 8 -0.50 -24.77 39.51
C ALA D 8 -1.66 -23.76 39.45
N SER D 9 -1.68 -22.96 38.38
CA SER D 9 -2.72 -21.94 38.17
C SER D 9 -2.89 -21.62 36.69
N ALA D 10 -4.00 -20.96 36.36
CA ALA D 10 -4.29 -20.53 34.98
C ALA D 10 -5.14 -19.27 34.95
N ALA D 11 -5.33 -18.72 33.76
CA ALA D 11 -6.15 -17.53 33.56
C ALA D 11 -6.27 -17.20 32.07
N ARG D 12 -7.30 -16.43 31.71
CA ARG D 12 -7.49 -16.00 30.32
C ARG D 12 -8.28 -14.70 30.23
N THR D 13 -8.09 -13.96 29.15
CA THR D 13 -8.92 -12.82 28.87
C THR D 13 -10.25 -13.32 28.33
N ALA D 14 -11.29 -12.50 28.47
CA ALA D 14 -12.51 -12.72 27.72
C ALA D 14 -12.10 -12.76 26.25
N VAL D 15 -12.77 -13.61 25.48
CA VAL D 15 -12.54 -13.67 24.06
C VAL D 15 -13.43 -12.60 23.40
N GLY D 16 -12.78 -11.66 22.73
CA GLY D 16 -13.45 -10.55 22.07
C GLY D 16 -13.69 -10.82 20.59
N SER D 17 -14.77 -10.23 20.07
CA SER D 17 -15.15 -10.40 18.67
C SER D 17 -14.18 -9.69 17.74
N PHE D 18 -14.38 -9.88 16.44
CA PHE D 18 -13.55 -9.24 15.42
C PHE D 18 -13.82 -7.73 15.38
N ASN D 19 -12.76 -6.94 15.54
CA ASN D 19 -12.86 -5.48 15.63
C ASN D 19 -13.88 -4.99 16.68
N GLY D 20 -13.94 -5.67 17.83
CA GLY D 20 -14.91 -5.38 18.87
C GLY D 20 -14.31 -4.74 20.12
N ALA D 21 -14.16 -5.54 21.16
CA ALA D 21 -13.68 -5.06 22.46
C ALA D 21 -12.18 -4.79 22.46
N PHE D 22 -11.43 -5.59 21.69
CA PHE D 22 -9.97 -5.47 21.58
C PHE D 22 -9.54 -5.16 20.14
N ALA D 23 -10.38 -4.41 19.41
CA ALA D 23 -10.12 -4.05 18.02
C ALA D 23 -8.73 -3.45 17.78
N ASN D 24 -8.28 -2.63 18.73
CA ASN D 24 -6.96 -1.98 18.66
C ASN D 24 -6.02 -2.35 19.81
N THR D 25 -6.21 -3.52 20.41
CA THR D 25 -5.35 -3.99 21.51
C THR D 25 -4.37 -5.05 21.03
N PRO D 26 -3.07 -4.71 20.95
CA PRO D 26 -2.05 -5.67 20.51
C PRO D 26 -2.01 -6.94 21.37
N ALA D 27 -1.72 -8.07 20.74
CA ALA D 27 -1.72 -9.37 21.43
C ALA D 27 -0.93 -9.31 22.73
N HIS D 28 0.31 -8.80 22.67
CA HIS D 28 1.24 -8.89 23.80
C HIS D 28 0.73 -8.22 25.07
N GLU D 29 -0.16 -7.23 24.91
CA GLU D 29 -0.82 -6.62 26.06
C GLU D 29 -1.81 -7.57 26.71
N LEU D 30 -2.58 -8.28 25.88
CA LEU D 30 -3.48 -9.32 26.38
C LEU D 30 -2.67 -10.40 27.10
N GLY D 31 -1.53 -10.76 26.52
CA GLY D 31 -0.66 -11.79 27.09
C GLY D 31 -0.09 -11.43 28.44
N ALA D 32 0.32 -10.18 28.61
CA ALA D 32 0.91 -9.74 29.87
C ALA D 32 -0.07 -9.83 31.05
N THR D 33 -1.33 -9.50 30.78
CA THR D 33 -2.39 -9.57 31.79
C THR D 33 -2.60 -10.99 32.27
N VAL D 34 -2.50 -11.94 31.33
CA VAL D 34 -2.69 -13.36 31.64
C VAL D 34 -1.49 -13.89 32.42
N ILE D 35 -0.28 -13.50 32.01
CA ILE D 35 0.94 -13.81 32.78
C ILE D 35 0.78 -13.32 34.23
N SER D 36 0.48 -12.03 34.39
CA SER D 36 0.27 -11.42 35.72
C SER D 36 -0.80 -12.16 36.52
N ALA D 37 -1.88 -12.54 35.84
CA ALA D 37 -2.98 -13.29 36.46
C ALA D 37 -2.52 -14.65 37.01
N VAL D 38 -1.79 -15.41 36.20
CA VAL D 38 -1.34 -16.74 36.62
C VAL D 38 -0.32 -16.66 37.75
N LEU D 39 0.50 -15.61 37.75
CA LEU D 39 1.45 -15.35 38.83
C LEU D 39 0.72 -15.01 40.13
N GLU D 40 -0.25 -14.11 40.04
CA GLU D 40 -1.04 -13.70 41.21
C GLU D 40 -1.89 -14.84 41.78
N ARG D 41 -2.50 -15.63 40.91
CA ARG D 41 -3.42 -16.68 41.35
C ARG D 41 -2.71 -17.86 42.03
N ALA D 42 -1.46 -18.11 41.63
CA ALA D 42 -0.63 -19.14 42.26
C ALA D 42 0.03 -18.64 43.55
N GLY D 43 0.26 -17.33 43.63
CA GLY D 43 1.05 -16.76 44.71
C GLY D 43 2.54 -16.88 44.40
N VAL D 44 2.91 -16.64 43.14
CA VAL D 44 4.29 -16.71 42.68
C VAL D 44 4.70 -15.38 42.04
N ALA D 45 5.88 -14.89 42.40
CA ALA D 45 6.38 -13.63 41.85
C ALA D 45 6.89 -13.81 40.44
N ALA D 46 6.76 -12.76 39.63
CA ALA D 46 7.30 -12.72 38.26
C ALA D 46 8.79 -13.03 38.24
N GLY D 47 9.48 -12.64 39.31
CA GLY D 47 10.92 -12.88 39.46
C GLY D 47 11.33 -14.34 39.38
N GLU D 48 10.44 -15.23 39.83
CA GLU D 48 10.74 -16.66 39.86
C GLU D 48 10.53 -17.33 38.50
N VAL D 49 9.85 -16.65 37.57
CA VAL D 49 9.55 -17.22 36.26
C VAL D 49 10.80 -17.33 35.40
N ASN D 50 11.12 -18.56 34.99
CA ASN D 50 12.26 -18.83 34.11
C ASN D 50 11.99 -18.51 32.64
N GLU D 51 10.79 -18.82 32.16
CA GLU D 51 10.47 -18.61 30.75
C GLU D 51 8.99 -18.36 30.48
N VAL D 52 8.71 -17.69 29.37
CA VAL D 52 7.34 -17.49 28.90
C VAL D 52 7.21 -17.98 27.45
N ILE D 53 6.43 -19.05 27.23
CA ILE D 53 6.28 -19.67 25.90
C ILE D 53 4.87 -19.42 25.37
N LEU D 54 4.74 -18.56 24.36
CA LEU D 54 3.42 -18.13 23.88
C LEU D 54 3.16 -18.48 22.41
N GLY D 55 2.15 -19.32 22.20
CA GLY D 55 1.71 -19.64 20.86
C GLY D 55 1.06 -18.41 20.25
N GLN D 56 1.48 -18.07 19.03
CA GLN D 56 0.91 -16.95 18.31
C GLN D 56 1.08 -17.21 16.82
N VAL D 57 0.05 -16.88 16.05
CA VAL D 57 0.02 -17.15 14.62
C VAL D 57 0.17 -15.90 13.75
N LEU D 58 -0.37 -14.78 14.21
CA LEU D 58 -0.40 -13.54 13.45
C LEU D 58 0.30 -12.43 14.22
N PRO D 59 1.64 -12.53 14.35
CA PRO D 59 2.41 -11.50 15.05
C PRO D 59 2.92 -10.39 14.12
N ALA D 60 2.50 -10.42 12.85
CA ALA D 60 3.01 -9.51 11.84
C ALA D 60 2.69 -8.07 12.23
N GLY D 61 3.73 -7.25 12.31
CA GLY D 61 3.60 -5.82 12.60
C GLY D 61 3.71 -5.44 14.07
N GLU D 62 3.69 -6.44 14.95
CA GLU D 62 3.65 -6.21 16.40
C GLU D 62 5.03 -6.01 17.02
N GLY D 63 6.10 -6.29 16.26
CA GLY D 63 7.47 -6.05 16.72
C GLY D 63 8.20 -7.27 17.24
N GLN D 64 9.51 -7.12 17.46
CA GLN D 64 10.37 -8.24 17.90
C GLN D 64 9.71 -9.07 19.01
N ASN D 65 9.40 -10.32 18.69
CA ASN D 65 8.99 -11.31 19.70
C ASN D 65 7.98 -10.80 20.76
N PRO D 66 6.70 -10.73 20.39
CA PRO D 66 5.60 -10.41 21.31
C PRO D 66 5.52 -11.24 22.61
N ALA D 67 6.07 -12.45 22.62
CA ALA D 67 6.15 -13.23 23.85
C ALA D 67 7.06 -12.50 24.84
N ARG D 68 8.18 -12.00 24.34
CA ARG D 68 9.12 -11.22 25.15
C ARG D 68 8.55 -9.87 25.58
N GLN D 69 7.68 -9.29 24.75
CA GLN D 69 7.01 -8.05 25.11
C GLN D 69 5.98 -8.31 26.22
N ALA D 70 5.21 -9.39 26.04
CA ALA D 70 4.21 -9.80 27.04
C ALA D 70 4.85 -10.02 28.40
N ALA D 71 5.93 -10.79 28.40
CA ALA D 71 6.70 -11.10 29.60
C ALA D 71 7.16 -9.85 30.34
N MET D 72 7.86 -8.97 29.62
CA MET D 72 8.45 -7.78 30.23
C MET D 72 7.39 -6.88 30.86
N LYS D 73 6.36 -6.56 30.09
CA LYS D 73 5.24 -5.75 30.58
C LYS D 73 4.51 -6.44 31.74
N ALA D 74 4.50 -7.77 31.75
CA ALA D 74 3.94 -8.54 32.87
C ALA D 74 4.78 -8.43 34.16
N GLY D 75 5.99 -7.88 34.06
CA GLY D 75 6.90 -7.76 35.21
C GLY D 75 7.83 -8.95 35.41
N VAL D 76 7.80 -9.88 34.46
CA VAL D 76 8.76 -10.97 34.42
C VAL D 76 10.12 -10.35 34.10
N PRO D 77 11.17 -10.71 34.86
CA PRO D 77 12.42 -9.96 34.77
C PRO D 77 13.17 -10.18 33.45
N GLN D 78 14.20 -9.37 33.22
CA GLN D 78 15.04 -9.50 32.03
C GLN D 78 15.84 -10.81 31.99
N GLU D 79 16.15 -11.41 33.15
CA GLU D 79 16.93 -12.68 33.20
C GLU D 79 16.19 -13.87 32.64
N ALA D 80 14.86 -13.90 32.80
CA ALA D 80 14.04 -14.97 32.24
C ALA D 80 14.08 -14.91 30.73
N THR D 81 13.47 -15.90 30.10
CA THR D 81 13.43 -15.98 28.64
C THR D 81 11.97 -15.94 28.12
N ALA D 82 11.81 -15.72 26.81
CA ALA D 82 10.48 -15.73 26.19
C ALA D 82 10.51 -15.92 24.67
N TRP D 83 9.60 -16.74 24.15
CA TRP D 83 9.54 -16.99 22.71
C TRP D 83 8.13 -17.35 22.22
N GLY D 84 7.92 -17.14 20.92
CA GLY D 84 6.67 -17.50 20.26
C GLY D 84 6.80 -18.75 19.41
N MET D 85 5.66 -19.41 19.19
CA MET D 85 5.59 -20.59 18.33
C MET D 85 4.27 -20.65 17.59
N ASN D 86 4.29 -21.35 16.45
CA ASN D 86 3.13 -21.45 15.56
C ASN D 86 2.91 -22.93 15.14
N GLN D 87 1.85 -23.53 15.68
CA GLN D 87 1.27 -24.75 15.14
C GLN D 87 -0.22 -24.50 14.93
N LEU D 88 -0.51 -23.31 14.41
CA LEU D 88 -1.88 -22.85 14.15
C LEU D 88 -2.79 -23.04 15.38
N CYS D 89 -4.02 -23.54 15.19
CA CYS D 89 -4.98 -23.64 16.29
C CYS D 89 -4.36 -24.32 17.51
N GLY D 90 -3.52 -25.32 17.25
CA GLY D 90 -2.87 -26.09 18.30
C GLY D 90 -1.71 -25.40 18.99
N SER D 91 -1.41 -24.18 18.60
CA SER D 91 -0.28 -23.46 19.19
C SER D 91 -0.46 -23.31 20.70
N GLY D 92 -1.60 -22.78 21.12
CA GLY D 92 -1.87 -22.51 22.54
C GLY D 92 -1.76 -23.67 23.53
N LEU D 93 -2.15 -24.87 23.10
CA LEU D 93 -2.06 -26.06 23.96
C LEU D 93 -0.66 -26.67 23.90
N ARG D 94 -0.06 -26.63 22.72
CA ARG D 94 1.32 -27.11 22.52
C ARG D 94 2.36 -26.26 23.24
N ALA D 95 2.02 -25.01 23.55
CA ALA D 95 2.87 -24.19 24.42
C ALA D 95 2.98 -24.84 25.80
N VAL D 96 1.86 -25.38 26.28
CA VAL D 96 1.79 -25.97 27.62
C VAL D 96 2.54 -27.31 27.71
N ALA D 97 2.46 -28.12 26.65
CA ALA D 97 3.23 -29.35 26.57
C ALA D 97 4.73 -29.07 26.41
N LEU D 98 5.08 -28.11 25.56
CA LEU D 98 6.47 -27.65 25.45
C LEU D 98 6.98 -27.07 26.78
N GLY D 99 6.16 -26.25 27.43
CA GLY D 99 6.46 -25.75 28.78
C GLY D 99 6.60 -26.87 29.81
N MET D 100 5.80 -27.93 29.64
CA MET D 100 5.90 -29.14 30.44
C MET D 100 7.27 -29.80 30.23
N GLN D 101 7.69 -29.87 28.97
CA GLN D 101 8.97 -30.51 28.60
C GLN D 101 10.17 -29.82 29.22
N GLN D 102 10.12 -28.48 29.27
CA GLN D 102 11.20 -27.72 29.88
C GLN D 102 11.44 -28.19 31.31
N ILE D 103 10.35 -28.23 32.08
CA ILE D 103 10.41 -28.61 33.48
C ILE D 103 10.83 -30.06 33.67
N ALA D 104 10.24 -30.94 32.86
CA ALA D 104 10.52 -32.38 32.90
C ALA D 104 11.98 -32.72 32.60
N THR D 105 12.61 -31.96 31.70
CA THR D 105 14.01 -32.21 31.32
C THR D 105 15.04 -31.50 32.20
N GLY D 106 14.57 -30.73 33.18
CA GLY D 106 15.45 -30.03 34.12
C GLY D 106 16.15 -28.83 33.52
N ASP D 107 15.43 -28.08 32.67
CA ASP D 107 15.93 -26.83 32.08
C ASP D 107 15.23 -25.57 32.64
N ALA D 108 14.27 -25.76 33.54
CA ALA D 108 13.56 -24.65 34.17
C ALA D 108 12.76 -25.16 35.38
N SER D 109 12.40 -24.24 36.28
CA SER D 109 11.63 -24.58 37.48
C SER D 109 10.18 -24.11 37.40
N ILE D 110 9.96 -23.00 36.69
CA ILE D 110 8.63 -22.43 36.54
C ILE D 110 8.46 -21.88 35.12
N ILE D 111 7.30 -22.14 34.50
CA ILE D 111 7.02 -21.78 33.11
C ILE D 111 5.61 -21.23 32.93
N VAL D 112 5.49 -20.08 32.27
CA VAL D 112 4.19 -19.52 31.94
C VAL D 112 3.86 -19.71 30.46
N ALA D 113 3.12 -20.78 30.17
CA ALA D 113 2.84 -21.18 28.79
C ALA D 113 1.37 -21.00 28.44
N GLY D 114 1.12 -20.77 27.15
CA GLY D 114 -0.22 -20.56 26.65
C GLY D 114 -0.14 -19.88 25.31
N GLY D 115 -1.16 -19.09 24.97
CA GLY D 115 -1.18 -18.43 23.67
C GLY D 115 -1.94 -17.11 23.68
N MET D 116 -1.71 -16.32 22.64
CA MET D 116 -2.31 -15.00 22.51
C MET D 116 -2.54 -14.70 21.02
N GLU D 117 -3.61 -13.99 20.72
CA GLU D 117 -3.92 -13.68 19.34
C GLU D 117 -4.70 -12.38 19.22
N SER D 118 -4.22 -11.50 18.35
CA SER D 118 -4.99 -10.34 17.90
C SER D 118 -5.18 -10.49 16.39
N MET D 119 -6.35 -11.00 16.02
CA MET D 119 -6.75 -11.15 14.61
C MET D 119 -7.20 -9.81 14.05
N SER D 120 -7.79 -8.99 14.91
CA SER D 120 -8.18 -7.62 14.56
C SER D 120 -6.98 -6.80 14.11
N MET D 121 -5.86 -6.96 14.80
CA MET D 121 -4.63 -6.21 14.48
C MET D 121 -3.74 -6.85 13.41
N ALA D 122 -4.18 -7.97 12.84
CA ALA D 122 -3.44 -8.59 11.74
C ALA D 122 -3.50 -7.64 10.55
N PRO D 123 -2.32 -7.21 10.07
CA PRO D 123 -2.30 -6.16 9.05
C PRO D 123 -2.65 -6.69 7.67
N HIS D 124 -2.75 -5.78 6.69
CA HIS D 124 -2.68 -6.16 5.28
C HIS D 124 -1.25 -5.96 4.81
N CYS D 125 -0.80 -6.78 3.86
CA CYS D 125 0.59 -6.75 3.39
C CYS D 125 0.74 -6.95 1.88
N ALA D 126 1.99 -6.80 1.43
CA ALA D 126 2.38 -7.10 0.07
C ALA D 126 3.90 -7.01 0.01
N HIS D 127 4.53 -7.84 -0.82
CA HIS D 127 5.99 -7.83 -1.00
C HIS D 127 6.31 -6.89 -2.16
N LEU D 128 6.97 -5.76 -1.84
CA LEU D 128 7.17 -4.65 -2.78
C LEU D 128 8.64 -4.20 -2.87
N ARG D 129 9.57 -5.09 -2.54
CA ARG D 129 11.01 -4.79 -2.68
C ARG D 129 11.44 -4.74 -4.13
N GLY D 130 10.95 -5.67 -4.94
CA GLY D 130 11.35 -5.73 -6.35
C GLY D 130 10.87 -4.54 -7.14
N GLY D 131 9.79 -3.93 -6.68
CA GLY D 131 9.13 -2.88 -7.41
C GLY D 131 8.10 -3.49 -8.33
N VAL D 132 6.95 -2.84 -8.40
CA VAL D 132 5.92 -3.17 -9.36
C VAL D 132 6.10 -2.23 -10.52
N LYS D 133 6.80 -2.67 -11.56
CA LYS D 133 7.11 -1.81 -12.69
C LYS D 133 5.85 -1.30 -13.32
N MET D 134 4.87 -2.19 -13.45
CA MET D 134 3.62 -1.86 -14.15
C MET D 134 2.51 -2.83 -13.75
N GLY D 135 1.29 -2.32 -13.57
CA GLY D 135 0.11 -3.15 -13.32
C GLY D 135 -0.48 -3.05 -11.92
N ASP D 136 -1.62 -3.71 -11.71
CA ASP D 136 -2.25 -3.79 -10.39
C ASP D 136 -1.60 -4.87 -9.51
N PHE D 137 -1.49 -4.62 -8.21
CA PHE D 137 -1.08 -5.68 -7.28
C PHE D 137 -2.11 -5.86 -6.17
N LYS D 138 -1.90 -6.89 -5.35
CA LYS D 138 -2.83 -7.26 -4.28
C LYS D 138 -2.25 -6.94 -2.92
N MET D 139 -3.02 -6.24 -2.10
CA MET D 139 -2.69 -6.11 -0.69
C MET D 139 -3.33 -7.28 0.00
N ILE D 140 -2.50 -8.15 0.57
CA ILE D 140 -2.94 -9.42 1.15
C ILE D 140 -3.36 -9.24 2.61
N ASP D 141 -4.37 -10.02 3.02
CA ASP D 141 -4.87 -10.05 4.39
C ASP D 141 -4.20 -11.15 5.22
N THR D 142 -3.14 -10.77 5.95
CA THR D 142 -2.32 -11.73 6.68
C THR D 142 -3.11 -12.63 7.62
N MET D 143 -4.30 -12.20 8.00
CA MET D 143 -5.18 -13.05 8.78
C MET D 143 -5.67 -14.24 7.96
N ILE D 144 -6.22 -13.97 6.76
CA ILE D 144 -6.73 -15.03 5.88
C ILE D 144 -5.59 -15.90 5.32
N LYS D 145 -4.58 -15.24 4.77
CA LYS D 145 -3.45 -15.93 4.14
C LYS D 145 -2.70 -16.80 5.16
N ASP D 146 -2.17 -16.15 6.20
CA ASP D 146 -1.30 -16.84 7.16
C ASP D 146 -2.06 -17.59 8.25
N GLY D 147 -3.35 -17.31 8.41
CA GLY D 147 -4.16 -17.90 9.48
C GLY D 147 -5.29 -18.82 9.08
N LEU D 148 -5.92 -18.57 7.94
CA LEU D 148 -7.15 -19.30 7.57
C LEU D 148 -7.14 -20.06 6.23
N THR D 149 -6.16 -19.78 5.37
CA THR D 149 -6.08 -20.43 4.04
C THR D 149 -5.09 -21.59 4.05
N ASP D 150 -5.49 -22.74 3.52
CA ASP D 150 -4.60 -23.90 3.48
C ASP D 150 -3.50 -23.70 2.46
N ALA D 151 -2.26 -24.02 2.85
CA ALA D 151 -1.07 -23.72 2.05
C ALA D 151 -0.90 -24.63 0.84
N PHE D 152 -1.62 -25.75 0.84
CA PHE D 152 -1.42 -26.78 -0.17
C PHE D 152 -2.50 -26.77 -1.24
N TYR D 153 -3.77 -26.78 -0.83
CA TYR D 153 -4.89 -26.78 -1.78
C TYR D 153 -5.49 -25.40 -2.02
N GLY D 154 -5.08 -24.42 -1.21
CA GLY D 154 -5.36 -23.00 -1.48
C GLY D 154 -6.68 -22.43 -0.99
N TYR D 155 -7.55 -23.26 -0.43
CA TYR D 155 -8.89 -22.81 0.00
C TYR D 155 -8.95 -22.49 1.51
N HIS D 156 -10.06 -21.85 1.91
CA HIS D 156 -10.31 -21.51 3.31
C HIS D 156 -10.57 -22.80 4.10
N MET D 157 -10.23 -22.79 5.39
CA MET D 157 -10.48 -23.94 6.27
C MET D 157 -11.93 -24.45 6.22
N GLY D 158 -12.88 -23.58 5.89
CA GLY D 158 -14.29 -23.96 5.76
C GLY D 158 -14.57 -24.97 4.66
N THR D 159 -13.72 -24.99 3.62
CA THR D 159 -13.81 -25.98 2.56
C THR D 159 -13.30 -27.35 3.04
N THR D 160 -12.35 -27.35 3.98
CA THR D 160 -11.89 -28.59 4.62
C THR D 160 -12.97 -29.10 5.59
N ALA D 161 -13.76 -28.18 6.14
CA ALA D 161 -14.97 -28.53 6.91
C ALA D 161 -16.06 -29.15 6.02
N GLU D 162 -16.13 -28.72 4.75
CA GLU D 162 -17.04 -29.31 3.76
C GLU D 162 -16.64 -30.73 3.38
N ASN D 163 -15.33 -30.99 3.36
CA ASN D 163 -14.82 -32.34 3.04
C ASN D 163 -15.09 -33.34 4.16
N VAL D 164 -15.10 -32.88 5.41
CA VAL D 164 -15.45 -33.72 6.56
C VAL D 164 -16.96 -33.95 6.64
N ALA D 165 -17.74 -32.92 6.30
CA ALA D 165 -19.21 -32.99 6.30
C ALA D 165 -19.73 -34.02 5.28
N LYS D 166 -19.18 -33.97 4.06
CA LYS D 166 -19.58 -34.89 2.98
C LYS D 166 -19.06 -36.31 3.20
N GLN D 167 -17.87 -36.45 3.79
CA GLN D 167 -17.29 -37.77 4.06
C GLN D 167 -18.02 -38.47 5.20
N TRP D 168 -18.33 -37.73 6.26
CA TRP D 168 -19.10 -38.24 7.39
C TRP D 168 -20.61 -38.02 7.23
N GLN D 169 -21.03 -37.59 6.04
CA GLN D 169 -22.44 -37.39 5.69
C GLN D 169 -23.25 -36.71 6.80
N LEU D 170 -22.74 -35.57 7.25
CA LEU D 170 -23.37 -34.76 8.30
C LEU D 170 -24.23 -33.67 7.64
N SER D 171 -25.55 -33.78 7.82
CA SER D 171 -26.50 -32.88 7.16
C SER D 171 -26.45 -31.46 7.72
N ARG D 172 -27.02 -30.52 6.96
CA ARG D 172 -27.14 -29.12 7.38
C ARG D 172 -27.89 -28.95 8.71
N ASP D 173 -28.90 -29.78 8.92
CA ASP D 173 -29.72 -29.73 10.14
C ASP D 173 -28.96 -30.20 11.39
N GLU D 174 -28.12 -31.22 11.23
CA GLU D 174 -27.31 -31.73 12.35
C GLU D 174 -26.30 -30.70 12.85
N GLN D 175 -25.64 -30.01 11.91
CA GLN D 175 -24.63 -29.00 12.23
C GLN D 175 -25.22 -27.77 12.93
N ASP D 176 -26.38 -27.31 12.44
CA ASP D 176 -27.08 -26.18 13.04
C ASP D 176 -27.49 -26.48 14.48
N ALA D 177 -28.03 -27.68 14.69
CA ALA D 177 -28.43 -28.13 16.04
C ALA D 177 -27.26 -28.05 17.01
N PHE D 178 -26.10 -28.58 16.59
CA PHE D 178 -24.86 -28.49 17.36
C PHE D 178 -24.42 -27.04 17.57
N ALA D 179 -24.65 -26.20 16.56
CA ALA D 179 -24.31 -24.77 16.63
C ALA D 179 -25.13 -24.04 17.68
N VAL D 180 -26.44 -24.27 17.69
CA VAL D 180 -27.35 -23.67 18.68
C VAL D 180 -27.06 -24.20 20.10
N ALA D 181 -26.77 -25.50 20.20
CA ALA D 181 -26.46 -26.14 21.49
C ALA D 181 -25.20 -25.57 22.15
N SER D 182 -24.20 -25.24 21.34
CA SER D 182 -23.00 -24.58 21.84
C SER D 182 -23.32 -23.17 22.35
N GLN D 183 -24.12 -22.43 21.59
CA GLN D 183 -24.55 -21.08 21.98
C GLN D 183 -25.34 -21.12 23.28
N ASN D 184 -26.31 -22.04 23.36
CA ASN D 184 -27.19 -22.18 24.53
C ASN D 184 -26.45 -22.60 25.79
N LYS D 185 -25.56 -23.59 25.67
CA LYS D 185 -24.71 -24.02 26.79
C LYS D 185 -23.82 -22.88 27.28
N ALA D 186 -23.25 -22.13 26.35
CA ALA D 186 -22.33 -21.02 26.66
C ALA D 186 -23.04 -19.82 27.31
N GLU D 187 -24.28 -19.53 26.88
CA GLU D 187 -25.09 -18.49 27.54
C GLU D 187 -25.45 -18.88 28.97
N ALA D 188 -25.78 -20.16 29.17
CA ALA D 188 -26.12 -20.68 30.50
C ALA D 188 -24.93 -20.59 31.46
N ALA D 189 -23.77 -21.05 31.00
CA ALA D 189 -22.54 -20.94 31.78
C ALA D 189 -22.16 -19.48 32.05
N GLN D 190 -22.44 -18.59 31.10
CA GLN D 190 -22.14 -17.17 31.27
C GLN D 190 -23.02 -16.54 32.33
N LYS D 191 -24.33 -16.69 32.17
CA LYS D 191 -25.29 -16.18 33.14
C LYS D 191 -25.06 -16.76 34.54
N ASP D 192 -24.73 -18.05 34.61
CA ASP D 192 -24.47 -18.72 35.90
C ASP D 192 -23.14 -18.32 36.55
N GLY D 193 -22.30 -17.58 35.82
CA GLY D 193 -21.02 -17.12 36.34
C GLY D 193 -19.92 -18.17 36.27
N ARG D 194 -20.14 -19.23 35.49
CA ARG D 194 -19.16 -20.32 35.37
C ARG D 194 -17.87 -19.93 34.64
N PHE D 195 -17.90 -18.81 33.90
CA PHE D 195 -16.70 -18.28 33.25
C PHE D 195 -15.97 -17.25 34.12
N LYS D 196 -16.52 -16.92 35.28
CA LYS D 196 -15.95 -15.87 36.14
C LYS D 196 -14.55 -16.23 36.66
N ASP D 197 -14.40 -17.45 37.15
CA ASP D 197 -13.11 -17.92 37.68
C ASP D 197 -12.00 -17.78 36.64
N GLU D 198 -12.14 -18.45 35.49
CA GLU D 198 -11.09 -18.48 34.47
C GLU D 198 -10.79 -17.12 33.84
N ILE D 199 -11.84 -16.33 33.58
CA ILE D 199 -11.66 -15.01 32.99
C ILE D 199 -10.99 -14.06 33.99
N VAL D 200 -9.94 -13.37 33.53
CA VAL D 200 -9.37 -12.24 34.27
C VAL D 200 -9.73 -10.96 33.51
N PRO D 201 -10.29 -9.95 34.21
CA PRO D 201 -10.65 -8.71 33.52
C PRO D 201 -9.45 -8.08 32.80
N PHE D 202 -9.72 -7.47 31.65
CA PHE D 202 -8.71 -6.75 30.90
C PHE D 202 -9.12 -5.31 30.68
N ILE D 203 -8.29 -4.38 31.16
CA ILE D 203 -8.59 -2.96 31.05
C ILE D 203 -8.14 -2.48 29.67
N VAL D 204 -9.12 -2.18 28.82
CA VAL D 204 -8.84 -1.57 27.52
C VAL D 204 -8.47 -0.10 27.74
N LYS D 205 -7.18 0.22 27.59
CA LYS D 205 -6.68 1.58 27.81
C LYS D 205 -7.21 2.49 26.71
N GLY D 206 -8.11 3.41 27.07
CA GLY D 206 -8.72 4.32 26.10
C GLY D 206 -8.13 5.72 26.13
N ARG D 207 -8.94 6.69 25.72
CA ARG D 207 -8.57 8.11 25.75
C ARG D 207 -9.67 8.94 26.42
N LYS D 208 -10.93 8.71 26.01
CA LYS D 208 -12.08 9.32 26.68
C LYS D 208 -12.80 8.31 27.58
N GLY D 209 -12.03 7.50 28.30
CA GLY D 209 -12.56 6.49 29.21
C GLY D 209 -12.02 5.10 28.92
N ASP D 210 -11.50 4.44 29.95
CA ASP D 210 -11.07 3.05 29.86
C ASP D 210 -12.31 2.15 29.86
N ILE D 211 -12.10 0.87 29.57
CA ILE D 211 -13.20 -0.10 29.52
C ILE D 211 -12.73 -1.46 30.06
N THR D 212 -13.36 -1.93 31.13
CA THR D 212 -13.08 -3.27 31.64
C THR D 212 -13.86 -4.26 30.79
N VAL D 213 -13.13 -5.21 30.20
CA VAL D 213 -13.74 -6.33 29.49
C VAL D 213 -13.52 -7.61 30.31
N ASP D 214 -14.60 -8.13 30.89
CA ASP D 214 -14.57 -9.41 31.60
C ASP D 214 -15.72 -10.33 31.20
N ALA D 215 -16.32 -10.05 30.03
CA ALA D 215 -17.37 -10.89 29.45
C ALA D 215 -17.01 -11.22 28.00
N ASP D 216 -17.22 -12.47 27.61
CA ASP D 216 -17.04 -12.91 26.23
C ASP D 216 -18.16 -12.35 25.35
N GLU D 217 -17.82 -11.37 24.51
CA GLU D 217 -18.82 -10.60 23.77
C GLU D 217 -19.30 -11.25 22.48
N TYR D 218 -18.71 -12.38 22.12
CA TYR D 218 -19.08 -13.13 20.91
C TYR D 218 -20.24 -14.10 21.15
N ILE D 219 -20.49 -14.45 22.43
CA ILE D 219 -21.61 -15.34 22.80
C ILE D 219 -22.96 -14.70 22.48
N ARG D 220 -23.69 -15.28 21.53
CA ARG D 220 -25.03 -14.78 21.19
C ARG D 220 -26.03 -15.25 22.23
N HIS D 221 -26.97 -14.36 22.58
CA HIS D 221 -27.97 -14.62 23.61
C HIS D 221 -29.34 -14.92 22.99
N GLY D 222 -29.90 -16.08 23.33
CA GLY D 222 -31.20 -16.52 22.80
C GLY D 222 -31.11 -17.00 21.36
N ALA D 223 -30.08 -17.78 21.06
CA ALA D 223 -29.85 -18.29 19.71
C ALA D 223 -30.94 -19.28 19.29
N THR D 224 -31.65 -18.95 18.21
CA THR D 224 -32.71 -19.80 17.68
C THR D 224 -32.19 -20.70 16.56
N LEU D 225 -32.93 -21.77 16.28
CA LEU D 225 -32.61 -22.65 15.16
C LEU D 225 -32.99 -22.01 13.82
N ASP D 226 -33.96 -21.09 13.83
CA ASP D 226 -34.47 -20.43 12.61
C ASP D 226 -33.46 -19.48 11.94
N SER D 227 -32.71 -18.73 12.75
CA SER D 227 -31.68 -17.83 12.23
C SER D 227 -30.43 -18.61 11.82
N MET D 228 -30.31 -19.83 12.34
CA MET D 228 -29.24 -20.74 11.95
C MET D 228 -29.51 -21.36 10.58
N ALA D 229 -30.78 -21.66 10.29
CA ALA D 229 -31.17 -22.33 9.03
C ALA D 229 -31.44 -21.39 7.85
N LYS D 230 -31.37 -20.07 8.09
CA LYS D 230 -31.60 -19.07 7.04
C LYS D 230 -30.31 -18.54 6.40
N LEU D 231 -29.19 -18.62 7.11
CA LEU D 231 -27.88 -18.19 6.58
C LEU D 231 -27.47 -18.98 5.34
N ARG D 232 -26.98 -18.29 4.32
CA ARG D 232 -26.45 -18.97 3.13
C ARG D 232 -25.05 -19.52 3.45
N PRO D 233 -24.62 -20.57 2.71
CA PRO D 233 -23.29 -21.14 2.91
C PRO D 233 -22.16 -20.13 2.74
N ALA D 234 -21.19 -20.15 3.67
CA ALA D 234 -20.11 -19.18 3.68
C ALA D 234 -19.04 -19.48 2.63
N PHE D 235 -18.82 -20.76 2.33
CA PHE D 235 -17.69 -21.18 1.48
C PHE D 235 -18.14 -21.83 0.16
N ASP D 236 -18.70 -23.03 0.23
CA ASP D 236 -19.26 -23.70 -0.95
C ASP D 236 -20.70 -23.25 -1.14
N LYS D 237 -20.96 -22.49 -2.21
CA LYS D 237 -22.27 -21.85 -2.43
C LYS D 237 -23.45 -22.80 -2.61
N GLU D 238 -23.17 -24.10 -2.75
CA GLU D 238 -24.19 -25.14 -2.71
C GLU D 238 -23.80 -26.19 -1.66
N GLY D 239 -23.21 -25.73 -0.55
CA GLY D 239 -22.66 -26.59 0.49
C GLY D 239 -23.50 -26.63 1.75
N THR D 240 -22.83 -26.79 2.89
CA THR D 240 -23.50 -26.97 4.18
C THR D 240 -22.95 -26.11 5.33
N VAL D 241 -21.68 -25.72 5.29
CA VAL D 241 -21.06 -24.91 6.35
C VAL D 241 -21.37 -23.42 6.16
N THR D 242 -21.68 -22.74 7.27
CA THR D 242 -22.09 -21.34 7.26
C THR D 242 -21.31 -20.55 8.32
N ALA D 243 -21.56 -19.24 8.38
CA ALA D 243 -20.99 -18.39 9.43
C ALA D 243 -21.56 -18.74 10.79
N GLY D 244 -22.78 -19.29 10.81
CA GLY D 244 -23.44 -19.70 12.04
C GLY D 244 -22.83 -20.93 12.68
N ASN D 245 -22.58 -21.96 11.87
CA ASN D 245 -22.03 -23.24 12.37
C ASN D 245 -20.50 -23.31 12.30
N ALA D 246 -19.86 -22.24 11.82
CA ALA D 246 -18.41 -22.12 11.87
C ALA D 246 -18.01 -21.20 13.02
N SER D 247 -16.73 -21.27 13.40
CA SER D 247 -16.17 -20.38 14.40
C SER D 247 -15.89 -19.01 13.79
N GLY D 248 -15.68 -18.04 14.67
CA GLY D 248 -15.47 -16.67 14.25
C GLY D 248 -14.01 -16.26 14.23
N LEU D 249 -13.80 -14.97 14.02
CA LEU D 249 -12.50 -14.35 14.09
C LEU D 249 -12.50 -13.58 15.39
N ASN D 250 -11.53 -13.85 16.26
CA ASN D 250 -11.59 -13.34 17.63
C ASN D 250 -10.22 -13.02 18.23
N ASP D 251 -10.23 -12.12 19.22
CA ASP D 251 -9.03 -11.77 19.96
C ASP D 251 -9.12 -12.38 21.35
N GLY D 252 -7.96 -12.56 21.97
CA GLY D 252 -7.88 -13.08 23.33
C GLY D 252 -6.51 -13.62 23.68
N ALA D 253 -6.36 -14.02 24.94
CA ALA D 253 -5.15 -14.70 25.40
C ALA D 253 -5.49 -15.63 26.55
N ALA D 254 -4.67 -16.66 26.72
CA ALA D 254 -4.89 -17.67 27.76
C ALA D 254 -3.57 -18.31 28.15
N ALA D 255 -3.40 -18.61 29.45
CA ALA D 255 -2.15 -19.14 29.95
C ALA D 255 -2.31 -20.04 31.16
N ALA D 256 -1.24 -20.80 31.44
CA ALA D 256 -1.13 -21.62 32.63
C ALA D 256 0.23 -21.39 33.26
N LEU D 257 0.35 -21.69 34.55
CA LEU D 257 1.64 -21.64 35.23
C LEU D 257 2.04 -23.06 35.62
N LEU D 258 3.13 -23.55 35.02
CA LEU D 258 3.60 -24.93 35.22
C LEU D 258 4.80 -25.04 36.16
N MET D 259 4.78 -26.06 37.00
CA MET D 259 5.90 -26.39 37.89
C MET D 259 5.80 -27.87 38.29
N SER D 260 6.82 -28.40 38.96
CA SER D 260 6.79 -29.81 39.38
C SER D 260 5.77 -30.03 40.50
N GLU D 261 5.29 -31.27 40.64
CA GLU D 261 4.30 -31.61 41.66
C GLU D 261 4.86 -31.41 43.06
N ALA D 262 6.16 -31.66 43.22
CA ALA D 262 6.85 -31.43 44.48
C ALA D 262 7.02 -29.95 44.78
N GLU D 263 7.27 -29.13 43.74
CA GLU D 263 7.44 -27.67 43.88
C GLU D 263 6.12 -26.99 44.27
N ALA D 264 5.03 -27.40 43.65
CA ALA D 264 3.70 -26.89 44.01
C ALA D 264 3.33 -27.28 45.45
N SER D 265 3.81 -28.43 45.91
CA SER D 265 3.64 -28.86 47.30
C SER D 265 4.49 -28.03 48.29
N ARG D 266 5.70 -27.66 47.87
CA ARG D 266 6.60 -26.79 48.66
C ARG D 266 6.01 -25.41 48.88
N ARG D 267 5.31 -24.91 47.87
CA ARG D 267 4.80 -23.54 47.88
C ARG D 267 3.40 -23.40 48.44
N GLY D 268 2.82 -24.51 48.91
CA GLY D 268 1.46 -24.50 49.46
C GLY D 268 0.39 -24.21 48.42
N ILE D 269 0.68 -24.56 47.16
CA ILE D 269 -0.24 -24.34 46.06
C ILE D 269 -1.01 -25.64 45.73
N GLN D 270 -2.33 -25.56 45.73
CA GLN D 270 -3.17 -26.71 45.35
C GLN D 270 -3.47 -26.58 43.86
N PRO D 271 -2.83 -27.42 43.02
CA PRO D 271 -2.90 -27.15 41.58
C PRO D 271 -4.28 -27.37 40.95
N LEU D 272 -4.47 -26.77 39.78
CA LEU D 272 -5.65 -27.02 38.94
C LEU D 272 -5.69 -28.45 38.41
N GLY D 273 -4.51 -29.02 38.15
CA GLY D 273 -4.41 -30.40 37.64
C GLY D 273 -3.01 -30.84 37.30
N ARG D 274 -2.86 -32.15 37.08
CA ARG D 274 -1.59 -32.76 36.71
C ARG D 274 -1.62 -33.21 35.25
N ILE D 275 -0.65 -32.76 34.45
CA ILE D 275 -0.55 -33.15 33.05
C ILE D 275 -0.02 -34.58 32.98
N VAL D 276 -0.90 -35.54 32.69
CA VAL D 276 -0.52 -36.97 32.68
C VAL D 276 0.05 -37.42 31.34
N SER D 277 -0.40 -36.81 30.25
CA SER D 277 0.19 -37.04 28.92
C SER D 277 -0.19 -35.94 27.92
N TRP D 278 0.40 -36.04 26.72
CA TRP D 278 -0.04 -35.25 25.58
C TRP D 278 0.31 -36.01 24.31
N ALA D 279 -0.04 -35.44 23.18
CA ALA D 279 0.31 -36.04 21.90
C ALA D 279 -0.05 -35.08 20.77
N THR D 280 0.73 -35.14 19.69
CA THR D 280 0.41 -34.43 18.47
C THR D 280 0.66 -35.36 17.28
N VAL D 281 -0.31 -35.39 16.36
CA VAL D 281 -0.31 -36.31 15.23
C VAL D 281 -0.77 -35.58 13.97
N GLY D 282 -0.46 -36.15 12.80
CA GLY D 282 -0.91 -35.61 11.53
C GLY D 282 -1.99 -36.43 10.85
N VAL D 283 -2.69 -35.77 9.92
CA VAL D 283 -3.66 -36.40 9.02
C VAL D 283 -3.63 -35.67 7.68
N ASP D 284 -4.46 -36.09 6.74
CA ASP D 284 -4.63 -35.40 5.47
C ASP D 284 -5.10 -33.96 5.70
N PRO D 285 -4.39 -32.96 5.13
CA PRO D 285 -4.84 -31.55 5.21
C PRO D 285 -6.24 -31.25 4.63
N LYS D 286 -6.73 -32.09 3.70
CA LYS D 286 -8.08 -31.94 3.14
C LYS D 286 -9.17 -32.13 4.20
N VAL D 287 -8.93 -33.05 5.13
CA VAL D 287 -9.86 -33.35 6.21
C VAL D 287 -9.21 -33.00 7.56
N MET D 288 -8.72 -31.76 7.66
CA MET D 288 -7.96 -31.29 8.83
C MET D 288 -8.75 -31.34 10.14
N GLY D 289 -10.08 -31.23 10.05
CA GLY D 289 -10.94 -31.26 11.22
C GLY D 289 -10.86 -32.54 12.05
N THR D 290 -10.45 -33.64 11.43
CA THR D 290 -10.36 -34.94 12.09
C THR D 290 -9.11 -35.10 12.97
N GLY D 291 -8.32 -34.03 13.10
CA GLY D 291 -7.08 -34.04 13.89
C GLY D 291 -7.18 -34.60 15.31
N PRO D 292 -8.22 -34.17 16.07
CA PRO D 292 -8.48 -34.67 17.42
C PRO D 292 -8.71 -36.18 17.58
N ILE D 293 -9.07 -36.88 16.50
CA ILE D 293 -9.35 -38.33 16.58
C ILE D 293 -8.09 -39.17 16.89
N PRO D 294 -7.05 -39.13 16.02
CA PRO D 294 -5.81 -39.85 16.35
C PRO D 294 -5.02 -39.23 17.51
N ALA D 295 -5.05 -37.90 17.63
CA ALA D 295 -4.29 -37.17 18.66
C ALA D 295 -4.76 -37.42 20.10
N SER D 296 -6.08 -37.48 20.30
CA SER D 296 -6.64 -37.86 21.61
C SER D 296 -6.42 -39.35 21.90
N ARG D 297 -6.61 -40.18 20.88
CA ARG D 297 -6.34 -41.63 21.00
C ARG D 297 -4.91 -41.93 21.42
N LYS D 298 -3.97 -41.17 20.87
CA LYS D 298 -2.55 -41.29 21.21
C LYS D 298 -2.36 -40.85 22.67
N ALA D 299 -2.86 -39.64 22.96
CA ALA D 299 -2.79 -39.07 24.30
C ALA D 299 -3.35 -40.03 25.34
N LEU D 300 -4.54 -40.58 25.07
CA LEU D 300 -5.16 -41.57 25.96
C LEU D 300 -4.31 -42.84 26.11
N GLU D 301 -3.61 -43.22 25.04
CA GLU D 301 -2.74 -44.39 25.06
C GLU D 301 -1.51 -44.13 25.94
N ARG D 302 -0.96 -42.93 25.84
CA ARG D 302 0.20 -42.55 26.65
C ARG D 302 -0.14 -42.43 28.15
N ALA D 303 -1.36 -41.98 28.44
CA ALA D 303 -1.84 -41.91 29.81
C ALA D 303 -2.32 -43.27 30.35
N GLY D 304 -2.46 -44.26 29.47
CA GLY D 304 -2.93 -45.59 29.86
C GLY D 304 -4.43 -45.66 30.06
N TRP D 305 -5.13 -44.60 29.64
CA TRP D 305 -6.58 -44.48 29.85
C TRP D 305 -7.37 -44.95 28.63
N LYS D 306 -8.60 -45.38 28.88
CA LYS D 306 -9.57 -45.64 27.83
C LYS D 306 -10.40 -44.38 27.64
N ILE D 307 -11.09 -44.26 26.50
CA ILE D 307 -11.91 -43.09 26.23
C ILE D 307 -13.01 -42.92 27.29
N GLY D 308 -13.58 -44.03 27.76
CA GLY D 308 -14.63 -43.99 28.76
C GLY D 308 -14.21 -43.38 30.09
N ASP D 309 -12.94 -43.53 30.46
CA ASP D 309 -12.44 -43.07 31.76
C ASP D 309 -12.58 -41.55 31.95
N LEU D 310 -12.62 -40.81 30.85
CA LEU D 310 -12.71 -39.35 30.89
C LEU D 310 -14.01 -38.88 31.56
N ASP D 311 -13.88 -37.88 32.45
CA ASP D 311 -15.02 -37.29 33.16
C ASP D 311 -15.46 -35.97 32.51
N LEU D 312 -14.54 -35.34 31.78
CA LEU D 312 -14.83 -34.09 31.10
C LEU D 312 -13.93 -33.95 29.87
N VAL D 313 -14.47 -33.37 28.80
CA VAL D 313 -13.71 -33.19 27.56
C VAL D 313 -13.99 -31.83 26.93
N GLU D 314 -12.92 -31.19 26.44
CA GLU D 314 -13.03 -29.97 25.65
C GLU D 314 -12.51 -30.25 24.24
N ALA D 315 -13.42 -30.45 23.30
CA ALA D 315 -13.07 -30.64 21.89
C ALA D 315 -13.34 -29.34 21.13
N ASN D 316 -12.27 -28.71 20.64
CA ASN D 316 -12.37 -27.39 20.03
C ASN D 316 -13.26 -27.35 18.80
N GLU D 317 -14.33 -26.56 18.88
CA GLU D 317 -15.30 -26.44 17.80
C GLU D 317 -14.80 -25.43 16.77
N ALA D 318 -13.93 -25.87 15.87
CA ALA D 318 -13.50 -25.04 14.73
C ALA D 318 -14.65 -24.92 13.73
N PHE D 319 -15.34 -26.04 13.50
CA PHE D 319 -16.56 -26.10 12.69
C PHE D 319 -17.51 -27.15 13.28
N ALA D 320 -18.81 -27.01 12.99
CA ALA D 320 -19.82 -27.97 13.44
C ALA D 320 -19.69 -29.32 12.72
N ALA D 321 -19.22 -29.27 11.47
CA ALA D 321 -18.97 -30.49 10.70
C ALA D 321 -17.88 -31.35 11.34
N GLN D 322 -16.75 -30.75 11.68
CA GLN D 322 -15.63 -31.47 12.31
C GLN D 322 -15.89 -31.84 13.77
N ALA D 323 -16.60 -30.98 14.50
CA ALA D 323 -16.92 -31.20 15.91
C ALA D 323 -17.83 -32.42 16.10
N CYS D 324 -18.76 -32.62 15.17
CA CYS D 324 -19.62 -33.81 15.17
C CYS D 324 -18.83 -35.06 14.78
N ALA D 325 -17.91 -34.91 13.82
CA ALA D 325 -17.10 -36.03 13.32
C ALA D 325 -16.20 -36.63 14.40
N VAL D 326 -15.52 -35.77 15.14
CA VAL D 326 -14.65 -36.20 16.23
C VAL D 326 -15.44 -36.93 17.32
N ASN D 327 -16.58 -36.35 17.70
CA ASN D 327 -17.49 -36.95 18.69
C ASN D 327 -18.06 -38.31 18.24
N LYS D 328 -18.34 -38.40 16.94
CA LYS D 328 -18.91 -39.62 16.35
C LYS D 328 -17.87 -40.75 16.22
N ASP D 329 -16.63 -40.38 15.88
CA ASP D 329 -15.53 -41.35 15.73
C ASP D 329 -15.08 -41.89 17.10
N LEU D 330 -14.73 -40.98 18.01
CA LEU D 330 -14.19 -41.34 19.32
C LEU D 330 -15.26 -41.95 20.25
N GLY D 331 -16.49 -41.47 20.13
CA GLY D 331 -17.65 -42.10 20.76
C GLY D 331 -17.85 -41.81 22.24
N TRP D 332 -17.16 -40.79 22.76
CA TRP D 332 -17.34 -40.38 24.15
C TRP D 332 -18.74 -39.78 24.37
N ASP D 333 -19.22 -39.83 25.61
CA ASP D 333 -20.55 -39.34 25.98
C ASP D 333 -20.64 -37.85 25.67
N PRO D 334 -21.55 -37.46 24.75
CA PRO D 334 -21.57 -36.04 24.33
C PRO D 334 -22.01 -35.04 25.42
N SER D 335 -22.59 -35.53 26.51
CA SER D 335 -23.02 -34.66 27.61
C SER D 335 -21.85 -34.09 28.44
N ILE D 336 -20.68 -34.71 28.35
CA ILE D 336 -19.46 -34.21 29.03
C ILE D 336 -18.48 -33.50 28.06
N VAL D 337 -18.93 -33.22 26.84
CA VAL D 337 -18.08 -32.55 25.85
C VAL D 337 -18.53 -31.12 25.60
N ASN D 338 -17.65 -30.16 25.90
CA ASN D 338 -17.95 -28.74 25.77
C ASN D 338 -19.19 -28.36 26.58
N VAL D 339 -19.22 -28.84 27.83
CA VAL D 339 -20.35 -28.63 28.74
C VAL D 339 -20.73 -27.16 28.88
N ASN D 340 -19.73 -26.28 28.96
CA ASN D 340 -19.98 -24.84 29.03
C ASN D 340 -20.00 -24.17 27.64
N GLY D 341 -20.30 -24.94 26.59
CA GLY D 341 -20.27 -24.42 25.23
C GLY D 341 -18.87 -24.48 24.64
N GLY D 342 -18.70 -23.90 23.45
CA GLY D 342 -17.43 -23.99 22.73
C GLY D 342 -17.15 -22.82 21.80
N ALA D 343 -16.25 -23.06 20.84
CA ALA D 343 -15.65 -21.99 20.03
C ALA D 343 -16.61 -21.31 19.05
N ILE D 344 -17.63 -22.04 18.61
CA ILE D 344 -18.68 -21.46 17.75
C ILE D 344 -19.29 -20.27 18.47
N ALA D 345 -19.59 -20.44 19.76
CA ALA D 345 -20.22 -19.42 20.59
C ALA D 345 -19.21 -18.50 21.26
N ILE D 346 -18.15 -19.09 21.82
CA ILE D 346 -17.16 -18.33 22.60
C ILE D 346 -16.25 -17.51 21.68
N GLY D 347 -15.78 -18.15 20.60
CA GLY D 347 -14.82 -17.55 19.68
C GLY D 347 -13.61 -18.43 19.46
N HIS D 348 -12.80 -18.10 18.46
CA HIS D 348 -11.61 -18.89 18.14
C HIS D 348 -10.41 -18.00 17.87
N PRO D 349 -9.75 -17.53 18.94
CA PRO D 349 -8.49 -16.82 18.79
C PRO D 349 -7.35 -17.81 18.53
N ILE D 350 -6.99 -17.93 17.25
CA ILE D 350 -6.12 -19.02 16.76
C ILE D 350 -5.05 -19.46 17.76
N GLY D 351 -4.08 -18.58 18.01
CA GLY D 351 -2.94 -18.90 18.85
C GLY D 351 -3.30 -19.19 20.30
N ALA D 352 -4.33 -18.50 20.80
CA ALA D 352 -4.74 -18.61 22.20
C ALA D 352 -5.76 -19.72 22.43
N SER D 353 -6.36 -20.25 21.35
CA SER D 353 -7.50 -21.18 21.46
C SER D 353 -7.22 -22.46 22.25
N GLY D 354 -6.03 -23.02 22.06
CA GLY D 354 -5.62 -24.22 22.79
C GLY D 354 -5.44 -23.95 24.28
N ALA D 355 -4.96 -22.75 24.62
CA ALA D 355 -4.85 -22.33 26.01
C ALA D 355 -6.22 -21.89 26.53
N ARG D 356 -7.06 -21.40 25.62
CA ARG D 356 -8.42 -21.02 25.96
C ARG D 356 -9.20 -22.23 26.47
N ILE D 357 -9.23 -23.30 25.67
CA ILE D 357 -10.02 -24.49 26.03
C ILE D 357 -9.46 -25.24 27.25
N LEU D 358 -8.16 -25.12 27.47
CA LEU D 358 -7.52 -25.72 28.64
C LEU D 358 -8.10 -25.10 29.91
N ASN D 359 -8.26 -23.77 29.92
CA ASN D 359 -8.77 -23.06 31.08
C ASN D 359 -10.20 -23.46 31.45
N THR D 360 -11.07 -23.54 30.45
CA THR D 360 -12.44 -24.00 30.65
C THR D 360 -12.48 -25.42 31.25
N LEU D 361 -11.66 -26.32 30.70
CA LEU D 361 -11.57 -27.71 31.17
C LEU D 361 -11.17 -27.73 32.63
N LEU D 362 -10.08 -27.03 32.95
CA LEU D 362 -9.47 -27.05 34.29
C LEU D 362 -10.42 -26.51 35.37
N PHE D 363 -11.06 -25.39 35.09
CA PHE D 363 -11.93 -24.75 36.07
C PHE D 363 -13.27 -25.45 36.24
N GLU D 364 -13.73 -26.15 35.20
CA GLU D 364 -14.93 -26.99 35.34
C GLU D 364 -14.60 -28.29 36.07
N MET D 365 -13.44 -28.88 35.77
CA MET D 365 -12.96 -30.09 36.48
C MET D 365 -12.89 -29.83 37.99
N LYS D 366 -12.40 -28.65 38.35
CA LYS D 366 -12.32 -28.22 39.74
C LYS D 366 -13.72 -27.97 40.33
N ARG D 367 -14.59 -27.34 39.54
CA ARG D 367 -15.94 -26.96 40.01
C ARG D 367 -16.90 -28.14 40.22
N ARG D 368 -16.87 -29.14 39.34
CA ARG D 368 -17.76 -30.31 39.47
C ARG D 368 -17.07 -31.55 40.06
N GLY D 369 -15.76 -31.47 40.26
CA GLY D 369 -14.99 -32.57 40.84
C GLY D 369 -14.70 -33.68 39.85
N ALA D 370 -14.34 -33.32 38.63
CA ALA D 370 -13.95 -34.29 37.61
C ALA D 370 -12.49 -34.69 37.83
N ARG D 371 -12.23 -36.00 37.91
CA ARG D 371 -10.89 -36.51 38.14
C ARG D 371 -10.06 -36.40 36.85
N LYS D 372 -10.52 -37.07 35.81
CA LYS D 372 -9.80 -37.14 34.54
C LYS D 372 -10.46 -36.25 33.50
N GLY D 373 -9.63 -35.60 32.69
CA GLY D 373 -10.11 -34.71 31.63
C GLY D 373 -9.17 -34.71 30.45
N LEU D 374 -9.67 -34.25 29.31
CA LEU D 374 -8.88 -34.21 28.08
C LEU D 374 -9.24 -32.97 27.27
N ALA D 375 -8.23 -32.33 26.70
CA ALA D 375 -8.43 -31.20 25.80
C ALA D 375 -7.86 -31.57 24.45
N THR D 376 -8.41 -31.00 23.38
CA THR D 376 -7.93 -31.28 22.03
C THR D 376 -8.45 -30.27 21.00
N LEU D 377 -7.60 -29.95 20.02
CA LEU D 377 -7.96 -29.03 18.92
C LEU D 377 -7.56 -29.63 17.57
N CYS D 378 -8.32 -29.30 16.52
CA CYS D 378 -7.92 -29.61 15.15
C CYS D 378 -7.03 -28.48 14.63
N ILE D 379 -6.00 -28.84 13.85
CA ILE D 379 -5.00 -27.88 13.41
C ILE D 379 -4.99 -27.77 11.88
N GLY D 380 -4.96 -26.54 11.38
CA GLY D 380 -4.86 -26.28 9.94
C GLY D 380 -3.57 -26.83 9.37
N GLY D 381 -3.58 -27.12 8.07
CA GLY D 381 -2.48 -27.85 7.45
C GLY D 381 -2.56 -29.36 7.65
N GLY D 382 -3.48 -29.83 8.52
CA GLY D 382 -3.75 -31.26 8.72
C GLY D 382 -3.04 -31.93 9.89
N MET D 383 -3.33 -31.48 11.10
CA MET D 383 -2.74 -32.05 12.31
C MET D 383 -3.71 -31.95 13.46
N GLY D 384 -3.39 -32.63 14.56
CA GLY D 384 -4.19 -32.56 15.79
C GLY D 384 -3.36 -32.77 17.05
N VAL D 385 -3.63 -31.95 18.07
CA VAL D 385 -2.94 -32.02 19.36
C VAL D 385 -3.91 -32.42 20.47
N ALA D 386 -3.42 -33.11 21.50
CA ALA D 386 -4.25 -33.51 22.63
C ALA D 386 -3.43 -33.61 23.90
N MET D 387 -4.04 -33.21 25.02
CA MET D 387 -3.42 -33.28 26.33
C MET D 387 -4.41 -33.87 27.36
N CYS D 388 -3.90 -34.77 28.21
CA CYS D 388 -4.71 -35.40 29.25
C CYS D 388 -4.35 -34.81 30.62
N ILE D 389 -5.36 -34.34 31.34
CA ILE D 389 -5.18 -33.74 32.66
C ILE D 389 -5.94 -34.51 33.75
N GLU D 390 -5.21 -34.89 34.81
CA GLU D 390 -5.80 -35.52 35.99
C GLU D 390 -5.64 -34.59 37.18
N SER D 391 -6.68 -34.44 37.99
CA SER D 391 -6.62 -33.55 39.15
C SER D 391 -5.99 -34.29 40.33
N LEU D 392 -5.42 -33.53 41.26
CA LEU D 392 -4.77 -34.10 42.44
C LEU D 392 -5.71 -34.12 43.66
#